data_5ML2
# 
_entry.id   5ML2 
# 
_audit_conform.dict_name       mmcif_pdbx.dic 
_audit_conform.dict_version    5.383 
_audit_conform.dict_location   http://mmcif.pdb.org/dictionaries/ascii/mmcif_pdbx.dic 
# 
loop_
_database_2.database_id 
_database_2.database_code 
_database_2.pdbx_database_accession 
_database_2.pdbx_DOI 
PDB   5ML2         pdb_00005ml2 10.2210/pdb5ml2/pdb 
WWPDB D_1200002608 ?            ?                   
# 
loop_
_pdbx_audit_revision_history.ordinal 
_pdbx_audit_revision_history.data_content_type 
_pdbx_audit_revision_history.major_revision 
_pdbx_audit_revision_history.minor_revision 
_pdbx_audit_revision_history.revision_date 
1 'Structure model' 1 0 2017-02-01 
2 'Structure model' 1 1 2017-02-22 
3 'Structure model' 1 2 2024-01-17 
# 
_pdbx_audit_revision_details.ordinal             1 
_pdbx_audit_revision_details.revision_ordinal    1 
_pdbx_audit_revision_details.data_content_type   'Structure model' 
_pdbx_audit_revision_details.provider            repository 
_pdbx_audit_revision_details.type                'Initial release' 
_pdbx_audit_revision_details.description         ? 
_pdbx_audit_revision_details.details             ? 
# 
loop_
_pdbx_audit_revision_group.ordinal 
_pdbx_audit_revision_group.revision_ordinal 
_pdbx_audit_revision_group.data_content_type 
_pdbx_audit_revision_group.group 
1 2 'Structure model' 'Database references'        
2 3 'Structure model' 'Author supporting evidence' 
3 3 'Structure model' 'Data collection'            
4 3 'Structure model' 'Database references'        
5 3 'Structure model' 'Refinement description'     
# 
loop_
_pdbx_audit_revision_category.ordinal 
_pdbx_audit_revision_category.revision_ordinal 
_pdbx_audit_revision_category.data_content_type 
_pdbx_audit_revision_category.category 
1 3 'Structure model' chem_comp_atom                
2 3 'Structure model' chem_comp_bond                
3 3 'Structure model' database_2                    
4 3 'Structure model' pdbx_audit_support            
5 3 'Structure model' pdbx_initial_refinement_model 
# 
loop_
_pdbx_audit_revision_item.ordinal 
_pdbx_audit_revision_item.revision_ordinal 
_pdbx_audit_revision_item.data_content_type 
_pdbx_audit_revision_item.item 
1 3 'Structure model' '_database_2.pdbx_DOI'                     
2 3 'Structure model' '_database_2.pdbx_database_accession'      
3 3 'Structure model' '_pdbx_audit_support.funding_organization' 
# 
_pdbx_database_status.status_code                     REL 
_pdbx_database_status.status_code_sf                  REL 
_pdbx_database_status.status_code_mr                  ? 
_pdbx_database_status.entry_id                        5ML2 
_pdbx_database_status.recvd_initial_deposition_date   2016-12-06 
_pdbx_database_status.SG_entry                        N 
_pdbx_database_status.deposit_site                    PDBE 
_pdbx_database_status.process_site                    PDBE 
_pdbx_database_status.status_code_cs                  ? 
_pdbx_database_status.methods_development_category    ? 
_pdbx_database_status.pdb_format_compatible           Y 
_pdbx_database_status.status_code_nmr_data            ? 
# 
loop_
_audit_author.name 
_audit_author.pdbx_ordinal 
_audit_author.identifier_ORCID 
'Fansa, E.K.'      1 ? 
'Martin-Gago, P.'  2 ? 
'Waldmann, H.'     3 ? 
'Wittinghofer, A.' 4 ? 
# 
_citation.abstract                  ? 
_citation.abstract_id_CAS           ? 
_citation.book_id_ISBN              ? 
_citation.book_publisher            ? 
_citation.book_publisher_city       ? 
_citation.book_title                ? 
_citation.coordinate_linkage        ? 
_citation.country                   GE 
_citation.database_id_Medline       ? 
_citation.details                   ? 
_citation.id                        primary 
_citation.journal_abbrev            'Angew. Chem. Int. Ed. Engl.' 
_citation.journal_id_ASTM           ACIEAY 
_citation.journal_id_CSD            0179 
_citation.journal_id_ISSN           1521-3773 
_citation.journal_full              ? 
_citation.journal_issue             ? 
_citation.journal_volume            56 
_citation.language                  ? 
_citation.page_first                2423 
_citation.page_last                 2428 
_citation.title                     
;A PDE6 delta-KRas Inhibitor Chemotype with up to Seven H-Bonds and Picomolar Affinity that Prevents Efficient Inhibitor Release by Arl2.
;
_citation.year                      2017 
_citation.database_id_CSD           ? 
_citation.pdbx_database_id_DOI      10.1002/anie.201610957 
_citation.pdbx_database_id_PubMed   28106325 
_citation.unpublished_flag          ? 
# 
loop_
_citation_author.citation_id 
_citation_author.name 
_citation_author.ordinal 
_citation_author.identifier_ORCID 
primary 'Martin-Gago, P.'        1  ? 
primary 'Fansa, E.K.'            2  ? 
primary 'Klein, C.H.'            3  ? 
primary 'Murarka, S.'            4  ? 
primary 'Janning, P.'            5  ? 
primary 'Schurmann, M.'          6  ? 
primary 'Metz, M.'               7  ? 
primary 'Ismail, S.'             8  ? 
primary 'Schultz-Fademrecht, C.' 9  ? 
primary 'Baumann, M.'            10 ? 
primary 'Bastiaens, P.I.'        11 ? 
primary 'Wittinghofer, A.'       12 ? 
primary 'Waldmann, H.'           13 ? 
# 
loop_
_entity.id 
_entity.type 
_entity.src_method 
_entity.pdbx_description 
_entity.formula_weight 
_entity.pdbx_number_of_molecules 
_entity.pdbx_ec 
_entity.pdbx_mutation 
_entity.pdbx_fragment 
_entity.details 
1 polymer     man 
;Retinal rod rhodopsin-sensitive cGMP 3',5'-cyclic phosphodiesterase subunit delta
;
17309.793 1   ? ? ? ? 
2 non-polymer syn '~{N}1-[(4-chlorophenyl)methyl]-~{N}1-cyclopentyl-~{N}4-(phenylmethyl)benzene-1,4-disulfonamide' 519.076   1   ? 
? ? ? 
3 water       nat water                                                                                            18.015    131 ? 
? ? ? 
# 
_entity_name_com.entity_id   1 
_entity_name_com.name        'GMP-PDE delta,Protein p17' 
# 
_entity_poly.entity_id                      1 
_entity_poly.type                           'polypeptide(L)' 
_entity_poly.nstd_linkage                   no 
_entity_poly.nstd_monomer                   no 
_entity_poly.pdbx_seq_one_letter_code       
;SAKDERAREILRGFKLNWMNLRDAETGKILWQGTEDLSVPGVEHEARVPKKILKCKAVSRELNFSSTEQMEKFRLEQKVY
FKGQCLEEWFFEFGFVIPNSTNTWQSLIEAAPESQMMPASVLTGNVIIETKFFDDDLLVSTSRVRLFYV
;
_entity_poly.pdbx_seq_one_letter_code_can   
;SAKDERAREILRGFKLNWMNLRDAETGKILWQGTEDLSVPGVEHEARVPKKILKCKAVSRELNFSSTEQMEKFRLEQKVY
FKGQCLEEWFFEFGFVIPNSTNTWQSLIEAAPESQMMPASVLTGNVIIETKFFDDDLLVSTSRVRLFYV
;
_entity_poly.pdbx_strand_id                 B 
_entity_poly.pdbx_target_identifier         ? 
# 
loop_
_pdbx_entity_nonpoly.entity_id 
_pdbx_entity_nonpoly.name 
_pdbx_entity_nonpoly.comp_id 
2 '~{N}1-[(4-chlorophenyl)methyl]-~{N}1-cyclopentyl-~{N}4-(phenylmethyl)benzene-1,4-disulfonamide' NH6 
3 water                                                                                            HOH 
# 
loop_
_entity_poly_seq.entity_id 
_entity_poly_seq.num 
_entity_poly_seq.mon_id 
_entity_poly_seq.hetero 
1 1   SER n 
1 2   ALA n 
1 3   LYS n 
1 4   ASP n 
1 5   GLU n 
1 6   ARG n 
1 7   ALA n 
1 8   ARG n 
1 9   GLU n 
1 10  ILE n 
1 11  LEU n 
1 12  ARG n 
1 13  GLY n 
1 14  PHE n 
1 15  LYS n 
1 16  LEU n 
1 17  ASN n 
1 18  TRP n 
1 19  MET n 
1 20  ASN n 
1 21  LEU n 
1 22  ARG n 
1 23  ASP n 
1 24  ALA n 
1 25  GLU n 
1 26  THR n 
1 27  GLY n 
1 28  LYS n 
1 29  ILE n 
1 30  LEU n 
1 31  TRP n 
1 32  GLN n 
1 33  GLY n 
1 34  THR n 
1 35  GLU n 
1 36  ASP n 
1 37  LEU n 
1 38  SER n 
1 39  VAL n 
1 40  PRO n 
1 41  GLY n 
1 42  VAL n 
1 43  GLU n 
1 44  HIS n 
1 45  GLU n 
1 46  ALA n 
1 47  ARG n 
1 48  VAL n 
1 49  PRO n 
1 50  LYS n 
1 51  LYS n 
1 52  ILE n 
1 53  LEU n 
1 54  LYS n 
1 55  CYS n 
1 56  LYS n 
1 57  ALA n 
1 58  VAL n 
1 59  SER n 
1 60  ARG n 
1 61  GLU n 
1 62  LEU n 
1 63  ASN n 
1 64  PHE n 
1 65  SER n 
1 66  SER n 
1 67  THR n 
1 68  GLU n 
1 69  GLN n 
1 70  MET n 
1 71  GLU n 
1 72  LYS n 
1 73  PHE n 
1 74  ARG n 
1 75  LEU n 
1 76  GLU n 
1 77  GLN n 
1 78  LYS n 
1 79  VAL n 
1 80  TYR n 
1 81  PHE n 
1 82  LYS n 
1 83  GLY n 
1 84  GLN n 
1 85  CYS n 
1 86  LEU n 
1 87  GLU n 
1 88  GLU n 
1 89  TRP n 
1 90  PHE n 
1 91  PHE n 
1 92  GLU n 
1 93  PHE n 
1 94  GLY n 
1 95  PHE n 
1 96  VAL n 
1 97  ILE n 
1 98  PRO n 
1 99  ASN n 
1 100 SER n 
1 101 THR n 
1 102 ASN n 
1 103 THR n 
1 104 TRP n 
1 105 GLN n 
1 106 SER n 
1 107 LEU n 
1 108 ILE n 
1 109 GLU n 
1 110 ALA n 
1 111 ALA n 
1 112 PRO n 
1 113 GLU n 
1 114 SER n 
1 115 GLN n 
1 116 MET n 
1 117 MET n 
1 118 PRO n 
1 119 ALA n 
1 120 SER n 
1 121 VAL n 
1 122 LEU n 
1 123 THR n 
1 124 GLY n 
1 125 ASN n 
1 126 VAL n 
1 127 ILE n 
1 128 ILE n 
1 129 GLU n 
1 130 THR n 
1 131 LYS n 
1 132 PHE n 
1 133 PHE n 
1 134 ASP n 
1 135 ASP n 
1 136 ASP n 
1 137 LEU n 
1 138 LEU n 
1 139 VAL n 
1 140 SER n 
1 141 THR n 
1 142 SER n 
1 143 ARG n 
1 144 VAL n 
1 145 ARG n 
1 146 LEU n 
1 147 PHE n 
1 148 TYR n 
1 149 VAL n 
# 
_entity_src_gen.entity_id                          1 
_entity_src_gen.pdbx_src_id                        1 
_entity_src_gen.pdbx_alt_source_flag               sample 
_entity_src_gen.pdbx_seq_type                      'Biological sequence' 
_entity_src_gen.pdbx_beg_seq_num                   1 
_entity_src_gen.pdbx_end_seq_num                   149 
_entity_src_gen.gene_src_common_name               Human 
_entity_src_gen.gene_src_genus                     ? 
_entity_src_gen.pdbx_gene_src_gene                 'PDE6D, PDED' 
_entity_src_gen.gene_src_species                   ? 
_entity_src_gen.gene_src_strain                    ? 
_entity_src_gen.gene_src_tissue                    ? 
_entity_src_gen.gene_src_tissue_fraction           ? 
_entity_src_gen.gene_src_details                   ? 
_entity_src_gen.pdbx_gene_src_fragment             ? 
_entity_src_gen.pdbx_gene_src_scientific_name      'Homo sapiens' 
_entity_src_gen.pdbx_gene_src_ncbi_taxonomy_id     9606 
_entity_src_gen.pdbx_gene_src_variant              ? 
_entity_src_gen.pdbx_gene_src_cell_line            ? 
_entity_src_gen.pdbx_gene_src_atcc                 ? 
_entity_src_gen.pdbx_gene_src_organ                ? 
_entity_src_gen.pdbx_gene_src_organelle            ? 
_entity_src_gen.pdbx_gene_src_cell                 ? 
_entity_src_gen.pdbx_gene_src_cellular_location    ? 
_entity_src_gen.host_org_common_name               ? 
_entity_src_gen.pdbx_host_org_scientific_name      'Escherichia coli' 
_entity_src_gen.pdbx_host_org_ncbi_taxonomy_id     562 
_entity_src_gen.host_org_genus                     ? 
_entity_src_gen.pdbx_host_org_gene                 ? 
_entity_src_gen.pdbx_host_org_organ                ? 
_entity_src_gen.host_org_species                   ? 
_entity_src_gen.pdbx_host_org_tissue               ? 
_entity_src_gen.pdbx_host_org_tissue_fraction      ? 
_entity_src_gen.pdbx_host_org_strain               ? 
_entity_src_gen.pdbx_host_org_variant              ? 
_entity_src_gen.pdbx_host_org_cell_line            ? 
_entity_src_gen.pdbx_host_org_atcc                 ? 
_entity_src_gen.pdbx_host_org_culture_collection   ? 
_entity_src_gen.pdbx_host_org_cell                 ? 
_entity_src_gen.pdbx_host_org_organelle            ? 
_entity_src_gen.pdbx_host_org_cellular_location    ? 
_entity_src_gen.pdbx_host_org_vector_type          ? 
_entity_src_gen.pdbx_host_org_vector               ? 
_entity_src_gen.host_org_details                   ? 
_entity_src_gen.expression_system_id               ? 
_entity_src_gen.plasmid_name                       ? 
_entity_src_gen.plasmid_details                    ? 
_entity_src_gen.pdbx_description                   ? 
# 
loop_
_chem_comp.id 
_chem_comp.type 
_chem_comp.mon_nstd_flag 
_chem_comp.name 
_chem_comp.pdbx_synonyms 
_chem_comp.formula 
_chem_comp.formula_weight 
ALA 'L-peptide linking' y ALANINE                                                                                          ? 
'C3 H7 N O2'          89.093  
ARG 'L-peptide linking' y ARGININE                                                                                         ? 
'C6 H15 N4 O2 1'      175.209 
ASN 'L-peptide linking' y ASPARAGINE                                                                                       ? 
'C4 H8 N2 O3'         132.118 
ASP 'L-peptide linking' y 'ASPARTIC ACID'                                                                                  ? 
'C4 H7 N O4'          133.103 
CYS 'L-peptide linking' y CYSTEINE                                                                                         ? 
'C3 H7 N O2 S'        121.158 
GLN 'L-peptide linking' y GLUTAMINE                                                                                        ? 
'C5 H10 N2 O3'        146.144 
GLU 'L-peptide linking' y 'GLUTAMIC ACID'                                                                                  ? 
'C5 H9 N O4'          147.129 
GLY 'peptide linking'   y GLYCINE                                                                                          ? 
'C2 H5 N O2'          75.067  
HIS 'L-peptide linking' y HISTIDINE                                                                                        ? 
'C6 H10 N3 O2 1'      156.162 
HOH non-polymer         . WATER                                                                                            ? 
'H2 O'                18.015  
ILE 'L-peptide linking' y ISOLEUCINE                                                                                       ? 
'C6 H13 N O2'         131.173 
LEU 'L-peptide linking' y LEUCINE                                                                                          ? 
'C6 H13 N O2'         131.173 
LYS 'L-peptide linking' y LYSINE                                                                                           ? 
'C6 H15 N2 O2 1'      147.195 
MET 'L-peptide linking' y METHIONINE                                                                                       ? 
'C5 H11 N O2 S'       149.211 
NH6 non-polymer         . '~{N}1-[(4-chlorophenyl)methyl]-~{N}1-cyclopentyl-~{N}4-(phenylmethyl)benzene-1,4-disulfonamide' ? 
'C25 H27 Cl N2 O4 S2' 519.076 
PHE 'L-peptide linking' y PHENYLALANINE                                                                                    ? 
'C9 H11 N O2'         165.189 
PRO 'L-peptide linking' y PROLINE                                                                                          ? 
'C5 H9 N O2'          115.130 
SER 'L-peptide linking' y SERINE                                                                                           ? 
'C3 H7 N O3'          105.093 
THR 'L-peptide linking' y THREONINE                                                                                        ? 
'C4 H9 N O3'          119.119 
TRP 'L-peptide linking' y TRYPTOPHAN                                                                                       ? 
'C11 H12 N2 O2'       204.225 
TYR 'L-peptide linking' y TYROSINE                                                                                         ? 
'C9 H11 N O3'         181.189 
VAL 'L-peptide linking' y VALINE                                                                                           ? 
'C5 H11 N O2'         117.146 
# 
loop_
_pdbx_poly_seq_scheme.asym_id 
_pdbx_poly_seq_scheme.entity_id 
_pdbx_poly_seq_scheme.seq_id 
_pdbx_poly_seq_scheme.mon_id 
_pdbx_poly_seq_scheme.ndb_seq_num 
_pdbx_poly_seq_scheme.pdb_seq_num 
_pdbx_poly_seq_scheme.auth_seq_num 
_pdbx_poly_seq_scheme.pdb_mon_id 
_pdbx_poly_seq_scheme.auth_mon_id 
_pdbx_poly_seq_scheme.pdb_strand_id 
_pdbx_poly_seq_scheme.pdb_ins_code 
_pdbx_poly_seq_scheme.hetero 
A 1 1   SER 1   2   2   SER SER B . n 
A 1 2   ALA 2   3   3   ALA ALA B . n 
A 1 3   LYS 3   4   4   LYS LYS B . n 
A 1 4   ASP 4   5   5   ASP ASP B . n 
A 1 5   GLU 5   6   6   GLU GLU B . n 
A 1 6   ARG 6   7   7   ARG ARG B . n 
A 1 7   ALA 7   8   8   ALA ALA B . n 
A 1 8   ARG 8   9   9   ARG ARG B . n 
A 1 9   GLU 9   10  10  GLU GLU B . n 
A 1 10  ILE 10  11  11  ILE ILE B . n 
A 1 11  LEU 11  12  12  LEU LEU B . n 
A 1 12  ARG 12  13  13  ARG ARG B . n 
A 1 13  GLY 13  14  14  GLY GLY B . n 
A 1 14  PHE 14  15  15  PHE PHE B . n 
A 1 15  LYS 15  16  16  LYS LYS B . n 
A 1 16  LEU 16  17  17  LEU LEU B . n 
A 1 17  ASN 17  18  18  ASN ASN B . n 
A 1 18  TRP 18  19  19  TRP TRP B . n 
A 1 19  MET 19  20  20  MET MET B . n 
A 1 20  ASN 20  21  21  ASN ASN B . n 
A 1 21  LEU 21  22  22  LEU LEU B . n 
A 1 22  ARG 22  23  23  ARG ARG B . n 
A 1 23  ASP 23  24  24  ASP ASP B . n 
A 1 24  ALA 24  25  25  ALA ALA B . n 
A 1 25  GLU 25  26  26  GLU ALA B . n 
A 1 26  THR 26  27  27  THR THR B . n 
A 1 27  GLY 27  28  28  GLY GLY B . n 
A 1 28  LYS 28  29  29  LYS LYS B . n 
A 1 29  ILE 29  30  30  ILE ILE B . n 
A 1 30  LEU 30  31  31  LEU LEU B . n 
A 1 31  TRP 31  32  32  TRP TRP B . n 
A 1 32  GLN 32  33  33  GLN GLN B . n 
A 1 33  GLY 33  34  34  GLY GLY B . n 
A 1 34  THR 34  35  35  THR THR B . n 
A 1 35  GLU 35  36  36  GLU GLU B . n 
A 1 36  ASP 36  37  37  ASP ASP B . n 
A 1 37  LEU 37  38  38  LEU LEU B . n 
A 1 38  SER 38  39  39  SER SER B . n 
A 1 39  VAL 39  40  40  VAL VAL B . n 
A 1 40  PRO 40  41  41  PRO PRO B . n 
A 1 41  GLY 41  42  42  GLY GLY B . n 
A 1 42  VAL 42  43  43  VAL VAL B . n 
A 1 43  GLU 43  44  44  GLU GLU B . n 
A 1 44  HIS 44  45  45  HIS HIS B . n 
A 1 45  GLU 45  46  46  GLU GLU B . n 
A 1 46  ALA 46  47  47  ALA ALA B . n 
A 1 47  ARG 47  48  48  ARG ARG B . n 
A 1 48  VAL 48  49  49  VAL VAL B . n 
A 1 49  PRO 49  50  50  PRO PRO B . n 
A 1 50  LYS 50  51  51  LYS LYS B . n 
A 1 51  LYS 51  52  52  LYS LYS B . n 
A 1 52  ILE 52  53  53  ILE ILE B . n 
A 1 53  LEU 53  54  54  LEU LEU B . n 
A 1 54  LYS 54  55  55  LYS LYS B . n 
A 1 55  CYS 55  56  56  CYS CYS B . n 
A 1 56  LYS 56  57  57  LYS LYS B . n 
A 1 57  ALA 57  58  58  ALA ALA B . n 
A 1 58  VAL 58  59  59  VAL VAL B . n 
A 1 59  SER 59  60  60  SER SER B . n 
A 1 60  ARG 60  61  61  ARG ARG B . n 
A 1 61  GLU 61  62  62  GLU GLU B . n 
A 1 62  LEU 62  63  63  LEU LEU B . n 
A 1 63  ASN 63  64  64  ASN ASN B . n 
A 1 64  PHE 64  65  65  PHE PHE B . n 
A 1 65  SER 65  66  66  SER SER B . n 
A 1 66  SER 66  67  67  SER SER B . n 
A 1 67  THR 67  68  68  THR THR B . n 
A 1 68  GLU 68  69  69  GLU GLU B . n 
A 1 69  GLN 69  70  70  GLN GLN B . n 
A 1 70  MET 70  71  71  MET MET B . n 
A 1 71  GLU 71  72  72  GLU GLU B . n 
A 1 72  LYS 72  73  73  LYS LYS B . n 
A 1 73  PHE 73  74  74  PHE PHE B . n 
A 1 74  ARG 74  75  75  ARG ARG B . n 
A 1 75  LEU 75  76  76  LEU LEU B . n 
A 1 76  GLU 76  77  77  GLU GLU B . n 
A 1 77  GLN 77  78  78  GLN GLN B . n 
A 1 78  LYS 78  79  79  LYS LYS B . n 
A 1 79  VAL 79  80  80  VAL VAL B . n 
A 1 80  TYR 80  81  81  TYR TYR B . n 
A 1 81  PHE 81  82  82  PHE PHE B . n 
A 1 82  LYS 82  83  83  LYS LYS B . n 
A 1 83  GLY 83  84  84  GLY GLY B . n 
A 1 84  GLN 84  85  85  GLN GLN B . n 
A 1 85  CYS 85  86  86  CYS CYS B . n 
A 1 86  LEU 86  87  87  LEU LEU B . n 
A 1 87  GLU 87  88  88  GLU GLU B . n 
A 1 88  GLU 88  89  89  GLU GLU B . n 
A 1 89  TRP 89  90  90  TRP TRP B . n 
A 1 90  PHE 90  91  91  PHE PHE B . n 
A 1 91  PHE 91  92  92  PHE PHE B . n 
A 1 92  GLU 92  93  93  GLU GLU B . n 
A 1 93  PHE 93  94  94  PHE PHE B . n 
A 1 94  GLY 94  95  95  GLY GLY B . n 
A 1 95  PHE 95  96  96  PHE PHE B . n 
A 1 96  VAL 96  97  97  VAL VAL B . n 
A 1 97  ILE 97  98  98  ILE ILE B . n 
A 1 98  PRO 98  99  99  PRO PRO B . n 
A 1 99  ASN 99  100 100 ASN ASN B . n 
A 1 100 SER 100 101 101 SER SER B . n 
A 1 101 THR 101 102 102 THR THR B . n 
A 1 102 ASN 102 103 103 ASN ASN B . n 
A 1 103 THR 103 104 104 THR THR B . n 
A 1 104 TRP 104 105 105 TRP TRP B . n 
A 1 105 GLN 105 106 106 GLN GLN B . n 
A 1 106 SER 106 107 107 SER SER B . n 
A 1 107 LEU 107 108 108 LEU LEU B . n 
A 1 108 ILE 108 109 109 ILE ILE B . n 
A 1 109 GLU 109 110 110 GLU GLU B . n 
A 1 110 ALA 110 111 111 ALA ALA B . n 
A 1 111 ALA 111 112 ?   ?   ?   B . n 
A 1 112 PRO 112 113 ?   ?   ?   B . n 
A 1 113 GLU 113 114 ?   ?   ?   B . n 
A 1 114 SER 114 115 ?   ?   ?   B . n 
A 1 115 GLN 115 116 ?   ?   ?   B . n 
A 1 116 MET 116 117 117 MET MET B . n 
A 1 117 MET 117 118 118 MET MET B . n 
A 1 118 PRO 118 119 119 PRO PRO B . n 
A 1 119 ALA 119 120 120 ALA ALA B . n 
A 1 120 SER 120 121 121 SER SER B . n 
A 1 121 VAL 121 122 122 VAL VAL B . n 
A 1 122 LEU 122 123 123 LEU LEU B . n 
A 1 123 THR 123 124 124 THR THR B . n 
A 1 124 GLY 124 125 125 GLY GLY B . n 
A 1 125 ASN 125 126 126 ASN ASN B . n 
A 1 126 VAL 126 127 127 VAL VAL B . n 
A 1 127 ILE 127 128 128 ILE ILE B . n 
A 1 128 ILE 128 129 129 ILE ILE B . n 
A 1 129 GLU 129 130 130 GLU GLU B . n 
A 1 130 THR 130 131 131 THR THR B . n 
A 1 131 LYS 131 132 132 LYS LYS B . n 
A 1 132 PHE 132 133 133 PHE PHE B . n 
A 1 133 PHE 133 134 134 PHE PHE B . n 
A 1 134 ASP 134 135 135 ASP ASP B . n 
A 1 135 ASP 135 136 136 ASP ASP B . n 
A 1 136 ASP 136 137 137 ASP ASP B . n 
A 1 137 LEU 137 138 138 LEU LEU B . n 
A 1 138 LEU 138 139 139 LEU LEU B . n 
A 1 139 VAL 139 140 140 VAL VAL B . n 
A 1 140 SER 140 141 141 SER SER B . n 
A 1 141 THR 141 142 142 THR THR B . n 
A 1 142 SER 142 143 143 SER SER B . n 
A 1 143 ARG 143 144 144 ARG ARG B . n 
A 1 144 VAL 144 145 145 VAL VAL B . n 
A 1 145 ARG 145 146 146 ARG ARG B . n 
A 1 146 LEU 146 147 147 LEU LEU B . n 
A 1 147 PHE 147 148 148 PHE PHE B . n 
A 1 148 TYR 148 149 149 TYR TYR B . n 
A 1 149 VAL 149 150 150 VAL VAL B . n 
# 
loop_
_pdbx_nonpoly_scheme.asym_id 
_pdbx_nonpoly_scheme.entity_id 
_pdbx_nonpoly_scheme.mon_id 
_pdbx_nonpoly_scheme.ndb_seq_num 
_pdbx_nonpoly_scheme.pdb_seq_num 
_pdbx_nonpoly_scheme.auth_seq_num 
_pdbx_nonpoly_scheme.pdb_mon_id 
_pdbx_nonpoly_scheme.auth_mon_id 
_pdbx_nonpoly_scheme.pdb_strand_id 
_pdbx_nonpoly_scheme.pdb_ins_code 
B 2 NH6 1   201 1   NH6 DRG B . 
C 3 HOH 1   301 132 HOH HOH B . 
C 3 HOH 2   302 35  HOH HOH B . 
C 3 HOH 3   303 124 HOH HOH B . 
C 3 HOH 4   304 103 HOH HOH B . 
C 3 HOH 5   305 99  HOH HOH B . 
C 3 HOH 6   306 71  HOH HOH B . 
C 3 HOH 7   307 137 HOH HOH B . 
C 3 HOH 8   308 55  HOH HOH B . 
C 3 HOH 9   309 6   HOH HOH B . 
C 3 HOH 10  310 113 HOH HOH B . 
C 3 HOH 11  311 82  HOH HOH B . 
C 3 HOH 12  312 130 HOH HOH B . 
C 3 HOH 13  313 80  HOH HOH B . 
C 3 HOH 14  314 33  HOH HOH B . 
C 3 HOH 15  315 48  HOH HOH B . 
C 3 HOH 16  316 3   HOH HOH B . 
C 3 HOH 17  317 105 HOH HOH B . 
C 3 HOH 18  318 51  HOH HOH B . 
C 3 HOH 19  319 18  HOH HOH B . 
C 3 HOH 20  320 97  HOH HOH B . 
C 3 HOH 21  321 24  HOH HOH B . 
C 3 HOH 22  322 30  HOH HOH B . 
C 3 HOH 23  323 13  HOH HOH B . 
C 3 HOH 24  324 76  HOH HOH B . 
C 3 HOH 25  325 40  HOH HOH B . 
C 3 HOH 26  326 110 HOH HOH B . 
C 3 HOH 27  327 140 HOH HOH B . 
C 3 HOH 28  328 10  HOH HOH B . 
C 3 HOH 29  329 25  HOH HOH B . 
C 3 HOH 30  330 61  HOH HOH B . 
C 3 HOH 31  331 36  HOH HOH B . 
C 3 HOH 32  332 72  HOH HOH B . 
C 3 HOH 33  333 83  HOH HOH B . 
C 3 HOH 34  334 92  HOH HOH B . 
C 3 HOH 35  335 78  HOH HOH B . 
C 3 HOH 36  336 23  HOH HOH B . 
C 3 HOH 37  337 111 HOH HOH B . 
C 3 HOH 38  338 45  HOH HOH B . 
C 3 HOH 39  339 107 HOH HOH B . 
C 3 HOH 40  340 29  HOH HOH B . 
C 3 HOH 41  341 53  HOH HOH B . 
C 3 HOH 42  342 58  HOH HOH B . 
C 3 HOH 43  343 91  HOH HOH B . 
C 3 HOH 44  344 65  HOH HOH B . 
C 3 HOH 45  345 39  HOH HOH B . 
C 3 HOH 46  346 28  HOH HOH B . 
C 3 HOH 47  347 11  HOH HOH B . 
C 3 HOH 48  348 1   HOH HOH B . 
C 3 HOH 49  349 42  HOH HOH B . 
C 3 HOH 50  350 131 HOH HOH B . 
C 3 HOH 51  351 37  HOH HOH B . 
C 3 HOH 52  352 7   HOH HOH B . 
C 3 HOH 53  353 88  HOH HOH B . 
C 3 HOH 54  354 20  HOH HOH B . 
C 3 HOH 55  355 19  HOH HOH B . 
C 3 HOH 56  356 21  HOH HOH B . 
C 3 HOH 57  357 118 HOH HOH B . 
C 3 HOH 58  358 75  HOH HOH B . 
C 3 HOH 59  359 59  HOH HOH B . 
C 3 HOH 60  360 8   HOH HOH B . 
C 3 HOH 61  361 15  HOH HOH B . 
C 3 HOH 62  362 96  HOH HOH B . 
C 3 HOH 63  363 32  HOH HOH B . 
C 3 HOH 64  364 38  HOH HOH B . 
C 3 HOH 65  365 85  HOH HOH B . 
C 3 HOH 66  366 66  HOH HOH B . 
C 3 HOH 67  367 100 HOH HOH B . 
C 3 HOH 68  368 56  HOH HOH B . 
C 3 HOH 69  369 60  HOH HOH B . 
C 3 HOH 70  370 5   HOH HOH B . 
C 3 HOH 71  371 102 HOH HOH B . 
C 3 HOH 72  372 141 HOH HOH B . 
C 3 HOH 73  373 115 HOH HOH B . 
C 3 HOH 74  374 12  HOH HOH B . 
C 3 HOH 75  375 68  HOH HOH B . 
C 3 HOH 76  376 125 HOH HOH B . 
C 3 HOH 77  377 74  HOH HOH B . 
C 3 HOH 78  378 77  HOH HOH B . 
C 3 HOH 79  379 73  HOH HOH B . 
C 3 HOH 80  380 49  HOH HOH B . 
C 3 HOH 81  381 120 HOH HOH B . 
C 3 HOH 82  382 17  HOH HOH B . 
C 3 HOH 83  383 52  HOH HOH B . 
C 3 HOH 84  384 27  HOH HOH B . 
C 3 HOH 85  385 123 HOH HOH B . 
C 3 HOH 86  386 104 HOH HOH B . 
C 3 HOH 87  387 101 HOH HOH B . 
C 3 HOH 88  388 44  HOH HOH B . 
C 3 HOH 89  389 135 HOH HOH B . 
C 3 HOH 90  390 26  HOH HOH B . 
C 3 HOH 91  391 16  HOH HOH B . 
C 3 HOH 92  392 2   HOH HOH B . 
C 3 HOH 93  393 112 HOH HOH B . 
C 3 HOH 94  394 86  HOH HOH B . 
C 3 HOH 95  395 22  HOH HOH B . 
C 3 HOH 96  396 47  HOH HOH B . 
C 3 HOH 97  397 67  HOH HOH B . 
C 3 HOH 98  398 87  HOH HOH B . 
C 3 HOH 99  399 84  HOH HOH B . 
C 3 HOH 100 400 79  HOH HOH B . 
C 3 HOH 101 401 46  HOH HOH B . 
C 3 HOH 102 402 133 HOH HOH B . 
C 3 HOH 103 403 119 HOH HOH B . 
C 3 HOH 104 404 90  HOH HOH B . 
C 3 HOH 105 405 9   HOH HOH B . 
C 3 HOH 106 406 31  HOH HOH B . 
C 3 HOH 107 407 128 HOH HOH B . 
C 3 HOH 108 408 109 HOH HOH B . 
C 3 HOH 109 409 129 HOH HOH B . 
C 3 HOH 110 410 114 HOH HOH B . 
C 3 HOH 111 411 121 HOH HOH B . 
C 3 HOH 112 412 98  HOH HOH B . 
C 3 HOH 113 413 95  HOH HOH B . 
C 3 HOH 114 414 70  HOH HOH B . 
C 3 HOH 115 415 134 HOH HOH B . 
C 3 HOH 116 416 43  HOH HOH B . 
C 3 HOH 117 417 136 HOH HOH B . 
C 3 HOH 118 418 57  HOH HOH B . 
C 3 HOH 119 419 89  HOH HOH B . 
C 3 HOH 120 420 94  HOH HOH B . 
C 3 HOH 121 421 62  HOH HOH B . 
C 3 HOH 122 422 63  HOH HOH B . 
C 3 HOH 123 423 34  HOH HOH B . 
C 3 HOH 124 424 122 HOH HOH B . 
C 3 HOH 125 425 106 HOH HOH B . 
C 3 HOH 126 426 81  HOH HOH B . 
C 3 HOH 127 427 116 HOH HOH B . 
C 3 HOH 128 428 93  HOH HOH B . 
C 3 HOH 129 429 64  HOH HOH B . 
C 3 HOH 130 430 108 HOH HOH B . 
C 3 HOH 131 431 117 HOH HOH B . 
# 
loop_
_pdbx_unobs_or_zero_occ_atoms.id 
_pdbx_unobs_or_zero_occ_atoms.PDB_model_num 
_pdbx_unobs_or_zero_occ_atoms.polymer_flag 
_pdbx_unobs_or_zero_occ_atoms.occupancy_flag 
_pdbx_unobs_or_zero_occ_atoms.auth_asym_id 
_pdbx_unobs_or_zero_occ_atoms.auth_comp_id 
_pdbx_unobs_or_zero_occ_atoms.auth_seq_id 
_pdbx_unobs_or_zero_occ_atoms.PDB_ins_code 
_pdbx_unobs_or_zero_occ_atoms.auth_atom_id 
_pdbx_unobs_or_zero_occ_atoms.label_alt_id 
_pdbx_unobs_or_zero_occ_atoms.label_asym_id 
_pdbx_unobs_or_zero_occ_atoms.label_comp_id 
_pdbx_unobs_or_zero_occ_atoms.label_seq_id 
_pdbx_unobs_or_zero_occ_atoms.label_atom_id 
1 1 Y 1 B GLU 10 ? CG  ? A GLU 9  CG  
2 1 Y 1 B GLU 10 ? CD  ? A GLU 9  CD  
3 1 Y 1 B GLU 10 ? OE1 ? A GLU 9  OE1 
4 1 Y 1 B GLU 10 ? OE2 ? A GLU 9  OE2 
5 1 Y 1 B GLU 26 ? CG  ? A GLU 25 CG  
6 1 Y 1 B GLU 26 ? CD  ? A GLU 25 CD  
7 1 Y 1 B GLU 26 ? OE1 ? A GLU 25 OE1 
8 1 Y 1 B GLU 26 ? OE2 ? A GLU 25 OE2 
# 
loop_
_software.citation_id 
_software.classification 
_software.compiler_name 
_software.compiler_version 
_software.contact_author 
_software.contact_author_email 
_software.date 
_software.description 
_software.dependencies 
_software.hardware 
_software.language 
_software.location 
_software.mods 
_software.name 
_software.os 
_software.os_version 
_software.type 
_software.version 
_software.pdbx_ordinal 
? 'data scaling'    ? ? ? ? ? ? ? ? ? ? ? XSCALE      ? ? ? .        1 
? refinement        ? ? ? ? ? ? ? ? ? ? ? REFMAC      ? ? ? 5.7.0032 2 
? 'data extraction' ? ? ? ? ? ? ? ? ? ? ? PDB_EXTRACT ? ? ? 3.22     3 
? 'data reduction'  ? ? ? ? ? ? ? ? ? ? ? XDS         ? ? ? .        4 
? phasing           ? ? ? ? ? ? ? ? ? ? ? MOLREP      ? ? ? .        5 
# 
_cell.angle_alpha                  90.000 
_cell.angle_alpha_esd              ? 
_cell.angle_beta                   90.000 
_cell.angle_beta_esd               ? 
_cell.angle_gamma                  120.000 
_cell.angle_gamma_esd              ? 
_cell.entry_id                     5ML2 
_cell.details                      ? 
_cell.formula_units_Z              ? 
_cell.length_a                     55.650 
_cell.length_a_esd                 ? 
_cell.length_b                     55.650 
_cell.length_b_esd                 ? 
_cell.length_c                     115.340 
_cell.length_c_esd                 ? 
_cell.volume                       ? 
_cell.volume_esd                   ? 
_cell.Z_PDB                        6 
_cell.reciprocal_angle_alpha       ? 
_cell.reciprocal_angle_beta        ? 
_cell.reciprocal_angle_gamma       ? 
_cell.reciprocal_angle_alpha_esd   ? 
_cell.reciprocal_angle_beta_esd    ? 
_cell.reciprocal_angle_gamma_esd   ? 
_cell.reciprocal_length_a          ? 
_cell.reciprocal_length_b          ? 
_cell.reciprocal_length_c          ? 
_cell.reciprocal_length_a_esd      ? 
_cell.reciprocal_length_b_esd      ? 
_cell.reciprocal_length_c_esd      ? 
_cell.pdbx_unique_axis             ? 
# 
_symmetry.entry_id                         5ML2 
_symmetry.cell_setting                     ? 
_symmetry.Int_Tables_number                154 
_symmetry.space_group_name_Hall            ? 
_symmetry.space_group_name_H-M             'P 32 2 1' 
_symmetry.pdbx_full_space_group_name_H-M   ? 
# 
_exptl.absorpt_coefficient_mu     ? 
_exptl.absorpt_correction_T_max   ? 
_exptl.absorpt_correction_T_min   ? 
_exptl.absorpt_correction_type    ? 
_exptl.absorpt_process_details    ? 
_exptl.entry_id                   5ML2 
_exptl.crystals_number            1 
_exptl.details                    ? 
_exptl.method                     'X-RAY DIFFRACTION' 
_exptl.method_details             ? 
# 
_exptl_crystal.colour                      ? 
_exptl_crystal.density_diffrn              ? 
_exptl_crystal.density_Matthews            3.08 
_exptl_crystal.density_method              ? 
_exptl_crystal.density_percent_sol         60.07 
_exptl_crystal.description                 ? 
_exptl_crystal.F_000                       ? 
_exptl_crystal.id                          1 
_exptl_crystal.preparation                 ? 
_exptl_crystal.size_max                    ? 
_exptl_crystal.size_mid                    ? 
_exptl_crystal.size_min                    ? 
_exptl_crystal.size_rad                    ? 
_exptl_crystal.colour_lustre               ? 
_exptl_crystal.colour_modifier             ? 
_exptl_crystal.colour_primary              ? 
_exptl_crystal.density_meas                ? 
_exptl_crystal.density_meas_esd            ? 
_exptl_crystal.density_meas_gt             ? 
_exptl_crystal.density_meas_lt             ? 
_exptl_crystal.density_meas_temp           ? 
_exptl_crystal.density_meas_temp_esd       ? 
_exptl_crystal.density_meas_temp_gt        ? 
_exptl_crystal.density_meas_temp_lt        ? 
_exptl_crystal.pdbx_crystal_image_url      ? 
_exptl_crystal.pdbx_crystal_image_format   ? 
_exptl_crystal.pdbx_mosaicity              ? 
_exptl_crystal.pdbx_mosaicity_esd          ? 
# 
_exptl_crystal_grow.apparatus       ? 
_exptl_crystal_grow.atmosphere      ? 
_exptl_crystal_grow.crystal_id      1 
_exptl_crystal_grow.details         ? 
_exptl_crystal_grow.method          'VAPOR DIFFUSION' 
_exptl_crystal_grow.method_ref      ? 
_exptl_crystal_grow.pH              ? 
_exptl_crystal_grow.pressure        ? 
_exptl_crystal_grow.pressure_esd    ? 
_exptl_crystal_grow.seeding         ? 
_exptl_crystal_grow.seeding_ref     ? 
_exptl_crystal_grow.temp            293 
_exptl_crystal_grow.temp_details    ? 
_exptl_crystal_grow.temp_esd        ? 
_exptl_crystal_grow.time            ? 
_exptl_crystal_grow.pdbx_details    '30 % PEG 4000, 0.2 M NaOAc, 0.1 M TRIS-HCL, pH 8.5' 
_exptl_crystal_grow.pdbx_pH_range   ? 
# 
_diffrn.ambient_environment    ? 
_diffrn.ambient_temp           100 
_diffrn.ambient_temp_details   ? 
_diffrn.ambient_temp_esd       ? 
_diffrn.crystal_id             1 
_diffrn.crystal_support        ? 
_diffrn.crystal_treatment      ? 
_diffrn.details                ? 
_diffrn.id                     1 
_diffrn.ambient_pressure       ? 
_diffrn.ambient_pressure_esd   ? 
_diffrn.ambient_pressure_gt    ? 
_diffrn.ambient_pressure_lt    ? 
_diffrn.ambient_temp_gt        ? 
_diffrn.ambient_temp_lt        ? 
# 
_diffrn_detector.details                      ? 
_diffrn_detector.detector                     PIXEL 
_diffrn_detector.diffrn_id                    1 
_diffrn_detector.type                         'DECTRIS PILATUS 6M' 
_diffrn_detector.area_resol_mean              ? 
_diffrn_detector.dtime                        ? 
_diffrn_detector.pdbx_frames_total            ? 
_diffrn_detector.pdbx_collection_time_total   ? 
_diffrn_detector.pdbx_collection_date         2012-09-20 
# 
_diffrn_radiation.collimation                      ? 
_diffrn_radiation.diffrn_id                        1 
_diffrn_radiation.filter_edge                      ? 
_diffrn_radiation.inhomogeneity                    ? 
_diffrn_radiation.monochromator                    ? 
_diffrn_radiation.polarisn_norm                    ? 
_diffrn_radiation.polarisn_ratio                   ? 
_diffrn_radiation.probe                            ? 
_diffrn_radiation.type                             ? 
_diffrn_radiation.xray_symbol                      ? 
_diffrn_radiation.wavelength_id                    1 
_diffrn_radiation.pdbx_monochromatic_or_laue_m_l   M 
_diffrn_radiation.pdbx_wavelength_list             ? 
_diffrn_radiation.pdbx_wavelength                  ? 
_diffrn_radiation.pdbx_diffrn_protocol             'SINGLE WAVELENGTH' 
_diffrn_radiation.pdbx_analyzer                    ? 
_diffrn_radiation.pdbx_scattering_type             x-ray 
# 
_diffrn_radiation_wavelength.id           1 
_diffrn_radiation_wavelength.wavelength   0.97889 
_diffrn_radiation_wavelength.wt           1.0 
# 
_diffrn_source.current                     ? 
_diffrn_source.details                     ? 
_diffrn_source.diffrn_id                   1 
_diffrn_source.power                       ? 
_diffrn_source.size                        ? 
_diffrn_source.source                      SYNCHROTRON 
_diffrn_source.target                      ? 
_diffrn_source.type                        'SLS BEAMLINE X10SA' 
_diffrn_source.voltage                     ? 
_diffrn_source.take-off_angle              ? 
_diffrn_source.pdbx_wavelength_list        0.97889 
_diffrn_source.pdbx_wavelength             ? 
_diffrn_source.pdbx_synchrotron_beamline   X10SA 
_diffrn_source.pdbx_synchrotron_site       SLS 
# 
_reflns.B_iso_Wilson_estimate            ? 
_reflns.entry_id                         5ML2 
_reflns.data_reduction_details           ? 
_reflns.data_reduction_method            ? 
_reflns.d_resolution_high                1.60 
_reflns.d_resolution_low                 27.830 
_reflns.details                          ? 
_reflns.limit_h_max                      ? 
_reflns.limit_h_min                      ? 
_reflns.limit_k_max                      ? 
_reflns.limit_k_min                      ? 
_reflns.limit_l_max                      ? 
_reflns.limit_l_min                      ? 
_reflns.number_all                       ? 
_reflns.number_obs                       26598 
_reflns.observed_criterion               ? 
_reflns.observed_criterion_F_max         ? 
_reflns.observed_criterion_F_min         ? 
_reflns.observed_criterion_I_max         ? 
_reflns.observed_criterion_I_min         ? 
_reflns.observed_criterion_sigma_F       ? 
_reflns.observed_criterion_sigma_I       ? 
_reflns.percent_possible_obs             99.9 
_reflns.R_free_details                   ? 
_reflns.Rmerge_F_all                     ? 
_reflns.Rmerge_F_obs                     ? 
_reflns.Friedel_coverage                 ? 
_reflns.number_gt                        ? 
_reflns.threshold_expression             ? 
_reflns.pdbx_redundancy                  19.1 
_reflns.pdbx_Rmerge_I_obs                0.063 
_reflns.pdbx_Rmerge_I_all                ? 
_reflns.pdbx_Rsym_value                  ? 
_reflns.pdbx_netI_over_av_sigmaI         ? 
_reflns.pdbx_netI_over_sigmaI            28.8 
_reflns.pdbx_res_netI_over_av_sigmaI_2   ? 
_reflns.pdbx_res_netI_over_sigmaI_2      ? 
_reflns.pdbx_chi_squared                 ? 
_reflns.pdbx_scaling_rejects             ? 
_reflns.pdbx_d_res_high_opt              ? 
_reflns.pdbx_d_res_low_opt               ? 
_reflns.pdbx_d_res_opt_method            ? 
_reflns.phase_calculation_details        ? 
_reflns.pdbx_Rrim_I_all                  ? 
_reflns.pdbx_Rpim_I_all                  ? 
_reflns.pdbx_d_opt                       ? 
_reflns.pdbx_number_measured_all         ? 
_reflns.pdbx_diffrn_id                   1 
_reflns.pdbx_ordinal                     1 
_reflns.pdbx_CC_half                     ? 
_reflns.pdbx_R_split                     ? 
# 
_reflns_shell.d_res_high                  1.6 
_reflns_shell.d_res_low                   1.7 
_reflns_shell.meanI_over_sigI_all         ? 
_reflns_shell.meanI_over_sigI_obs         7.5 
_reflns_shell.number_measured_all         ? 
_reflns_shell.number_measured_obs         ? 
_reflns_shell.number_possible             ? 
_reflns_shell.number_unique_all           ? 
_reflns_shell.number_unique_obs           ? 
_reflns_shell.percent_possible_all        99.8 
_reflns_shell.percent_possible_obs        ? 
_reflns_shell.Rmerge_F_all                ? 
_reflns_shell.Rmerge_F_obs                ? 
_reflns_shell.Rmerge_I_all                ? 
_reflns_shell.Rmerge_I_obs                0.44 
_reflns_shell.meanI_over_sigI_gt          ? 
_reflns_shell.meanI_over_uI_all           ? 
_reflns_shell.meanI_over_uI_gt            ? 
_reflns_shell.number_measured_gt          ? 
_reflns_shell.number_unique_gt            ? 
_reflns_shell.percent_possible_gt         ? 
_reflns_shell.Rmerge_F_gt                 ? 
_reflns_shell.Rmerge_I_gt                 ? 
_reflns_shell.pdbx_redundancy             19.3 
_reflns_shell.pdbx_Rsym_value             ? 
_reflns_shell.pdbx_chi_squared            ? 
_reflns_shell.pdbx_netI_over_sigmaI_all   ? 
_reflns_shell.pdbx_netI_over_sigmaI_obs   ? 
_reflns_shell.pdbx_Rrim_I_all             ? 
_reflns_shell.pdbx_Rpim_I_all             ? 
_reflns_shell.pdbx_rejects                ? 
_reflns_shell.pdbx_ordinal                1 
_reflns_shell.pdbx_diffrn_id              1 
_reflns_shell.pdbx_CC_half                ? 
_reflns_shell.pdbx_R_split                ? 
# 
_refine.aniso_B[1][1]                            0.5000 
_refine.aniso_B[1][2]                            0.5000 
_refine.aniso_B[1][3]                            -0.0000 
_refine.aniso_B[2][2]                            0.5000 
_refine.aniso_B[2][3]                            -0.0000 
_refine.aniso_B[3][3]                            -1.6200 
_refine.B_iso_max                                58.480 
_refine.B_iso_mean                               23.8740 
_refine.B_iso_min                                13.840 
_refine.correlation_coeff_Fo_to_Fc               0.9540 
_refine.correlation_coeff_Fo_to_Fc_free          0.9410 
_refine.details                                  
'HYDROGENS HAVE BEEN ADDED IN THE RIDING POSITIONS U VALUES      : REFINED INDIVIDUALLY' 
_refine.diff_density_max                         ? 
_refine.diff_density_max_esd                     ? 
_refine.diff_density_min                         ? 
_refine.diff_density_min_esd                     ? 
_refine.diff_density_rms                         ? 
_refine.diff_density_rms_esd                     ? 
_refine.entry_id                                 5ML2 
_refine.pdbx_refine_id                           'X-RAY DIFFRACTION' 
_refine.ls_abs_structure_details                 ? 
_refine.ls_abs_structure_Flack                   ? 
_refine.ls_abs_structure_Flack_esd               ? 
_refine.ls_abs_structure_Rogers                  ? 
_refine.ls_abs_structure_Rogers_esd              ? 
_refine.ls_d_res_high                            1.6000 
_refine.ls_d_res_low                             27.8300 
_refine.ls_extinction_coef                       ? 
_refine.ls_extinction_coef_esd                   ? 
_refine.ls_extinction_expression                 ? 
_refine.ls_extinction_method                     ? 
_refine.ls_goodness_of_fit_all                   ? 
_refine.ls_goodness_of_fit_all_esd               ? 
_refine.ls_goodness_of_fit_obs                   ? 
_refine.ls_goodness_of_fit_obs_esd               ? 
_refine.ls_hydrogen_treatment                    ? 
_refine.ls_matrix_type                           ? 
_refine.ls_number_constraints                    ? 
_refine.ls_number_parameters                     ? 
_refine.ls_number_reflns_all                     ? 
_refine.ls_number_reflns_obs                     26598 
_refine.ls_number_reflns_R_free                  1400 
_refine.ls_number_reflns_R_work                  ? 
_refine.ls_number_restraints                     ? 
_refine.ls_percent_reflns_obs                    99.8600 
_refine.ls_percent_reflns_R_free                 5.0000 
_refine.ls_R_factor_all                          ? 
_refine.ls_R_factor_obs                          0.2035 
_refine.ls_R_factor_R_free                       0.2274 
_refine.ls_R_factor_R_free_error                 ? 
_refine.ls_R_factor_R_free_error_details         ? 
_refine.ls_R_factor_R_work                       0.2023 
_refine.ls_R_Fsqd_factor_obs                     ? 
_refine.ls_R_I_factor_obs                        ? 
_refine.ls_redundancy_reflns_all                 ? 
_refine.ls_redundancy_reflns_obs                 ? 
_refine.ls_restrained_S_all                      ? 
_refine.ls_restrained_S_obs                      ? 
_refine.ls_shift_over_esd_max                    ? 
_refine.ls_shift_over_esd_mean                   ? 
_refine.ls_structure_factor_coef                 ? 
_refine.ls_weighting_details                     ? 
_refine.ls_weighting_scheme                      ? 
_refine.ls_wR_factor_all                         ? 
_refine.ls_wR_factor_obs                         ? 
_refine.ls_wR_factor_R_free                      ? 
_refine.ls_wR_factor_R_work                      ? 
_refine.occupancy_max                            ? 
_refine.occupancy_min                            ? 
_refine.solvent_model_details                    ? 
_refine.solvent_model_param_bsol                 ? 
_refine.solvent_model_param_ksol                 ? 
_refine.ls_R_factor_gt                           ? 
_refine.ls_goodness_of_fit_gt                    ? 
_refine.ls_goodness_of_fit_ref                   ? 
_refine.ls_shift_over_su_max                     ? 
_refine.ls_shift_over_su_max_lt                  ? 
_refine.ls_shift_over_su_mean                    ? 
_refine.ls_shift_over_su_mean_lt                 ? 
_refine.pdbx_ls_sigma_I                          ? 
_refine.pdbx_ls_sigma_F                          0.000 
_refine.pdbx_ls_sigma_Fsqd                       ? 
_refine.pdbx_data_cutoff_high_absF               ? 
_refine.pdbx_data_cutoff_high_rms_absF           ? 
_refine.pdbx_data_cutoff_low_absF                ? 
_refine.pdbx_isotropic_thermal_model             ? 
_refine.pdbx_ls_cross_valid_method               THROUGHOUT 
_refine.pdbx_method_to_determine_struct          'MOLECULAR REPLACEMENT' 
_refine.pdbx_starting_model                      3T5G 
_refine.pdbx_stereochemistry_target_values       ? 
_refine.pdbx_R_Free_selection_details            RANDOM 
_refine.pdbx_stereochem_target_val_spec_case     ? 
_refine.pdbx_overall_ESU_R                       0.0830 
_refine.pdbx_overall_ESU_R_Free                  0.0830 
_refine.pdbx_solvent_vdw_probe_radii             1.2000 
_refine.pdbx_solvent_ion_probe_radii             0.8000 
_refine.pdbx_solvent_shrinkage_radii             0.8000 
_refine.pdbx_real_space_R                        ? 
_refine.pdbx_density_correlation                 ? 
_refine.pdbx_pd_number_of_powder_patterns        ? 
_refine.pdbx_pd_number_of_points                 ? 
_refine.pdbx_pd_meas_number_of_points            ? 
_refine.pdbx_pd_proc_ls_prof_R_factor            ? 
_refine.pdbx_pd_proc_ls_prof_wR_factor           ? 
_refine.pdbx_pd_Marquardt_correlation_coeff      ? 
_refine.pdbx_pd_Fsqrd_R_factor                   ? 
_refine.pdbx_pd_ls_matrix_band_width             ? 
_refine.pdbx_overall_phase_error                 ? 
_refine.pdbx_overall_SU_R_free_Cruickshank_DPI   ? 
_refine.pdbx_overall_SU_R_free_Blow_DPI          ? 
_refine.pdbx_overall_SU_R_Blow_DPI               ? 
_refine.pdbx_TLS_residual_ADP_flag               ? 
_refine.pdbx_diffrn_id                           1 
_refine.overall_SU_B                             1.3840 
_refine.overall_SU_ML                            0.0500 
_refine.overall_SU_R_Cruickshank_DPI             ? 
_refine.overall_SU_R_free                        ? 
_refine.overall_FOM_free_R_set                   ? 
_refine.overall_FOM_work_R_set                   ? 
_refine.pdbx_average_fsc_overall                 ? 
_refine.pdbx_average_fsc_work                    ? 
_refine.pdbx_average_fsc_free                    ? 
# 
_refine_hist.cycle_id                         final 
_refine_hist.pdbx_refine_id                   'X-RAY DIFFRACTION' 
_refine_hist.d_res_high                       1.6000 
_refine_hist.d_res_low                        27.8300 
_refine_hist.pdbx_number_atoms_ligand         34 
_refine_hist.number_atoms_solvent             131 
_refine_hist.number_atoms_total               1338 
_refine_hist.pdbx_number_residues_total       144 
_refine_hist.pdbx_B_iso_mean_ligand           25.92 
_refine_hist.pdbx_B_iso_mean_solvent          35.15 
_refine_hist.pdbx_number_atoms_protein        1173 
_refine_hist.pdbx_number_atoms_nucleic_acid   0 
# 
loop_
_refine_ls_restr.pdbx_refine_id 
_refine_ls_restr.criterion 
_refine_ls_restr.dev_ideal 
_refine_ls_restr.dev_ideal_target 
_refine_ls_restr.number 
_refine_ls_restr.rejects 
_refine_ls_restr.type 
_refine_ls_restr.weight 
_refine_ls_restr.pdbx_restraint_function 
'X-RAY DIFFRACTION' ? 0.011  0.020  1234 ? r_bond_refined_d       ? ? 
'X-RAY DIFFRACTION' ? 0.003  0.020  1184 ? r_bond_other_d         ? ? 
'X-RAY DIFFRACTION' ? 1.554  1.982  1664 ? r_angle_refined_deg    ? ? 
'X-RAY DIFFRACTION' ? 0.853  3.008  2718 ? r_angle_other_deg      ? ? 
'X-RAY DIFFRACTION' ? 6.098  5.000  142  ? r_dihedral_angle_1_deg ? ? 
'X-RAY DIFFRACTION' ? 40.296 23.684 57   ? r_dihedral_angle_2_deg ? ? 
'X-RAY DIFFRACTION' ? 10.422 15.000 222  ? r_dihedral_angle_3_deg ? ? 
'X-RAY DIFFRACTION' ? 15.839 15.000 9    ? r_dihedral_angle_4_deg ? ? 
'X-RAY DIFFRACTION' ? 0.113  0.200  181  ? r_chiral_restr         ? ? 
'X-RAY DIFFRACTION' ? 0.005  0.020  1347 ? r_gen_planes_refined   ? ? 
'X-RAY DIFFRACTION' ? 0.001  0.020  300  ? r_gen_planes_other     ? ? 
# 
_refine_ls_shell.pdbx_refine_id                   'X-RAY DIFFRACTION' 
_refine_ls_shell.d_res_high                       1.6000 
_refine_ls_shell.d_res_low                        1.6410 
_refine_ls_shell.number_reflns_all                2014 
_refine_ls_shell.number_reflns_obs                ? 
_refine_ls_shell.number_reflns_R_free             100 
_refine_ls_shell.number_reflns_R_work             1914 
_refine_ls_shell.percent_reflns_obs               99.6500 
_refine_ls_shell.percent_reflns_R_free            ? 
_refine_ls_shell.R_factor_all                     ? 
_refine_ls_shell.R_factor_obs                     ? 
_refine_ls_shell.R_factor_R_free                  0.2160 
_refine_ls_shell.R_factor_R_free_error            0.0000 
_refine_ls_shell.R_factor_R_work                  0.2250 
_refine_ls_shell.redundancy_reflns_all            ? 
_refine_ls_shell.redundancy_reflns_obs            ? 
_refine_ls_shell.wR_factor_all                    ? 
_refine_ls_shell.wR_factor_obs                    ? 
_refine_ls_shell.wR_factor_R_free                 ? 
_refine_ls_shell.wR_factor_R_work                 ? 
_refine_ls_shell.pdbx_total_number_of_bins_used   20 
_refine_ls_shell.pdbx_phase_error                 ? 
_refine_ls_shell.pdbx_fsc_work                    ? 
_refine_ls_shell.pdbx_fsc_free                    ? 
# 
_struct.entry_id                     5ML2 
_struct.title                        'The crystal structure of PDE6D in complex with inhibitor-3' 
_struct.pdbx_model_details           ? 
_struct.pdbx_formula_weight          ? 
_struct.pdbx_formula_weight_method   ? 
_struct.pdbx_model_type_details      ? 
_struct.pdbx_CASP_flag               N 
# 
_struct_keywords.entry_id        5ML2 
_struct_keywords.text            'Prenyl binding protein, farnesylated-Kras, Plasma membrane, Arl2, lipid binding protein' 
_struct_keywords.pdbx_keywords   'LIPID BINDING PROTEIN' 
# 
loop_
_struct_asym.id 
_struct_asym.pdbx_blank_PDB_chainid_flag 
_struct_asym.pdbx_modified 
_struct_asym.entity_id 
_struct_asym.details 
A N N 1 ? 
B N N 2 ? 
C N N 3 ? 
# 
_struct_ref.id                         1 
_struct_ref.db_name                    UNP 
_struct_ref.db_code                    PDE6D_HUMAN 
_struct_ref.pdbx_db_accession          O43924 
_struct_ref.pdbx_db_isoform            ? 
_struct_ref.entity_id                  1 
_struct_ref.pdbx_seq_one_letter_code   
;SAKDERAREILRGFKLNWMNLRDAETGKILWQGTEDLSVPGVEHEARVPKKILKCKAVSRELNFSSTEQMEKFRLEQKVY
FKGQCLEEWFFEFGFVIPNSTNTWQSLIEAAPESQMMPASVLTGNVIIETKFFDDDLLVSTSRVRLFYV
;
_struct_ref.pdbx_align_begin           2 
# 
_struct_ref_seq.align_id                      1 
_struct_ref_seq.ref_id                        1 
_struct_ref_seq.pdbx_PDB_id_code              5ML2 
_struct_ref_seq.pdbx_strand_id                B 
_struct_ref_seq.seq_align_beg                 1 
_struct_ref_seq.pdbx_seq_align_beg_ins_code   ? 
_struct_ref_seq.seq_align_end                 149 
_struct_ref_seq.pdbx_seq_align_end_ins_code   ? 
_struct_ref_seq.pdbx_db_accession             O43924 
_struct_ref_seq.db_align_beg                  2 
_struct_ref_seq.pdbx_db_align_beg_ins_code    ? 
_struct_ref_seq.db_align_end                  150 
_struct_ref_seq.pdbx_db_align_end_ins_code    ? 
_struct_ref_seq.pdbx_auth_seq_align_beg       2 
_struct_ref_seq.pdbx_auth_seq_align_end       150 
# 
_pdbx_struct_assembly.id                   1 
_pdbx_struct_assembly.details              author_and_software_defined_assembly 
_pdbx_struct_assembly.method_details       PISA 
_pdbx_struct_assembly.oligomeric_details   monomeric 
_pdbx_struct_assembly.oligomeric_count     1 
# 
loop_
_pdbx_struct_assembly_prop.biol_id 
_pdbx_struct_assembly_prop.type 
_pdbx_struct_assembly_prop.value 
_pdbx_struct_assembly_prop.details 
1 'ABSA (A^2)' 0    ? 
1 MORE         0    ? 
1 'SSA (A^2)'  7950 ? 
# 
_pdbx_struct_assembly_gen.assembly_id       1 
_pdbx_struct_assembly_gen.oper_expression   1 
_pdbx_struct_assembly_gen.asym_id_list      A,B,C 
# 
_pdbx_struct_oper_list.id                   1 
_pdbx_struct_oper_list.type                 'identity operation' 
_pdbx_struct_oper_list.name                 1_555 
_pdbx_struct_oper_list.symmetry_operation   x,y,z 
_pdbx_struct_oper_list.matrix[1][1]         1.0000000000 
_pdbx_struct_oper_list.matrix[1][2]         0.0000000000 
_pdbx_struct_oper_list.matrix[1][3]         0.0000000000 
_pdbx_struct_oper_list.vector[1]            0.0000000000 
_pdbx_struct_oper_list.matrix[2][1]         0.0000000000 
_pdbx_struct_oper_list.matrix[2][2]         1.0000000000 
_pdbx_struct_oper_list.matrix[2][3]         0.0000000000 
_pdbx_struct_oper_list.vector[2]            0.0000000000 
_pdbx_struct_oper_list.matrix[3][1]         0.0000000000 
_pdbx_struct_oper_list.matrix[3][2]         0.0000000000 
_pdbx_struct_oper_list.matrix[3][3]         1.0000000000 
_pdbx_struct_oper_list.vector[3]            0.0000000000 
# 
loop_
_struct_conf.conf_type_id 
_struct_conf.id 
_struct_conf.pdbx_PDB_helix_id 
_struct_conf.beg_label_comp_id 
_struct_conf.beg_label_asym_id 
_struct_conf.beg_label_seq_id 
_struct_conf.pdbx_beg_PDB_ins_code 
_struct_conf.end_label_comp_id 
_struct_conf.end_label_asym_id 
_struct_conf.end_label_seq_id 
_struct_conf.pdbx_end_PDB_ins_code 
_struct_conf.beg_auth_comp_id 
_struct_conf.beg_auth_asym_id 
_struct_conf.beg_auth_seq_id 
_struct_conf.end_auth_comp_id 
_struct_conf.end_auth_asym_id 
_struct_conf.end_auth_seq_id 
_struct_conf.pdbx_PDB_helix_class 
_struct_conf.details 
_struct_conf.pdbx_PDB_helix_length 
HELX_P HELX_P1 AA1 SER A 1   ? GLY A 13  ? SER B 2   GLY B 14  1 ? 13 
HELX_P HELX_P2 AA2 LYS A 51  ? CYS A 55  ? LYS B 52  CYS B 56  5 ? 5  
HELX_P HELX_P3 AA3 PRO A 118 ? THR A 123 ? PRO B 119 THR B 124 1 ? 6  
# 
_struct_conf_type.id          HELX_P 
_struct_conf_type.criteria    ? 
_struct_conf_type.reference   ? 
# 
loop_
_struct_sheet.id 
_struct_sheet.type 
_struct_sheet.number_strands 
_struct_sheet.details 
AA1 ? 4 ? 
AA2 ? 5 ? 
# 
loop_
_struct_sheet_order.sheet_id 
_struct_sheet_order.range_id_1 
_struct_sheet_order.range_id_2 
_struct_sheet_order.offset 
_struct_sheet_order.sense 
AA1 1 2 ? anti-parallel 
AA1 2 3 ? anti-parallel 
AA1 3 4 ? anti-parallel 
AA2 1 2 ? parallel      
AA2 2 3 ? anti-parallel 
AA2 3 4 ? anti-parallel 
AA2 4 5 ? anti-parallel 
# 
loop_
_struct_sheet_range.sheet_id 
_struct_sheet_range.id 
_struct_sheet_range.beg_label_comp_id 
_struct_sheet_range.beg_label_asym_id 
_struct_sheet_range.beg_label_seq_id 
_struct_sheet_range.pdbx_beg_PDB_ins_code 
_struct_sheet_range.end_label_comp_id 
_struct_sheet_range.end_label_asym_id 
_struct_sheet_range.end_label_seq_id 
_struct_sheet_range.pdbx_end_PDB_ins_code 
_struct_sheet_range.beg_auth_comp_id 
_struct_sheet_range.beg_auth_asym_id 
_struct_sheet_range.beg_auth_seq_id 
_struct_sheet_range.end_auth_comp_id 
_struct_sheet_range.end_auth_asym_id 
_struct_sheet_range.end_auth_seq_id 
AA1 1 ILE A 29  ? GLY A 33  ? ILE B 30  GLY B 34  
AA1 2 PHE A 14  ? ASP A 23  ? PHE B 15  ASP B 24  
AA1 3 ALA A 57  ? SER A 66  ? ALA B 58  SER B 67  
AA1 4 SER A 100 ? GLU A 109 ? SER B 101 GLU B 110 
AA2 1 GLU A 43  ? PRO A 49  ? GLU B 44  PRO B 50  
AA2 2 LEU A 137 ? VAL A 149 ? LEU B 138 VAL B 150 
AA2 3 VAL A 126 ? ASP A 134 ? VAL B 127 ASP B 135 
AA2 4 MET A 70  ? PHE A 81  ? MET B 71  PHE B 82  
AA2 5 GLN A 84  ? VAL A 96  ? GLN B 85  VAL B 97  
# 
loop_
_pdbx_struct_sheet_hbond.sheet_id 
_pdbx_struct_sheet_hbond.range_id_1 
_pdbx_struct_sheet_hbond.range_id_2 
_pdbx_struct_sheet_hbond.range_1_label_atom_id 
_pdbx_struct_sheet_hbond.range_1_label_comp_id 
_pdbx_struct_sheet_hbond.range_1_label_asym_id 
_pdbx_struct_sheet_hbond.range_1_label_seq_id 
_pdbx_struct_sheet_hbond.range_1_PDB_ins_code 
_pdbx_struct_sheet_hbond.range_1_auth_atom_id 
_pdbx_struct_sheet_hbond.range_1_auth_comp_id 
_pdbx_struct_sheet_hbond.range_1_auth_asym_id 
_pdbx_struct_sheet_hbond.range_1_auth_seq_id 
_pdbx_struct_sheet_hbond.range_2_label_atom_id 
_pdbx_struct_sheet_hbond.range_2_label_comp_id 
_pdbx_struct_sheet_hbond.range_2_label_asym_id 
_pdbx_struct_sheet_hbond.range_2_label_seq_id 
_pdbx_struct_sheet_hbond.range_2_PDB_ins_code 
_pdbx_struct_sheet_hbond.range_2_auth_atom_id 
_pdbx_struct_sheet_hbond.range_2_auth_comp_id 
_pdbx_struct_sheet_hbond.range_2_auth_asym_id 
_pdbx_struct_sheet_hbond.range_2_auth_seq_id 
AA1 1 2 O LEU A 30  ? O LEU B 31  N LEU A 21  ? N LEU B 22  
AA1 2 3 N TRP A 18  ? N TRP B 19  O ASN A 63  ? O ASN B 64  
AA1 3 4 N VAL A 58  ? N VAL B 59  O ILE A 108 ? O ILE B 109 
AA2 1 2 N VAL A 48  ? N VAL B 49  O PHE A 147 ? O PHE B 148 
AA2 2 3 O VAL A 139 ? O VAL B 140 N PHE A 132 ? N PHE B 133 
AA2 3 4 O ILE A 127 ? O ILE B 128 N TYR A 80  ? N TYR B 81  
AA2 4 5 N GLN A 77  ? N GLN B 78  O TRP A 89  ? O TRP B 90  
# 
_struct_site.id                   AC1 
_struct_site.pdbx_evidence_code   Software 
_struct_site.pdbx_auth_asym_id    B 
_struct_site.pdbx_auth_comp_id    NH6 
_struct_site.pdbx_auth_seq_id     201 
_struct_site.pdbx_auth_ins_code   ? 
_struct_site.pdbx_num_residues    16 
_struct_site.details              'binding site for residue NH6 B 201' 
# 
loop_
_struct_site_gen.id 
_struct_site_gen.site_id 
_struct_site_gen.pdbx_num_res 
_struct_site_gen.label_comp_id 
_struct_site_gen.label_asym_id 
_struct_site_gen.label_seq_id 
_struct_site_gen.pdbx_auth_ins_code 
_struct_site_gen.auth_comp_id 
_struct_site_gen.auth_asym_id 
_struct_site_gen.auth_seq_id 
_struct_site_gen.label_atom_id 
_struct_site_gen.label_alt_id 
_struct_site_gen.symmetry 
_struct_site_gen.details 
1  AC1 16 LEU A 16  ? LEU B 17  . ? 1_555 ? 
2  AC1 16 MET A 19  ? MET B 20  . ? 1_555 ? 
3  AC1 16 LEU A 21  ? LEU B 22  . ? 1_555 ? 
4  AC1 16 TRP A 31  ? TRP B 32  . ? 1_555 ? 
5  AC1 16 VAL A 48  ? VAL B 49  . ? 1_555 ? 
6  AC1 16 ILE A 52  ? ILE B 53  . ? 1_555 ? 
7  AC1 16 ARG A 60  ? ARG B 61  . ? 1_555 ? 
8  AC1 16 GLN A 77  ? GLN B 78  . ? 1_555 ? 
9  AC1 16 GLU A 87  ? GLU B 88  . ? 1_555 ? 
10 AC1 16 TRP A 89  ? TRP B 90  . ? 1_555 ? 
11 AC1 16 ILE A 108 ? ILE B 109 . ? 1_555 ? 
12 AC1 16 MET A 116 ? MET B 117 . ? 1_555 ? 
13 AC1 16 THR A 130 ? THR B 131 . ? 1_555 ? 
14 AC1 16 PHE A 132 ? PHE B 133 . ? 1_555 ? 
15 AC1 16 LEU A 146 ? LEU B 147 . ? 1_555 ? 
16 AC1 16 TYR A 148 ? TYR B 149 . ? 1_555 ? 
# 
loop_
_pdbx_validate_torsion.id 
_pdbx_validate_torsion.PDB_model_num 
_pdbx_validate_torsion.auth_comp_id 
_pdbx_validate_torsion.auth_asym_id 
_pdbx_validate_torsion.auth_seq_id 
_pdbx_validate_torsion.PDB_ins_code 
_pdbx_validate_torsion.label_alt_id 
_pdbx_validate_torsion.phi 
_pdbx_validate_torsion.psi 
1 1 LYS B 73  ? ? -152.23 74.93   
2 1 ASP B 136 ? ? 58.40   -113.43 
# 
_pdbx_struct_special_symmetry.id              1 
_pdbx_struct_special_symmetry.PDB_model_num   1 
_pdbx_struct_special_symmetry.auth_asym_id    B 
_pdbx_struct_special_symmetry.auth_comp_id    HOH 
_pdbx_struct_special_symmetry.auth_seq_id     431 
_pdbx_struct_special_symmetry.PDB_ins_code    ? 
_pdbx_struct_special_symmetry.label_asym_id   C 
_pdbx_struct_special_symmetry.label_comp_id   HOH 
_pdbx_struct_special_symmetry.label_seq_id    . 
# 
loop_
_pdbx_unobs_or_zero_occ_residues.id 
_pdbx_unobs_or_zero_occ_residues.PDB_model_num 
_pdbx_unobs_or_zero_occ_residues.polymer_flag 
_pdbx_unobs_or_zero_occ_residues.occupancy_flag 
_pdbx_unobs_or_zero_occ_residues.auth_asym_id 
_pdbx_unobs_or_zero_occ_residues.auth_comp_id 
_pdbx_unobs_or_zero_occ_residues.auth_seq_id 
_pdbx_unobs_or_zero_occ_residues.PDB_ins_code 
_pdbx_unobs_or_zero_occ_residues.label_asym_id 
_pdbx_unobs_or_zero_occ_residues.label_comp_id 
_pdbx_unobs_or_zero_occ_residues.label_seq_id 
1 1 Y 1 B ALA 112 ? A ALA 111 
2 1 Y 1 B PRO 113 ? A PRO 112 
3 1 Y 1 B GLU 114 ? A GLU 113 
4 1 Y 1 B SER 115 ? A SER 114 
5 1 Y 1 B GLN 116 ? A GLN 115 
# 
loop_
_chem_comp_atom.comp_id 
_chem_comp_atom.atom_id 
_chem_comp_atom.type_symbol 
_chem_comp_atom.pdbx_aromatic_flag 
_chem_comp_atom.pdbx_stereo_config 
_chem_comp_atom.pdbx_ordinal 
ALA N    N  N N 1   
ALA CA   C  N S 2   
ALA C    C  N N 3   
ALA O    O  N N 4   
ALA CB   C  N N 5   
ALA OXT  O  N N 6   
ALA H    H  N N 7   
ALA H2   H  N N 8   
ALA HA   H  N N 9   
ALA HB1  H  N N 10  
ALA HB2  H  N N 11  
ALA HB3  H  N N 12  
ALA HXT  H  N N 13  
ARG N    N  N N 14  
ARG CA   C  N S 15  
ARG C    C  N N 16  
ARG O    O  N N 17  
ARG CB   C  N N 18  
ARG CG   C  N N 19  
ARG CD   C  N N 20  
ARG NE   N  N N 21  
ARG CZ   C  N N 22  
ARG NH1  N  N N 23  
ARG NH2  N  N N 24  
ARG OXT  O  N N 25  
ARG H    H  N N 26  
ARG H2   H  N N 27  
ARG HA   H  N N 28  
ARG HB2  H  N N 29  
ARG HB3  H  N N 30  
ARG HG2  H  N N 31  
ARG HG3  H  N N 32  
ARG HD2  H  N N 33  
ARG HD3  H  N N 34  
ARG HE   H  N N 35  
ARG HH11 H  N N 36  
ARG HH12 H  N N 37  
ARG HH21 H  N N 38  
ARG HH22 H  N N 39  
ARG HXT  H  N N 40  
ASN N    N  N N 41  
ASN CA   C  N S 42  
ASN C    C  N N 43  
ASN O    O  N N 44  
ASN CB   C  N N 45  
ASN CG   C  N N 46  
ASN OD1  O  N N 47  
ASN ND2  N  N N 48  
ASN OXT  O  N N 49  
ASN H    H  N N 50  
ASN H2   H  N N 51  
ASN HA   H  N N 52  
ASN HB2  H  N N 53  
ASN HB3  H  N N 54  
ASN HD21 H  N N 55  
ASN HD22 H  N N 56  
ASN HXT  H  N N 57  
ASP N    N  N N 58  
ASP CA   C  N S 59  
ASP C    C  N N 60  
ASP O    O  N N 61  
ASP CB   C  N N 62  
ASP CG   C  N N 63  
ASP OD1  O  N N 64  
ASP OD2  O  N N 65  
ASP OXT  O  N N 66  
ASP H    H  N N 67  
ASP H2   H  N N 68  
ASP HA   H  N N 69  
ASP HB2  H  N N 70  
ASP HB3  H  N N 71  
ASP HD2  H  N N 72  
ASP HXT  H  N N 73  
CYS N    N  N N 74  
CYS CA   C  N R 75  
CYS C    C  N N 76  
CYS O    O  N N 77  
CYS CB   C  N N 78  
CYS SG   S  N N 79  
CYS OXT  O  N N 80  
CYS H    H  N N 81  
CYS H2   H  N N 82  
CYS HA   H  N N 83  
CYS HB2  H  N N 84  
CYS HB3  H  N N 85  
CYS HG   H  N N 86  
CYS HXT  H  N N 87  
GLN N    N  N N 88  
GLN CA   C  N S 89  
GLN C    C  N N 90  
GLN O    O  N N 91  
GLN CB   C  N N 92  
GLN CG   C  N N 93  
GLN CD   C  N N 94  
GLN OE1  O  N N 95  
GLN NE2  N  N N 96  
GLN OXT  O  N N 97  
GLN H    H  N N 98  
GLN H2   H  N N 99  
GLN HA   H  N N 100 
GLN HB2  H  N N 101 
GLN HB3  H  N N 102 
GLN HG2  H  N N 103 
GLN HG3  H  N N 104 
GLN HE21 H  N N 105 
GLN HE22 H  N N 106 
GLN HXT  H  N N 107 
GLU N    N  N N 108 
GLU CA   C  N S 109 
GLU C    C  N N 110 
GLU O    O  N N 111 
GLU CB   C  N N 112 
GLU CG   C  N N 113 
GLU CD   C  N N 114 
GLU OE1  O  N N 115 
GLU OE2  O  N N 116 
GLU OXT  O  N N 117 
GLU H    H  N N 118 
GLU H2   H  N N 119 
GLU HA   H  N N 120 
GLU HB2  H  N N 121 
GLU HB3  H  N N 122 
GLU HG2  H  N N 123 
GLU HG3  H  N N 124 
GLU HE2  H  N N 125 
GLU HXT  H  N N 126 
GLY N    N  N N 127 
GLY CA   C  N N 128 
GLY C    C  N N 129 
GLY O    O  N N 130 
GLY OXT  O  N N 131 
GLY H    H  N N 132 
GLY H2   H  N N 133 
GLY HA2  H  N N 134 
GLY HA3  H  N N 135 
GLY HXT  H  N N 136 
HIS N    N  N N 137 
HIS CA   C  N S 138 
HIS C    C  N N 139 
HIS O    O  N N 140 
HIS CB   C  N N 141 
HIS CG   C  Y N 142 
HIS ND1  N  Y N 143 
HIS CD2  C  Y N 144 
HIS CE1  C  Y N 145 
HIS NE2  N  Y N 146 
HIS OXT  O  N N 147 
HIS H    H  N N 148 
HIS H2   H  N N 149 
HIS HA   H  N N 150 
HIS HB2  H  N N 151 
HIS HB3  H  N N 152 
HIS HD1  H  N N 153 
HIS HD2  H  N N 154 
HIS HE1  H  N N 155 
HIS HE2  H  N N 156 
HIS HXT  H  N N 157 
HOH O    O  N N 158 
HOH H1   H  N N 159 
HOH H2   H  N N 160 
ILE N    N  N N 161 
ILE CA   C  N S 162 
ILE C    C  N N 163 
ILE O    O  N N 164 
ILE CB   C  N S 165 
ILE CG1  C  N N 166 
ILE CG2  C  N N 167 
ILE CD1  C  N N 168 
ILE OXT  O  N N 169 
ILE H    H  N N 170 
ILE H2   H  N N 171 
ILE HA   H  N N 172 
ILE HB   H  N N 173 
ILE HG12 H  N N 174 
ILE HG13 H  N N 175 
ILE HG21 H  N N 176 
ILE HG22 H  N N 177 
ILE HG23 H  N N 178 
ILE HD11 H  N N 179 
ILE HD12 H  N N 180 
ILE HD13 H  N N 181 
ILE HXT  H  N N 182 
LEU N    N  N N 183 
LEU CA   C  N S 184 
LEU C    C  N N 185 
LEU O    O  N N 186 
LEU CB   C  N N 187 
LEU CG   C  N N 188 
LEU CD1  C  N N 189 
LEU CD2  C  N N 190 
LEU OXT  O  N N 191 
LEU H    H  N N 192 
LEU H2   H  N N 193 
LEU HA   H  N N 194 
LEU HB2  H  N N 195 
LEU HB3  H  N N 196 
LEU HG   H  N N 197 
LEU HD11 H  N N 198 
LEU HD12 H  N N 199 
LEU HD13 H  N N 200 
LEU HD21 H  N N 201 
LEU HD22 H  N N 202 
LEU HD23 H  N N 203 
LEU HXT  H  N N 204 
LYS N    N  N N 205 
LYS CA   C  N S 206 
LYS C    C  N N 207 
LYS O    O  N N 208 
LYS CB   C  N N 209 
LYS CG   C  N N 210 
LYS CD   C  N N 211 
LYS CE   C  N N 212 
LYS NZ   N  N N 213 
LYS OXT  O  N N 214 
LYS H    H  N N 215 
LYS H2   H  N N 216 
LYS HA   H  N N 217 
LYS HB2  H  N N 218 
LYS HB3  H  N N 219 
LYS HG2  H  N N 220 
LYS HG3  H  N N 221 
LYS HD2  H  N N 222 
LYS HD3  H  N N 223 
LYS HE2  H  N N 224 
LYS HE3  H  N N 225 
LYS HZ1  H  N N 226 
LYS HZ2  H  N N 227 
LYS HZ3  H  N N 228 
LYS HXT  H  N N 229 
MET N    N  N N 230 
MET CA   C  N S 231 
MET C    C  N N 232 
MET O    O  N N 233 
MET CB   C  N N 234 
MET CG   C  N N 235 
MET SD   S  N N 236 
MET CE   C  N N 237 
MET OXT  O  N N 238 
MET H    H  N N 239 
MET H2   H  N N 240 
MET HA   H  N N 241 
MET HB2  H  N N 242 
MET HB3  H  N N 243 
MET HG2  H  N N 244 
MET HG3  H  N N 245 
MET HE1  H  N N 246 
MET HE2  H  N N 247 
MET HE3  H  N N 248 
MET HXT  H  N N 249 
NH6 CBC  C  Y N 250 
NH6 CBD  C  Y N 251 
NH6 CBE  C  Y N 252 
NH6 CL   CL N N 253 
NH6 CBF  C  Y N 254 
NH6 CBG  C  Y N 255 
NH6 CAW  C  Y N 256 
NH6 CAV  C  N N 257 
NH6 NAU  N  N N 258 
NH6 CAX  C  N N 259 
NH6 CAY  C  N N 260 
NH6 CAZ  C  N N 261 
NH6 CBA  C  N N 262 
NH6 CBB  C  N N 263 
NH6 SAR  S  N N 264 
NH6 OAS  O  N N 265 
NH6 OAT  O  N N 266 
NH6 CAO  C  Y N 267 
NH6 CAP  C  Y N 268 
NH6 CAQ  C  Y N 269 
NH6 CAN  C  Y N 270 
NH6 CAM  C  Y N 271 
NH6 CAL  C  Y N 272 
NH6 SAI  S  N N 273 
NH6 OAJ  O  N N 274 
NH6 OAK  O  N N 275 
NH6 NAH  N  N N 276 
NH6 CAA  C  N N 277 
NH6 CAB  C  Y N 278 
NH6 CAC  C  Y N 279 
NH6 CAD  C  Y N 280 
NH6 CAE  C  Y N 281 
NH6 CAF  C  Y N 282 
NH6 CAG  C  Y N 283 
NH6 H1   H  N N 284 
NH6 H2   H  N N 285 
NH6 H3   H  N N 286 
NH6 H4   H  N N 287 
NH6 H5   H  N N 288 
NH6 H6   H  N N 289 
NH6 H7   H  N N 290 
NH6 H8   H  N N 291 
NH6 H9   H  N N 292 
NH6 H10  H  N N 293 
NH6 H11  H  N N 294 
NH6 H12  H  N N 295 
NH6 H13  H  N N 296 
NH6 H14  H  N N 297 
NH6 H15  H  N N 298 
NH6 H16  H  N N 299 
NH6 H17  H  N N 300 
NH6 H18  H  N N 301 
NH6 H19  H  N N 302 
NH6 H20  H  N N 303 
NH6 H21  H  N N 304 
NH6 H22  H  N N 305 
NH6 H23  H  N N 306 
NH6 H24  H  N N 307 
NH6 H25  H  N N 308 
NH6 H26  H  N N 309 
NH6 H27  H  N N 310 
PHE N    N  N N 311 
PHE CA   C  N S 312 
PHE C    C  N N 313 
PHE O    O  N N 314 
PHE CB   C  N N 315 
PHE CG   C  Y N 316 
PHE CD1  C  Y N 317 
PHE CD2  C  Y N 318 
PHE CE1  C  Y N 319 
PHE CE2  C  Y N 320 
PHE CZ   C  Y N 321 
PHE OXT  O  N N 322 
PHE H    H  N N 323 
PHE H2   H  N N 324 
PHE HA   H  N N 325 
PHE HB2  H  N N 326 
PHE HB3  H  N N 327 
PHE HD1  H  N N 328 
PHE HD2  H  N N 329 
PHE HE1  H  N N 330 
PHE HE2  H  N N 331 
PHE HZ   H  N N 332 
PHE HXT  H  N N 333 
PRO N    N  N N 334 
PRO CA   C  N S 335 
PRO C    C  N N 336 
PRO O    O  N N 337 
PRO CB   C  N N 338 
PRO CG   C  N N 339 
PRO CD   C  N N 340 
PRO OXT  O  N N 341 
PRO H    H  N N 342 
PRO HA   H  N N 343 
PRO HB2  H  N N 344 
PRO HB3  H  N N 345 
PRO HG2  H  N N 346 
PRO HG3  H  N N 347 
PRO HD2  H  N N 348 
PRO HD3  H  N N 349 
PRO HXT  H  N N 350 
SER N    N  N N 351 
SER CA   C  N S 352 
SER C    C  N N 353 
SER O    O  N N 354 
SER CB   C  N N 355 
SER OG   O  N N 356 
SER OXT  O  N N 357 
SER H    H  N N 358 
SER H2   H  N N 359 
SER HA   H  N N 360 
SER HB2  H  N N 361 
SER HB3  H  N N 362 
SER HG   H  N N 363 
SER HXT  H  N N 364 
THR N    N  N N 365 
THR CA   C  N S 366 
THR C    C  N N 367 
THR O    O  N N 368 
THR CB   C  N R 369 
THR OG1  O  N N 370 
THR CG2  C  N N 371 
THR OXT  O  N N 372 
THR H    H  N N 373 
THR H2   H  N N 374 
THR HA   H  N N 375 
THR HB   H  N N 376 
THR HG1  H  N N 377 
THR HG21 H  N N 378 
THR HG22 H  N N 379 
THR HG23 H  N N 380 
THR HXT  H  N N 381 
TRP N    N  N N 382 
TRP CA   C  N S 383 
TRP C    C  N N 384 
TRP O    O  N N 385 
TRP CB   C  N N 386 
TRP CG   C  Y N 387 
TRP CD1  C  Y N 388 
TRP CD2  C  Y N 389 
TRP NE1  N  Y N 390 
TRP CE2  C  Y N 391 
TRP CE3  C  Y N 392 
TRP CZ2  C  Y N 393 
TRP CZ3  C  Y N 394 
TRP CH2  C  Y N 395 
TRP OXT  O  N N 396 
TRP H    H  N N 397 
TRP H2   H  N N 398 
TRP HA   H  N N 399 
TRP HB2  H  N N 400 
TRP HB3  H  N N 401 
TRP HD1  H  N N 402 
TRP HE1  H  N N 403 
TRP HE3  H  N N 404 
TRP HZ2  H  N N 405 
TRP HZ3  H  N N 406 
TRP HH2  H  N N 407 
TRP HXT  H  N N 408 
TYR N    N  N N 409 
TYR CA   C  N S 410 
TYR C    C  N N 411 
TYR O    O  N N 412 
TYR CB   C  N N 413 
TYR CG   C  Y N 414 
TYR CD1  C  Y N 415 
TYR CD2  C  Y N 416 
TYR CE1  C  Y N 417 
TYR CE2  C  Y N 418 
TYR CZ   C  Y N 419 
TYR OH   O  N N 420 
TYR OXT  O  N N 421 
TYR H    H  N N 422 
TYR H2   H  N N 423 
TYR HA   H  N N 424 
TYR HB2  H  N N 425 
TYR HB3  H  N N 426 
TYR HD1  H  N N 427 
TYR HD2  H  N N 428 
TYR HE1  H  N N 429 
TYR HE2  H  N N 430 
TYR HH   H  N N 431 
TYR HXT  H  N N 432 
VAL N    N  N N 433 
VAL CA   C  N S 434 
VAL C    C  N N 435 
VAL O    O  N N 436 
VAL CB   C  N N 437 
VAL CG1  C  N N 438 
VAL CG2  C  N N 439 
VAL OXT  O  N N 440 
VAL H    H  N N 441 
VAL H2   H  N N 442 
VAL HA   H  N N 443 
VAL HB   H  N N 444 
VAL HG11 H  N N 445 
VAL HG12 H  N N 446 
VAL HG13 H  N N 447 
VAL HG21 H  N N 448 
VAL HG22 H  N N 449 
VAL HG23 H  N N 450 
VAL HXT  H  N N 451 
# 
loop_
_chem_comp_bond.comp_id 
_chem_comp_bond.atom_id_1 
_chem_comp_bond.atom_id_2 
_chem_comp_bond.value_order 
_chem_comp_bond.pdbx_aromatic_flag 
_chem_comp_bond.pdbx_stereo_config 
_chem_comp_bond.pdbx_ordinal 
ALA N   CA   sing N N 1   
ALA N   H    sing N N 2   
ALA N   H2   sing N N 3   
ALA CA  C    sing N N 4   
ALA CA  CB   sing N N 5   
ALA CA  HA   sing N N 6   
ALA C   O    doub N N 7   
ALA C   OXT  sing N N 8   
ALA CB  HB1  sing N N 9   
ALA CB  HB2  sing N N 10  
ALA CB  HB3  sing N N 11  
ALA OXT HXT  sing N N 12  
ARG N   CA   sing N N 13  
ARG N   H    sing N N 14  
ARG N   H2   sing N N 15  
ARG CA  C    sing N N 16  
ARG CA  CB   sing N N 17  
ARG CA  HA   sing N N 18  
ARG C   O    doub N N 19  
ARG C   OXT  sing N N 20  
ARG CB  CG   sing N N 21  
ARG CB  HB2  sing N N 22  
ARG CB  HB3  sing N N 23  
ARG CG  CD   sing N N 24  
ARG CG  HG2  sing N N 25  
ARG CG  HG3  sing N N 26  
ARG CD  NE   sing N N 27  
ARG CD  HD2  sing N N 28  
ARG CD  HD3  sing N N 29  
ARG NE  CZ   sing N N 30  
ARG NE  HE   sing N N 31  
ARG CZ  NH1  sing N N 32  
ARG CZ  NH2  doub N N 33  
ARG NH1 HH11 sing N N 34  
ARG NH1 HH12 sing N N 35  
ARG NH2 HH21 sing N N 36  
ARG NH2 HH22 sing N N 37  
ARG OXT HXT  sing N N 38  
ASN N   CA   sing N N 39  
ASN N   H    sing N N 40  
ASN N   H2   sing N N 41  
ASN CA  C    sing N N 42  
ASN CA  CB   sing N N 43  
ASN CA  HA   sing N N 44  
ASN C   O    doub N N 45  
ASN C   OXT  sing N N 46  
ASN CB  CG   sing N N 47  
ASN CB  HB2  sing N N 48  
ASN CB  HB3  sing N N 49  
ASN CG  OD1  doub N N 50  
ASN CG  ND2  sing N N 51  
ASN ND2 HD21 sing N N 52  
ASN ND2 HD22 sing N N 53  
ASN OXT HXT  sing N N 54  
ASP N   CA   sing N N 55  
ASP N   H    sing N N 56  
ASP N   H2   sing N N 57  
ASP CA  C    sing N N 58  
ASP CA  CB   sing N N 59  
ASP CA  HA   sing N N 60  
ASP C   O    doub N N 61  
ASP C   OXT  sing N N 62  
ASP CB  CG   sing N N 63  
ASP CB  HB2  sing N N 64  
ASP CB  HB3  sing N N 65  
ASP CG  OD1  doub N N 66  
ASP CG  OD2  sing N N 67  
ASP OD2 HD2  sing N N 68  
ASP OXT HXT  sing N N 69  
CYS N   CA   sing N N 70  
CYS N   H    sing N N 71  
CYS N   H2   sing N N 72  
CYS CA  C    sing N N 73  
CYS CA  CB   sing N N 74  
CYS CA  HA   sing N N 75  
CYS C   O    doub N N 76  
CYS C   OXT  sing N N 77  
CYS CB  SG   sing N N 78  
CYS CB  HB2  sing N N 79  
CYS CB  HB3  sing N N 80  
CYS SG  HG   sing N N 81  
CYS OXT HXT  sing N N 82  
GLN N   CA   sing N N 83  
GLN N   H    sing N N 84  
GLN N   H2   sing N N 85  
GLN CA  C    sing N N 86  
GLN CA  CB   sing N N 87  
GLN CA  HA   sing N N 88  
GLN C   O    doub N N 89  
GLN C   OXT  sing N N 90  
GLN CB  CG   sing N N 91  
GLN CB  HB2  sing N N 92  
GLN CB  HB3  sing N N 93  
GLN CG  CD   sing N N 94  
GLN CG  HG2  sing N N 95  
GLN CG  HG3  sing N N 96  
GLN CD  OE1  doub N N 97  
GLN CD  NE2  sing N N 98  
GLN NE2 HE21 sing N N 99  
GLN NE2 HE22 sing N N 100 
GLN OXT HXT  sing N N 101 
GLU N   CA   sing N N 102 
GLU N   H    sing N N 103 
GLU N   H2   sing N N 104 
GLU CA  C    sing N N 105 
GLU CA  CB   sing N N 106 
GLU CA  HA   sing N N 107 
GLU C   O    doub N N 108 
GLU C   OXT  sing N N 109 
GLU CB  CG   sing N N 110 
GLU CB  HB2  sing N N 111 
GLU CB  HB3  sing N N 112 
GLU CG  CD   sing N N 113 
GLU CG  HG2  sing N N 114 
GLU CG  HG3  sing N N 115 
GLU CD  OE1  doub N N 116 
GLU CD  OE2  sing N N 117 
GLU OE2 HE2  sing N N 118 
GLU OXT HXT  sing N N 119 
GLY N   CA   sing N N 120 
GLY N   H    sing N N 121 
GLY N   H2   sing N N 122 
GLY CA  C    sing N N 123 
GLY CA  HA2  sing N N 124 
GLY CA  HA3  sing N N 125 
GLY C   O    doub N N 126 
GLY C   OXT  sing N N 127 
GLY OXT HXT  sing N N 128 
HIS N   CA   sing N N 129 
HIS N   H    sing N N 130 
HIS N   H2   sing N N 131 
HIS CA  C    sing N N 132 
HIS CA  CB   sing N N 133 
HIS CA  HA   sing N N 134 
HIS C   O    doub N N 135 
HIS C   OXT  sing N N 136 
HIS CB  CG   sing N N 137 
HIS CB  HB2  sing N N 138 
HIS CB  HB3  sing N N 139 
HIS CG  ND1  sing Y N 140 
HIS CG  CD2  doub Y N 141 
HIS ND1 CE1  doub Y N 142 
HIS ND1 HD1  sing N N 143 
HIS CD2 NE2  sing Y N 144 
HIS CD2 HD2  sing N N 145 
HIS CE1 NE2  sing Y N 146 
HIS CE1 HE1  sing N N 147 
HIS NE2 HE2  sing N N 148 
HIS OXT HXT  sing N N 149 
HOH O   H1   sing N N 150 
HOH O   H2   sing N N 151 
ILE N   CA   sing N N 152 
ILE N   H    sing N N 153 
ILE N   H2   sing N N 154 
ILE CA  C    sing N N 155 
ILE CA  CB   sing N N 156 
ILE CA  HA   sing N N 157 
ILE C   O    doub N N 158 
ILE C   OXT  sing N N 159 
ILE CB  CG1  sing N N 160 
ILE CB  CG2  sing N N 161 
ILE CB  HB   sing N N 162 
ILE CG1 CD1  sing N N 163 
ILE CG1 HG12 sing N N 164 
ILE CG1 HG13 sing N N 165 
ILE CG2 HG21 sing N N 166 
ILE CG2 HG22 sing N N 167 
ILE CG2 HG23 sing N N 168 
ILE CD1 HD11 sing N N 169 
ILE CD1 HD12 sing N N 170 
ILE CD1 HD13 sing N N 171 
ILE OXT HXT  sing N N 172 
LEU N   CA   sing N N 173 
LEU N   H    sing N N 174 
LEU N   H2   sing N N 175 
LEU CA  C    sing N N 176 
LEU CA  CB   sing N N 177 
LEU CA  HA   sing N N 178 
LEU C   O    doub N N 179 
LEU C   OXT  sing N N 180 
LEU CB  CG   sing N N 181 
LEU CB  HB2  sing N N 182 
LEU CB  HB3  sing N N 183 
LEU CG  CD1  sing N N 184 
LEU CG  CD2  sing N N 185 
LEU CG  HG   sing N N 186 
LEU CD1 HD11 sing N N 187 
LEU CD1 HD12 sing N N 188 
LEU CD1 HD13 sing N N 189 
LEU CD2 HD21 sing N N 190 
LEU CD2 HD22 sing N N 191 
LEU CD2 HD23 sing N N 192 
LEU OXT HXT  sing N N 193 
LYS N   CA   sing N N 194 
LYS N   H    sing N N 195 
LYS N   H2   sing N N 196 
LYS CA  C    sing N N 197 
LYS CA  CB   sing N N 198 
LYS CA  HA   sing N N 199 
LYS C   O    doub N N 200 
LYS C   OXT  sing N N 201 
LYS CB  CG   sing N N 202 
LYS CB  HB2  sing N N 203 
LYS CB  HB3  sing N N 204 
LYS CG  CD   sing N N 205 
LYS CG  HG2  sing N N 206 
LYS CG  HG3  sing N N 207 
LYS CD  CE   sing N N 208 
LYS CD  HD2  sing N N 209 
LYS CD  HD3  sing N N 210 
LYS CE  NZ   sing N N 211 
LYS CE  HE2  sing N N 212 
LYS CE  HE3  sing N N 213 
LYS NZ  HZ1  sing N N 214 
LYS NZ  HZ2  sing N N 215 
LYS NZ  HZ3  sing N N 216 
LYS OXT HXT  sing N N 217 
MET N   CA   sing N N 218 
MET N   H    sing N N 219 
MET N   H2   sing N N 220 
MET CA  C    sing N N 221 
MET CA  CB   sing N N 222 
MET CA  HA   sing N N 223 
MET C   O    doub N N 224 
MET C   OXT  sing N N 225 
MET CB  CG   sing N N 226 
MET CB  HB2  sing N N 227 
MET CB  HB3  sing N N 228 
MET CG  SD   sing N N 229 
MET CG  HG2  sing N N 230 
MET CG  HG3  sing N N 231 
MET SD  CE   sing N N 232 
MET CE  HE1  sing N N 233 
MET CE  HE2  sing N N 234 
MET CE  HE3  sing N N 235 
MET OXT HXT  sing N N 236 
NH6 CAD CAC  doub Y N 237 
NH6 CAD CAE  sing Y N 238 
NH6 CAC CAB  sing Y N 239 
NH6 CAE CAF  doub Y N 240 
NH6 OAJ SAI  doub N N 241 
NH6 CAB CAA  sing N N 242 
NH6 CAB CAG  doub Y N 243 
NH6 CAZ CBA  sing N N 244 
NH6 CAZ CAY  sing N N 245 
NH6 CAF CAG  sing Y N 246 
NH6 SAI OAK  doub N N 247 
NH6 SAI NAH  sing N N 248 
NH6 SAI CAL  sing N N 249 
NH6 CAA NAH  sing N N 250 
NH6 CBA CBB  sing N N 251 
NH6 CAY CAX  sing N N 252 
NH6 CAQ CAL  doub Y N 253 
NH6 CAQ CAP  sing Y N 254 
NH6 CAL CAM  sing Y N 255 
NH6 CAX CBB  sing N N 256 
NH6 CAX NAU  sing N N 257 
NH6 CAP CAO  doub Y N 258 
NH6 CAM CAN  doub Y N 259 
NH6 CAV NAU  sing N N 260 
NH6 CAV CAW  sing N N 261 
NH6 CAO CAN  sing Y N 262 
NH6 CAO SAR  sing N N 263 
NH6 NAU SAR  sing N N 264 
NH6 CBG CAW  doub Y N 265 
NH6 CBG CBF  sing Y N 266 
NH6 CAW CBC  sing Y N 267 
NH6 SAR OAT  doub N N 268 
NH6 SAR OAS  doub N N 269 
NH6 CBF CBE  doub Y N 270 
NH6 CBC CBD  doub Y N 271 
NH6 CBE CBD  sing Y N 272 
NH6 CBE CL   sing N N 273 
NH6 CBC H1   sing N N 274 
NH6 CBD H2   sing N N 275 
NH6 CBF H3   sing N N 276 
NH6 CBG H4   sing N N 277 
NH6 CAV H5   sing N N 278 
NH6 CAV H6   sing N N 279 
NH6 CAX H7   sing N N 280 
NH6 CAY H8   sing N N 281 
NH6 CAY H9   sing N N 282 
NH6 CAZ H10  sing N N 283 
NH6 CAZ H11  sing N N 284 
NH6 CBA H12  sing N N 285 
NH6 CBA H13  sing N N 286 
NH6 CBB H14  sing N N 287 
NH6 CBB H15  sing N N 288 
NH6 CAP H16  sing N N 289 
NH6 CAQ H17  sing N N 290 
NH6 CAN H18  sing N N 291 
NH6 CAM H19  sing N N 292 
NH6 NAH H20  sing N N 293 
NH6 CAA H21  sing N N 294 
NH6 CAA H22  sing N N 295 
NH6 CAC H23  sing N N 296 
NH6 CAD H24  sing N N 297 
NH6 CAE H25  sing N N 298 
NH6 CAF H26  sing N N 299 
NH6 CAG H27  sing N N 300 
PHE N   CA   sing N N 301 
PHE N   H    sing N N 302 
PHE N   H2   sing N N 303 
PHE CA  C    sing N N 304 
PHE CA  CB   sing N N 305 
PHE CA  HA   sing N N 306 
PHE C   O    doub N N 307 
PHE C   OXT  sing N N 308 
PHE CB  CG   sing N N 309 
PHE CB  HB2  sing N N 310 
PHE CB  HB3  sing N N 311 
PHE CG  CD1  doub Y N 312 
PHE CG  CD2  sing Y N 313 
PHE CD1 CE1  sing Y N 314 
PHE CD1 HD1  sing N N 315 
PHE CD2 CE2  doub Y N 316 
PHE CD2 HD2  sing N N 317 
PHE CE1 CZ   doub Y N 318 
PHE CE1 HE1  sing N N 319 
PHE CE2 CZ   sing Y N 320 
PHE CE2 HE2  sing N N 321 
PHE CZ  HZ   sing N N 322 
PHE OXT HXT  sing N N 323 
PRO N   CA   sing N N 324 
PRO N   CD   sing N N 325 
PRO N   H    sing N N 326 
PRO CA  C    sing N N 327 
PRO CA  CB   sing N N 328 
PRO CA  HA   sing N N 329 
PRO C   O    doub N N 330 
PRO C   OXT  sing N N 331 
PRO CB  CG   sing N N 332 
PRO CB  HB2  sing N N 333 
PRO CB  HB3  sing N N 334 
PRO CG  CD   sing N N 335 
PRO CG  HG2  sing N N 336 
PRO CG  HG3  sing N N 337 
PRO CD  HD2  sing N N 338 
PRO CD  HD3  sing N N 339 
PRO OXT HXT  sing N N 340 
SER N   CA   sing N N 341 
SER N   H    sing N N 342 
SER N   H2   sing N N 343 
SER CA  C    sing N N 344 
SER CA  CB   sing N N 345 
SER CA  HA   sing N N 346 
SER C   O    doub N N 347 
SER C   OXT  sing N N 348 
SER CB  OG   sing N N 349 
SER CB  HB2  sing N N 350 
SER CB  HB3  sing N N 351 
SER OG  HG   sing N N 352 
SER OXT HXT  sing N N 353 
THR N   CA   sing N N 354 
THR N   H    sing N N 355 
THR N   H2   sing N N 356 
THR CA  C    sing N N 357 
THR CA  CB   sing N N 358 
THR CA  HA   sing N N 359 
THR C   O    doub N N 360 
THR C   OXT  sing N N 361 
THR CB  OG1  sing N N 362 
THR CB  CG2  sing N N 363 
THR CB  HB   sing N N 364 
THR OG1 HG1  sing N N 365 
THR CG2 HG21 sing N N 366 
THR CG2 HG22 sing N N 367 
THR CG2 HG23 sing N N 368 
THR OXT HXT  sing N N 369 
TRP N   CA   sing N N 370 
TRP N   H    sing N N 371 
TRP N   H2   sing N N 372 
TRP CA  C    sing N N 373 
TRP CA  CB   sing N N 374 
TRP CA  HA   sing N N 375 
TRP C   O    doub N N 376 
TRP C   OXT  sing N N 377 
TRP CB  CG   sing N N 378 
TRP CB  HB2  sing N N 379 
TRP CB  HB3  sing N N 380 
TRP CG  CD1  doub Y N 381 
TRP CG  CD2  sing Y N 382 
TRP CD1 NE1  sing Y N 383 
TRP CD1 HD1  sing N N 384 
TRP CD2 CE2  doub Y N 385 
TRP CD2 CE3  sing Y N 386 
TRP NE1 CE2  sing Y N 387 
TRP NE1 HE1  sing N N 388 
TRP CE2 CZ2  sing Y N 389 
TRP CE3 CZ3  doub Y N 390 
TRP CE3 HE3  sing N N 391 
TRP CZ2 CH2  doub Y N 392 
TRP CZ2 HZ2  sing N N 393 
TRP CZ3 CH2  sing Y N 394 
TRP CZ3 HZ3  sing N N 395 
TRP CH2 HH2  sing N N 396 
TRP OXT HXT  sing N N 397 
TYR N   CA   sing N N 398 
TYR N   H    sing N N 399 
TYR N   H2   sing N N 400 
TYR CA  C    sing N N 401 
TYR CA  CB   sing N N 402 
TYR CA  HA   sing N N 403 
TYR C   O    doub N N 404 
TYR C   OXT  sing N N 405 
TYR CB  CG   sing N N 406 
TYR CB  HB2  sing N N 407 
TYR CB  HB3  sing N N 408 
TYR CG  CD1  doub Y N 409 
TYR CG  CD2  sing Y N 410 
TYR CD1 CE1  sing Y N 411 
TYR CD1 HD1  sing N N 412 
TYR CD2 CE2  doub Y N 413 
TYR CD2 HD2  sing N N 414 
TYR CE1 CZ   doub Y N 415 
TYR CE1 HE1  sing N N 416 
TYR CE2 CZ   sing Y N 417 
TYR CE2 HE2  sing N N 418 
TYR CZ  OH   sing N N 419 
TYR OH  HH   sing N N 420 
TYR OXT HXT  sing N N 421 
VAL N   CA   sing N N 422 
VAL N   H    sing N N 423 
VAL N   H2   sing N N 424 
VAL CA  C    sing N N 425 
VAL CA  CB   sing N N 426 
VAL CA  HA   sing N N 427 
VAL C   O    doub N N 428 
VAL C   OXT  sing N N 429 
VAL CB  CG1  sing N N 430 
VAL CB  CG2  sing N N 431 
VAL CB  HB   sing N N 432 
VAL CG1 HG11 sing N N 433 
VAL CG1 HG12 sing N N 434 
VAL CG1 HG13 sing N N 435 
VAL CG2 HG21 sing N N 436 
VAL CG2 HG22 sing N N 437 
VAL CG2 HG23 sing N N 438 
VAL OXT HXT  sing N N 439 
# 
loop_
_pdbx_audit_support.funding_organization 
_pdbx_audit_support.country 
_pdbx_audit_support.grant_number 
_pdbx_audit_support.ordinal 
SFB                         Germany 'SFB 642'          1 
'European Research Council' Germany 'ERC Grant 268782' 2 
# 
_pdbx_initial_refinement_model.id               1 
_pdbx_initial_refinement_model.entity_id_list   ? 
_pdbx_initial_refinement_model.type             'experimental model' 
_pdbx_initial_refinement_model.source_name      PDB 
_pdbx_initial_refinement_model.accession_code   3T5G 
_pdbx_initial_refinement_model.details          ? 
# 
_atom_sites.entry_id                    5ML2 
_atom_sites.fract_transf_matrix[1][1]   0.01058372 
_atom_sites.fract_transf_matrix[1][2]   0.00025757 
_atom_sites.fract_transf_matrix[1][3]   -0.01784500 
_atom_sites.fract_transf_matrix[2][1]   -0.00584754 
_atom_sites.fract_transf_matrix[2][2]   0.01267876 
_atom_sites.fract_transf_matrix[2][3]   -0.01534849 
_atom_sites.fract_transf_matrix[3][1]   0.00516935 
_atom_sites.fract_transf_matrix[3][2]   0.00620402 
_atom_sites.fract_transf_matrix[3][3]   0.00315544 
_atom_sites.fract_transf_vector[1]      -0.163610 
_atom_sites.fract_transf_vector[2]      0.427372 
_atom_sites.fract_transf_vector[3]      0.076757 
# 
loop_
_atom_type.symbol 
C  
CL 
N  
O  
S  
# 
loop_
_atom_site.group_PDB 
_atom_site.id 
_atom_site.type_symbol 
_atom_site.label_atom_id 
_atom_site.label_alt_id 
_atom_site.label_comp_id 
_atom_site.label_asym_id 
_atom_site.label_entity_id 
_atom_site.label_seq_id 
_atom_site.pdbx_PDB_ins_code 
_atom_site.Cartn_x 
_atom_site.Cartn_y 
_atom_site.Cartn_z 
_atom_site.occupancy 
_atom_site.B_iso_or_equiv 
_atom_site.pdbx_formal_charge 
_atom_site.auth_seq_id 
_atom_site.auth_comp_id 
_atom_site.auth_asym_id 
_atom_site.auth_atom_id 
_atom_site.pdbx_PDB_model_num 
ATOM   1    N  N   . SER A 1 1   ? 22.655  -12.583 7.185   1.00 36.42 ? 2   SER B N   1 
ATOM   2    C  CA  . SER A 1 1   ? 23.349  -11.261 7.249   1.00 35.76 ? 2   SER B CA  1 
ATOM   3    C  C   . SER A 1 1   ? 22.706  -10.397 8.316   1.00 34.07 ? 2   SER B C   1 
ATOM   4    O  O   . SER A 1 1   ? 21.570  -10.677 8.733   1.00 33.12 ? 2   SER B O   1 
ATOM   5    C  CB  . SER A 1 1   ? 23.281  -10.550 5.894   1.00 39.81 ? 2   SER B CB  1 
ATOM   6    O  OG  . SER A 1 1   ? 21.973  -10.630 5.345   1.00 43.32 ? 2   SER B OG  1 
ATOM   7    N  N   . ALA A 1 2   ? 23.424  -9.363  8.749   1.00 32.02 ? 3   ALA B N   1 
ATOM   8    C  CA  . ALA A 1 2   ? 22.894  -8.410  9.717   1.00 32.47 ? 3   ALA B CA  1 
ATOM   9    C  C   . ALA A 1 2   ? 21.690  -7.677  9.112   1.00 32.53 ? 3   ALA B C   1 
ATOM   10   O  O   . ALA A 1 2   ? 20.699  -7.429  9.802   1.00 29.25 ? 3   ALA B O   1 
ATOM   11   C  CB  . ALA A 1 2   ? 23.959  -7.407  10.138  1.00 34.00 ? 3   ALA B CB  1 
ATOM   12   N  N   . LYS A 1 3   ? 21.793  -7.359  7.822   1.00 33.70 ? 4   LYS B N   1 
ATOM   13   C  CA  . LYS A 1 3   ? 20.722  -6.670  7.096   1.00 33.91 ? 4   LYS B CA  1 
ATOM   14   C  C   . LYS A 1 3   ? 19.449  -7.507  7.024   1.00 30.36 ? 4   LYS B C   1 
ATOM   15   O  O   . LYS A 1 3   ? 18.353  -6.981  7.217   1.00 26.43 ? 4   LYS B O   1 
ATOM   16   C  CB  . LYS A 1 3   ? 21.189  -6.295  5.684   1.00 38.31 ? 4   LYS B CB  1 
ATOM   17   C  CG  . LYS A 1 3   ? 22.323  -5.288  5.670   1.00 42.67 ? 4   LYS B CG  1 
ATOM   18   C  CD  . LYS A 1 3   ? 22.969  -5.186  4.295   1.00 46.38 ? 4   LYS B CD  1 
ATOM   19   C  CE  . LYS A 1 3   ? 24.402  -4.678  4.396   1.00 50.32 ? 4   LYS B CE  1 
ATOM   20   N  NZ  . LYS A 1 3   ? 25.047  -4.575  3.057   1.00 52.31 ? 4   LYS B NZ  1 
ATOM   21   N  N   . ASP A 1 4   ? 19.596  -8.800  6.751   1.00 29.74 ? 5   ASP B N   1 
ATOM   22   C  CA  . ASP A 1 4   ? 18.477  -9.752  6.703   1.00 29.32 ? 5   ASP B CA  1 
ATOM   23   C  C   . ASP A 1 4   ? 17.790  -9.835  8.082   1.00 24.46 ? 5   ASP B C   1 
ATOM   24   O  O   . ASP A 1 4   ? 16.564  -9.817  8.195   1.00 21.79 ? 5   ASP B O   1 
ATOM   25   C  CB  . ASP A 1 4   ? 18.989  -11.141 6.309   1.00 33.22 ? 5   ASP B CB  1 
ATOM   26   C  CG  . ASP A 1 4   ? 17.895  -12.058 5.794   1.00 37.81 ? 5   ASP B CG  1 
ATOM   27   O  OD1 . ASP A 1 4   ? 17.038  -12.506 6.592   1.00 48.02 ? 5   ASP B OD1 1 
ATOM   28   O  OD2 . ASP A 1 4   ? 17.901  -12.361 4.576   1.00 46.68 ? 5   ASP B OD2 1 
ATOM   29   N  N   . GLU A 1 5   ? 18.604  -9.918  9.124   1.00 23.55 ? 6   GLU B N   1 
ATOM   30   C  CA  . GLU A 1 5   ? 18.068  -9.937  10.479  1.00 21.59 ? 6   GLU B CA  1 
ATOM   31   C  C   . GLU A 1 5   ? 17.350  -8.626  10.791  1.00 19.13 ? 6   GLU B C   1 
ATOM   32   O  O   . GLU A 1 5   ? 16.261  -8.617  11.384  1.00 17.48 ? 6   GLU B O   1 
ATOM   33   C  CB  . GLU A 1 5   ? 19.195  -10.178 11.487  1.00 23.66 ? 6   GLU B CB  1 
ATOM   34   C  CG  . GLU A 1 5   ? 18.702  -10.443 12.893  1.00 26.77 ? 6   GLU B CG  1 
ATOM   35   C  CD  . GLU A 1 5   ? 18.008  -11.793 13.044  1.00 30.07 ? 6   GLU B CD  1 
ATOM   36   O  OE1 . GLU A 1 5   ? 18.137  -12.666 12.158  1.00 35.72 ? 6   GLU B OE1 1 
ATOM   37   O  OE2 . GLU A 1 5   ? 17.356  -11.998 14.080  1.00 38.08 ? 6   GLU B OE2 1 
ATOM   38   N  N   . ARG A 1 6   ? 17.950  -7.511  10.387  1.00 19.62 ? 7   ARG B N   1 
ATOM   39   C  CA  . ARG A 1 6   ? 17.362  -6.217  10.607  1.00 18.64 ? 7   ARG B CA  1 
ATOM   40   C  C   . ARG A 1 6   ? 16.017  -6.096  9.881   1.00 17.35 ? 7   ARG B C   1 
ATOM   41   O  O   . ARG A 1 6   ? 15.057  -5.605  10.470  1.00 17.34 ? 7   ARG B O   1 
ATOM   42   C  CB  . ARG A 1 6   ? 18.297  -5.104  10.128  1.00 20.83 ? 7   ARG B CB  1 
ATOM   43   C  CG  . ARG A 1 6   ? 17.752  -3.714  10.298  1.00 22.96 ? 7   ARG B CG  1 
ATOM   44   C  CD  . ARG A 1 6   ? 17.405  -3.480  11.737  1.00 24.96 ? 7   ARG B CD  1 
ATOM   45   N  NE  . ARG A 1 6   ? 16.874  -2.166  12.015  1.00 26.94 ? 7   ARG B NE  1 
ATOM   46   C  CZ  . ARG A 1 6   ? 16.158  -1.876  13.092  1.00 25.84 ? 7   ARG B CZ  1 
ATOM   47   N  NH1 . ARG A 1 6   ? 15.872  -2.822  13.980  1.00 23.55 ? 7   ARG B NH1 1 
ATOM   48   N  NH2 . ARG A 1 6   ? 15.722  -0.632  13.257  1.00 26.17 ? 7   ARG B NH2 1 
ATOM   49   N  N   . ALA A 1 7   ? 15.947  -6.549  8.624   1.00 17.97 ? 8   ALA B N   1 
ATOM   50   C  CA  . ALA A 1 7   ? 14.660  -6.529  7.895   1.00 17.87 ? 8   ALA B CA  1 
ATOM   51   C  C   . ALA A 1 7   ? 13.590  -7.327  8.649   1.00 17.08 ? 8   ALA B C   1 
ATOM   52   O  O   . ALA A 1 7   ? 12.434  -6.888  8.769   1.00 17.04 ? 8   ALA B O   1 
ATOM   53   C  CB  . ALA A 1 7   ? 14.829  -7.068  6.489   1.00 18.18 ? 8   ALA B CB  1 
ATOM   54   N  N   . ARG A 1 8   ? 13.963  -8.493  9.146   1.00 16.67 ? 9   ARG B N   1 
ATOM   55   C  CA  . ARG A 1 8   ? 13.027  -9.318  9.917   1.00 17.61 ? 9   ARG B CA  1 
ATOM   56   C  C   . ARG A 1 8   ? 12.578  -8.639  11.210  1.00 15.78 ? 9   ARG B C   1 
ATOM   57   O  O   . ARG A 1 8   ? 11.423  -8.774  11.594  1.00 15.90 ? 9   ARG B O   1 
ATOM   58   C  CB  . ARG A 1 8   ? 13.601  -10.700 10.213  1.00 19.91 ? 9   ARG B CB  1 
ATOM   59   C  CG  . ARG A 1 8   ? 13.754  -11.561 8.962   1.00 24.09 ? 9   ARG B CG  1 
ATOM   60   C  CD  . ARG A 1 8   ? 14.160  -12.975 9.327   1.00 29.50 ? 9   ARG B CD  1 
ATOM   61   N  NE  . ARG A 1 8   ? 14.419  -13.805 8.153   1.00 37.76 ? 9   ARG B NE  1 
ATOM   62   C  CZ  . ARG A 1 8   ? 14.760  -15.097 8.208   1.00 40.75 ? 9   ARG B CZ  1 
ATOM   63   N  NH1 . ARG A 1 8   ? 14.890  -15.718 9.382   1.00 43.91 ? 9   ARG B NH1 1 
ATOM   64   N  NH2 . ARG A 1 8   ? 14.969  -15.775 7.085   1.00 44.65 ? 9   ARG B NH2 1 
ATOM   65   N  N   . GLU A 1 9   ? 13.482  -7.919  11.883  1.00 15.24 ? 10  GLU B N   1 
ATOM   66   C  CA  . GLU A 1 9   ? 13.123  -7.204  13.099  1.00 15.79 ? 10  GLU B CA  1 
ATOM   67   C  C   . GLU A 1 9   ? 12.117  -6.080  12.788  1.00 14.72 ? 10  GLU B C   1 
ATOM   68   O  O   . GLU A 1 9   ? 11.138  -5.886  13.513  1.00 14.63 ? 10  GLU B O   1 
ATOM   69   C  CB  . GLU A 1 9   ? 14.384  -6.631  13.779  1.00 17.11 ? 10  GLU B CB  1 
ATOM   70   N  N   . ILE A 1 10  ? 12.346  -5.336  11.706  1.00 14.42 ? 11  ILE B N   1 
ATOM   71   C  CA  . ILE A 1 10  ? 11.418  -4.280  11.323  1.00 14.55 ? 11  ILE B CA  1 
ATOM   72   C  C   . ILE A 1 10  ? 10.038  -4.857  10.998  1.00 14.97 ? 11  ILE B C   1 
ATOM   73   O  O   . ILE A 1 10  ? 9.029   -4.356  11.461  1.00 15.32 ? 11  ILE B O   1 
ATOM   74   C  CB  . ILE A 1 10  ? 11.945  -3.451  10.137  1.00 15.67 ? 11  ILE B CB  1 
ATOM   75   C  CG1 . ILE A 1 10  ? 13.265  -2.763  10.525  1.00 16.30 ? 11  ILE B CG1 1 
ATOM   76   C  CG2 . ILE A 1 10  ? 10.909  -2.416  9.711   1.00 15.86 ? 11  ILE B CG2 1 
ATOM   77   C  CD1 . ILE A 1 10  ? 14.020  -2.187  9.353   1.00 16.36 ? 11  ILE B CD1 1 
ATOM   78   N  N   . LEU A 1 11  ? 10.023  -5.934  10.219  1.00 14.86 ? 12  LEU B N   1 
ATOM   79   C  CA  . LEU A 1 11  ? 8.760   -6.566  9.867   1.00 14.62 ? 12  LEU B CA  1 
ATOM   80   C  C   . LEU A 1 11  ? 8.035   -7.034  11.126  1.00 14.04 ? 12  LEU B C   1 
ATOM   81   O  O   . LEU A 1 11  ? 6.860   -6.756  11.301  1.00 15.30 ? 12  LEU B O   1 
ATOM   82   C  CB  . LEU A 1 11  ? 8.978   -7.693  8.879   1.00 15.28 ? 12  LEU B CB  1 
ATOM   83   C  CG  . LEU A 1 11  ? 7.693   -8.468  8.546   1.00 16.08 ? 12  LEU B CG  1 
ATOM   84   C  CD1 . LEU A 1 11  ? 6.591   -7.583  7.988   1.00 18.09 ? 12  LEU B CD1 1 
ATOM   85   C  CD2 . LEU A 1 11  ? 8.052   -9.603  7.620   1.00 17.31 ? 12  LEU B CD2 1 
ATOM   86   N  N   . ARG A 1 12  ? 8.757   -7.713  12.014  1.00 14.85 ? 13  ARG B N   1 
ATOM   87   C  CA  . ARG A 1 12  ? 8.160   -8.157  13.271  1.00 14.35 ? 13  ARG B CA  1 
ATOM   88   C  C   . ARG A 1 12  ? 7.492   -7.032  14.052  1.00 14.68 ? 13  ARG B C   1 
ATOM   89   O  O   . ARG A 1 12  ? 6.439   -7.246  14.670  1.00 15.38 ? 13  ARG B O   1 
ATOM   90   C  CB  . ARG A 1 12  ? 9.206   -8.835  14.156  1.00 14.11 ? 13  ARG B CB  1 
ATOM   91   C  CG  . ARG A 1 12  ? 8.722   -9.246  15.533  1.00 14.26 ? 13  ARG B CG  1 
ATOM   92   C  CD  . ARG A 1 12  ? 9.782   -10.003 16.340  1.00 14.23 ? 13  ARG B CD  1 
ATOM   93   N  NE  . ARG A 1 12  ? 9.208   -10.219 17.653  1.00 15.03 ? 13  ARG B NE  1 
ATOM   94   C  CZ  . ARG A 1 12  ? 8.300   -11.148 17.940  1.00 16.18 ? 13  ARG B CZ  1 
ATOM   95   N  NH1 . ARG A 1 12  ? 7.900   -12.038 17.039  1.00 15.77 ? 13  ARG B NH1 1 
ATOM   96   N  NH2 . ARG A 1 12  ? 7.756   -11.171 19.140  1.00 17.87 ? 13  ARG B NH2 1 
ATOM   97   N  N   . GLY A 1 13  ? 8.097   -5.848  14.037  1.00 14.41 ? 14  GLY B N   1 
ATOM   98   C  CA  . GLY A 1 13  ? 7.581   -4.720  14.783  1.00 14.86 ? 14  GLY B CA  1 
ATOM   99   C  C   . GLY A 1 13  ? 6.556   -3.864  14.102  1.00 15.06 ? 14  GLY B C   1 
ATOM   100  O  O   . GLY A 1 13  ? 6.079   -2.896  14.714  1.00 15.69 ? 14  GLY B O   1 
ATOM   101  N  N   . PHE A 1 14  ? 6.190   -4.198  12.862  1.00 14.63 ? 15  PHE B N   1 
ATOM   102  C  CA  . PHE A 1 14  ? 5.328   -3.334  12.051  1.00 15.84 ? 15  PHE B CA  1 
ATOM   103  C  C   . PHE A 1 14  ? 3.877   -3.810  12.049  1.00 15.21 ? 15  PHE B C   1 
ATOM   104  O  O   . PHE A 1 14  ? 3.615   -5.016  11.987  1.00 16.56 ? 15  PHE B O   1 
ATOM   105  C  CB  . PHE A 1 14  ? 5.842   -3.325  10.617  1.00 15.97 ? 15  PHE B CB  1 
ATOM   106  C  CG  . PHE A 1 14  ? 5.072   -2.421  9.685   1.00 17.25 ? 15  PHE B CG  1 
ATOM   107  C  CD1 . PHE A 1 14  ? 5.375   -1.066  9.611   1.00 19.03 ? 15  PHE B CD1 1 
ATOM   108  C  CD2 . PHE A 1 14  ? 4.090   -2.941  8.864   1.00 19.41 ? 15  PHE B CD2 1 
ATOM   109  C  CE1 . PHE A 1 14  ? 4.684   -0.229  8.722   1.00 19.69 ? 15  PHE B CE1 1 
ATOM   110  C  CE2 . PHE A 1 14  ? 3.404   -2.108  7.992   1.00 20.87 ? 15  PHE B CE2 1 
ATOM   111  C  CZ  . PHE A 1 14  ? 3.702   -0.759  7.931   1.00 20.57 ? 15  PHE B CZ  1 
ATOM   112  N  N   . LYS A 1 15  ? 2.933   -2.868  12.064  1.00 16.26 ? 16  LYS B N   1 
ATOM   113  C  CA  . LYS A 1 15  ? 1.539   -3.210  11.776  1.00 17.58 ? 16  LYS B CA  1 
ATOM   114  C  C   . LYS A 1 15  ? 0.864   -2.047  11.063  1.00 17.22 ? 16  LYS B C   1 
ATOM   115  O  O   . LYS A 1 15  ? 1.019   -0.891  11.452  1.00 18.05 ? 16  LYS B O   1 
ATOM   116  C  CB  . LYS A 1 15  ? 0.767   -3.514  13.055  1.00 19.84 ? 16  LYS B CB  1 
ATOM   117  C  CG  . LYS A 1 15  ? -0.609  -4.109  12.808  1.00 22.82 ? 16  LYS B CG  1 
ATOM   118  C  CD  . LYS A 1 15  ? -1.301  -4.594  14.075  1.00 26.27 ? 16  LYS B CD  1 
ATOM   119  C  CE  . LYS A 1 15  ? -2.617  -5.278  13.733  1.00 28.09 ? 16  LYS B CE  1 
ATOM   120  N  NZ  . LYS A 1 15  ? -3.462  -5.460  14.936  1.00 31.96 ? 16  LYS B NZ  1 
ATOM   121  N  N   . LEU A 1 16  ? 0.060   -2.366  10.049  1.00 17.43 ? 17  LEU B N   1 
ATOM   122  C  CA  . LEU A 1 16  ? -0.823  -1.402  9.439   1.00 18.85 ? 17  LEU B CA  1 
ATOM   123  C  C   . LEU A 1 16  ? -2.151  -1.523  10.182  1.00 18.75 ? 17  LEU B C   1 
ATOM   124  O  O   . LEU A 1 16  ? -2.772  -2.578  10.169  1.00 19.90 ? 17  LEU B O   1 
ATOM   125  C  CB  . LEU A 1 16  ? -0.962  -1.717  7.948   1.00 20.98 ? 17  LEU B CB  1 
ATOM   126  C  CG  . LEU A 1 16  ? -1.610  -0.693  7.029   1.00 25.08 ? 17  LEU B CG  1 
ATOM   127  C  CD1 . LEU A 1 16  ? -1.267  -1.035  5.582   1.00 25.50 ? 17  LEU B CD1 1 
ATOM   128  C  CD2 . LEU A 1 16  ? -3.104  -0.642  7.237   1.00 27.34 ? 17  LEU B CD2 1 
ATOM   129  N  N   . ASN A 1 17  ? -2.551  -0.444  10.852  1.00 18.58 ? 18  ASN B N   1 
ATOM   130  C  CA  . ASN A 1 17  ? -3.725  -0.443  11.739  1.00 19.36 ? 18  ASN B CA  1 
ATOM   131  C  C   . ASN A 1 17  ? -5.025  -0.165  11.004  1.00 20.75 ? 18  ASN B C   1 
ATOM   132  O  O   . ASN A 1 17  ? -6.022  -0.861  11.237  1.00 22.52 ? 18  ASN B O   1 
ATOM   133  C  CB  . ASN A 1 17  ? -3.556  0.583   12.833  1.00 19.90 ? 18  ASN B CB  1 
ATOM   134  C  CG  . ASN A 1 17  ? -2.315  0.343   13.673  1.00 20.83 ? 18  ASN B CG  1 
ATOM   135  O  OD1 . ASN A 1 17  ? -2.121  -0.745  14.200  1.00 22.42 ? 18  ASN B OD1 1 
ATOM   136  N  ND2 . ASN A 1 17  ? -1.466  1.354   13.778  1.00 20.92 ? 18  ASN B ND2 1 
ATOM   137  N  N   . TRP A 1 18  ? -5.010  0.842   10.148  1.00 19.56 ? 19  TRP B N   1 
ATOM   138  C  CA  . TRP A 1 18  ? -6.186  1.165   9.332   1.00 20.76 ? 19  TRP B CA  1 
ATOM   139  C  C   . TRP A 1 18  ? -5.773  1.950   8.111   1.00 20.35 ? 19  TRP B C   1 
ATOM   140  O  O   . TRP A 1 18  ? -4.676  2.484   8.043   1.00 19.28 ? 19  TRP B O   1 
ATOM   141  C  CB  . TRP A 1 18  ? -7.246  1.938   10.137  1.00 21.21 ? 19  TRP B CB  1 
ATOM   142  C  CG  . TRP A 1 18  ? -6.814  3.229   10.802  1.00 22.17 ? 19  TRP B CG  1 
ATOM   143  C  CD1 . TRP A 1 18  ? -6.474  3.383   12.114  1.00 23.39 ? 19  TRP B CD1 1 
ATOM   144  C  CD2 . TRP A 1 18  ? -6.705  4.531   10.205  1.00 23.68 ? 19  TRP B CD2 1 
ATOM   145  N  NE1 . TRP A 1 18  ? -6.157  4.691   12.370  1.00 23.93 ? 19  TRP B NE1 1 
ATOM   146  C  CE2 . TRP A 1 18  ? -6.296  5.424   11.224  1.00 25.19 ? 19  TRP B CE2 1 
ATOM   147  C  CE3 . TRP A 1 18  ? -6.911  5.033   8.916   1.00 25.28 ? 19  TRP B CE3 1 
ATOM   148  C  CZ2 . TRP A 1 18  ? -6.073  6.791   10.982  1.00 24.66 ? 19  TRP B CZ2 1 
ATOM   149  C  CZ3 . TRP A 1 18  ? -6.690  6.394   8.675   1.00 26.33 ? 19  TRP B CZ3 1 
ATOM   150  C  CH2 . TRP A 1 18  ? -6.279  7.255   9.710   1.00 26.60 ? 19  TRP B CH2 1 
ATOM   151  N  N   . MET A 1 19  ? -6.666  2.007   7.125   1.00 20.00 ? 20  MET B N   1 
ATOM   152  C  CA  . MET A 1 19  ? -6.389  2.725   5.927   1.00 20.56 ? 20  MET B CA  1 
ATOM   153  C  C   . MET A 1 19  ? -7.692  3.147   5.296   1.00 20.29 ? 20  MET B C   1 
ATOM   154  O  O   . MET A 1 19  ? -8.706  2.474   5.444   1.00 20.01 ? 20  MET B O   1 
ATOM   155  C  CB  . MET A 1 19  ? -5.607  1.830   4.965   1.00 21.46 ? 20  MET B CB  1 
ATOM   156  C  CG  . MET A 1 19  ? -5.278  2.433   3.618   1.00 23.70 ? 20  MET B CG  1 
ATOM   157  S  SD  . MET A 1 19  ? -4.002  1.479   2.767   1.00 26.53 ? 20  MET B SD  1 
ATOM   158  C  CE  . MET A 1 19  ? -4.619  -0.200  2.852   1.00 25.52 ? 20  MET B CE  1 
ATOM   159  N  N   . ASN A 1 20  ? -7.643  4.254   4.586   1.00 20.16 ? 21  ASN B N   1 
ATOM   160  C  CA  . ASN A 1 20  ? -8.771  4.658   3.741   1.00 23.14 ? 21  ASN B CA  1 
ATOM   161  C  C   . ASN A 1 20  ? -8.331  5.353   2.461   1.00 22.76 ? 21  ASN B C   1 
ATOM   162  O  O   . ASN A 1 20  ? -7.198  5.820   2.343   1.00 23.24 ? 21  ASN B O   1 
ATOM   163  C  CB  . ASN A 1 20  ? -9.775  5.503   4.535   1.00 24.87 ? 21  ASN B CB  1 
ATOM   164  C  CG  . ASN A 1 20  ? -9.207  6.831   5.004   1.00 26.45 ? 21  ASN B CG  1 
ATOM   165  O  OD1 . ASN A 1 20  ? -8.663  7.611   4.221   1.00 30.06 ? 21  ASN B OD1 1 
ATOM   166  N  ND2 . ASN A 1 20  ? -9.360  7.102   6.283   1.00 28.71 ? 21  ASN B ND2 1 
ATOM   167  N  N   . LEU A 1 21  ? -9.240  5.377   1.480   1.00 22.60 ? 22  LEU B N   1 
ATOM   168  C  CA  . LEU A 1 21  ? -9.039  6.055   0.224   1.00 23.03 ? 22  LEU B CA  1 
ATOM   169  C  C   . LEU A 1 21  ? -10.186 7.008   0.012   1.00 24.39 ? 22  LEU B C   1 
ATOM   170  O  O   . LEU A 1 21  ? -11.318 6.652   0.309   1.00 23.39 ? 22  LEU B O   1 
ATOM   171  C  CB  . LEU A 1 21  ? -9.098  5.070   -0.933  1.00 23.24 ? 22  LEU B CB  1 
ATOM   172  C  CG  . LEU A 1 21  ? -8.065  3.971   -1.083  1.00 24.83 ? 22  LEU B CG  1 
ATOM   173  C  CD1 . LEU A 1 21  ? -8.390  3.183   -2.345  1.00 25.22 ? 22  LEU B CD1 1 
ATOM   174  C  CD2 . LEU A 1 21  ? -6.654  4.520   -1.151  1.00 25.54 ? 22  LEU B CD2 1 
ATOM   175  N  N   . ARG A 1 22  ? -9.869  8.188   -0.509  1.00 24.69 ? 23  ARG B N   1 
ATOM   176  C  CA  . ARG A 1 22  ? -10.869 9.199   -0.853  1.00 27.26 ? 23  ARG B CA  1 
ATOM   177  C  C   . ARG A 1 22  ? -10.667 9.740   -2.252  1.00 27.20 ? 23  ARG B C   1 
ATOM   178  O  O   . ARG A 1 22  ? -9.565  9.806   -2.766  1.00 25.82 ? 23  ARG B O   1 
ATOM   179  C  CB  . ARG A 1 22  ? -10.803 10.357  0.126   1.00 27.44 ? 23  ARG B CB  1 
ATOM   180  C  CG  . ARG A 1 22  ? -11.282 9.999   1.521   1.00 31.20 ? 23  ARG B CG  1 
ATOM   181  C  CD  . ARG A 1 22  ? -10.803 11.002  2.549   1.00 34.96 ? 23  ARG B CD  1 
ATOM   182  N  NE  . ARG A 1 22  ? -11.285 10.629  3.874   1.00 40.42 ? 23  ARG B NE  1 
ATOM   183  C  CZ  . ARG A 1 22  ? -10.665 10.894  5.020   1.00 44.20 ? 23  ARG B CZ  1 
ATOM   184  N  NH1 . ARG A 1 22  ? -9.522  11.575  5.047   1.00 49.21 ? 23  ARG B NH1 1 
ATOM   185  N  NH2 . ARG A 1 22  ? -11.210 10.480  6.160   1.00 44.35 ? 23  ARG B NH2 1 
ATOM   186  N  N   . ASP A 1 23  ? -11.775 10.133  -2.867  1.00 27.22 ? 24  ASP B N   1 
ATOM   187  C  CA  . ASP A 1 23  ? -11.752 10.932  -4.075  1.00 28.94 ? 24  ASP B CA  1 
ATOM   188  C  C   . ASP A 1 23  ? -11.104 12.246  -3.655  1.00 29.88 ? 24  ASP B C   1 
ATOM   189  O  O   . ASP A 1 23  ? -11.590 12.928  -2.751  1.00 28.99 ? 24  ASP B O   1 
ATOM   190  C  CB  . ASP A 1 23  ? -13.195 11.126  -4.553  1.00 30.87 ? 24  ASP B CB  1 
ATOM   191  C  CG  . ASP A 1 23  ? -13.304 11.846  -5.893  1.00 32.18 ? 24  ASP B CG  1 
ATOM   192  O  OD1 . ASP A 1 23  ? -12.400 12.613  -6.260  1.00 33.16 ? 24  ASP B OD1 1 
ATOM   193  O  OD2 . ASP A 1 23  ? -14.331 11.639  -6.574  1.00 31.56 ? 24  ASP B OD2 1 
ATOM   194  N  N   . ALA A 1 24  ? -9.974  12.582  -4.269  1.00 30.45 ? 25  ALA B N   1 
ATOM   195  C  CA  . ALA A 1 24  ? -9.229  13.769  -3.846  1.00 32.25 ? 25  ALA B CA  1 
ATOM   196  C  C   . ALA A 1 24  ? -9.999  15.056  -4.133  1.00 34.46 ? 25  ALA B C   1 
ATOM   197  O  O   . ALA A 1 24  ? -9.830  16.049  -3.421  1.00 36.22 ? 25  ALA B O   1 
ATOM   198  C  CB  . ALA A 1 24  ? -7.864  13.806  -4.503  1.00 31.42 ? 25  ALA B CB  1 
ATOM   199  N  N   . GLU A 1 25  ? -10.853 15.035  -5.159  1.00 33.58 ? 26  GLU B N   1 
ATOM   200  C  CA  . GLU A 1 25  ? -11.638 16.218  -5.533  1.00 35.03 ? 26  GLU B CA  1 
ATOM   201  C  C   . GLU A 1 25  ? -12.780 16.480  -4.547  1.00 36.60 ? 26  GLU B C   1 
ATOM   202  O  O   . GLU A 1 25  ? -12.987 17.618  -4.126  1.00 40.44 ? 26  GLU B O   1 
ATOM   203  C  CB  . GLU A 1 25  ? -12.177 16.063  -6.946  1.00 35.13 ? 26  GLU B CB  1 
ATOM   204  N  N   . THR A 1 26  ? -13.504 15.428  -4.167  1.00 34.64 ? 27  THR B N   1 
ATOM   205  C  CA  . THR A 1 26  ? -14.685 15.560  -3.316  1.00 33.58 ? 27  THR B CA  1 
ATOM   206  C  C   . THR A 1 26  ? -14.447 15.243  -1.836  1.00 35.31 ? 27  THR B C   1 
ATOM   207  O  O   . THR A 1 26  ? -15.218 15.671  -0.970  1.00 35.55 ? 27  THR B O   1 
ATOM   208  C  CB  . THR A 1 26  ? -15.799 14.630  -3.816  1.00 33.82 ? 27  THR B CB  1 
ATOM   209  O  OG1 . THR A 1 26  ? -15.411 13.267  -3.581  1.00 29.57 ? 27  THR B OG1 1 
ATOM   210  C  CG2 . THR A 1 26  ? -16.052 14.831  -5.293  1.00 33.64 ? 27  THR B CG2 1 
ATOM   211  N  N   . GLY A 1 27  ? -13.397 14.475  -1.546  1.00 33.94 ? 28  GLY B N   1 
ATOM   212  C  CA  . GLY A 1 27  ? -13.176 13.943  -0.197  1.00 32.18 ? 28  GLY B CA  1 
ATOM   213  C  C   . GLY A 1 27  ? -14.101 12.809  0.231   1.00 31.37 ? 28  GLY B C   1 
ATOM   214  O  O   . GLY A 1 27  ? -14.100 12.400  1.397   1.00 32.41 ? 28  GLY B O   1 
ATOM   215  N  N   . LYS A 1 28  ? -14.894 12.271  -0.692  1.00 29.99 ? 29  LYS B N   1 
ATOM   216  C  CA  . LYS A 1 28  ? -15.777 11.167  -0.338  1.00 30.47 ? 29  LYS B CA  1 
ATOM   217  C  C   . LYS A 1 28  ? -14.928 9.901   -0.133  1.00 29.50 ? 29  LYS B C   1 
ATOM   218  O  O   . LYS A 1 28  ? -13.991 9.665   -0.895  1.00 28.97 ? 29  LYS B O   1 
ATOM   219  C  CB  . LYS A 1 28  ? -16.850 10.935  -1.417  1.00 32.93 ? 29  LYS B CB  1 
ATOM   220  C  CG  . LYS A 1 28  ? -18.167 11.691  -1.196  1.00 35.36 ? 29  LYS B CG  1 
ATOM   221  C  CD  . LYS A 1 28  ? -17.985 13.195  -1.070  1.00 38.95 ? 29  LYS B CD  1 
ATOM   222  C  CE  . LYS A 1 28  ? -19.304 13.960  -1.212  1.00 39.21 ? 29  LYS B CE  1 
ATOM   223  N  NZ  . LYS A 1 28  ? -19.915 13.867  -2.579  1.00 36.58 ? 29  LYS B NZ  1 
ATOM   224  N  N   . ILE A 1 29  ? -15.262 9.109   0.885   1.00 29.61 ? 30  ILE B N   1 
ATOM   225  C  CA  . ILE A 1 29  ? -14.599 7.809   1.118   1.00 30.82 ? 30  ILE B CA  1 
ATOM   226  C  C   . ILE A 1 29  ? -14.949 6.836   0.002   1.00 29.85 ? 30  ILE B C   1 
ATOM   227  O  O   . ILE A 1 29  ? -16.136 6.578   -0.278  1.00 29.99 ? 30  ILE B O   1 
ATOM   228  C  CB  . ILE A 1 29  ? -15.039 7.138   2.441   1.00 33.84 ? 30  ILE B CB  1 
ATOM   229  C  CG1 . ILE A 1 29  ? -14.719 8.035   3.630   1.00 36.98 ? 30  ILE B CG1 1 
ATOM   230  C  CG2 . ILE A 1 29  ? -14.368 5.769   2.605   1.00 34.52 ? 30  ILE B CG2 1 
ATOM   231  C  CD1 . ILE A 1 29  ? -13.253 8.126   3.982   1.00 38.13 ? 30  ILE B CD1 1 
ATOM   232  N  N   . LEU A 1 30  ? -13.914 6.284   -0.621  1.00 26.46 ? 31  LEU B N   1 
ATOM   233  C  CA  . LEU A 1 30  ? -14.059 5.238   -1.607  1.00 25.71 ? 31  LEU B CA  1 
ATOM   234  C  C   . LEU A 1 30  ? -13.833 3.859   -0.997  1.00 25.41 ? 31  LEU B C   1 
ATOM   235  O  O   . LEU A 1 30  ? -14.395 2.866   -1.460  1.00 25.90 ? 31  LEU B O   1 
ATOM   236  C  CB  . LEU A 1 30  ? -13.077 5.459   -2.755  1.00 26.65 ? 31  LEU B CB  1 
ATOM   237  C  CG  . LEU A 1 30  ? -13.198 6.780   -3.522  1.00 27.30 ? 31  LEU B CG  1 
ATOM   238  C  CD1 . LEU A 1 30  ? -12.064 6.937   -4.523  1.00 28.27 ? 31  LEU B CD1 1 
ATOM   239  C  CD2 . LEU A 1 30  ? -14.542 6.878   -4.236  1.00 28.87 ? 31  LEU B CD2 1 
ATOM   240  N  N   . TRP A 1 31  ? -13.027 3.780   0.060   1.00 22.93 ? 32  TRP B N   1 
ATOM   241  C  CA  . TRP A 1 31  ? -12.707 2.495   0.642   1.00 23.25 ? 32  TRP B CA  1 
ATOM   242  C  C   . TRP A 1 31  ? -12.176 2.732   2.051   1.00 21.88 ? 32  TRP B C   1 
ATOM   243  O  O   . TRP A 1 31  ? -11.483 3.711   2.286   1.00 22.05 ? 32  TRP B O   1 
ATOM   244  C  CB  . TRP A 1 31  ? -11.663 1.774   -0.215  1.00 22.68 ? 32  TRP B CB  1 
ATOM   245  C  CG  . TRP A 1 31  ? -11.338 0.388   0.280   1.00 22.92 ? 32  TRP B CG  1 
ATOM   246  C  CD1 . TRP A 1 31  ? -11.973 -0.778  -0.062  1.00 21.82 ? 32  TRP B CD1 1 
ATOM   247  C  CD2 . TRP A 1 31  ? -10.338 0.032   1.236   1.00 21.77 ? 32  TRP B CD2 1 
ATOM   248  N  NE1 . TRP A 1 31  ? -11.417 -1.834  0.610   1.00 21.28 ? 32  TRP B NE1 1 
ATOM   249  C  CE2 . TRP A 1 31  ? -10.409 -1.368  1.414   1.00 22.89 ? 32  TRP B CE2 1 
ATOM   250  C  CE3 . TRP A 1 31  ? -9.380  0.757   1.964   1.00 23.85 ? 32  TRP B CE3 1 
ATOM   251  C  CZ2 . TRP A 1 31  ? -9.571  -2.053  2.285   1.00 22.98 ? 32  TRP B CZ2 1 
ATOM   252  C  CZ3 . TRP A 1 31  ? -8.554  0.072   2.825   1.00 23.68 ? 32  TRP B CZ3 1 
ATOM   253  C  CH2 . TRP A 1 31  ? -8.649  -1.316  2.980   1.00 24.18 ? 32  TRP B CH2 1 
ATOM   254  N  N   . GLN A 1 32  ? -12.534 1.863   2.981   1.00 24.82 ? 33  GLN B N   1 
ATOM   255  C  CA  . GLN A 1 32  ? -11.866 1.852   4.270   1.00 26.32 ? 33  GLN B CA  1 
ATOM   256  C  C   . GLN A 1 32  ? -11.773 0.454   4.844   1.00 25.95 ? 33  GLN B C   1 
ATOM   257  O  O   . GLN A 1 32  ? -12.603 -0.411  4.580   1.00 27.78 ? 33  GLN B O   1 
ATOM   258  C  CB  . GLN A 1 32  ? -12.539 2.811   5.253   1.00 31.09 ? 33  GLN B CB  1 
ATOM   259  C  CG  . GLN A 1 32  ? -13.989 2.519   5.554   1.00 35.20 ? 33  GLN B CG  1 
ATOM   260  C  CD  . GLN A 1 32  ? -14.662 3.696   6.238   1.00 40.56 ? 33  GLN B CD  1 
ATOM   261  O  OE1 . GLN A 1 32  ? -14.004 4.505   6.896   1.00 45.35 ? 33  GLN B OE1 1 
ATOM   262  N  NE2 . GLN A 1 32  ? -15.973 3.801   6.079   1.00 44.50 ? 33  GLN B NE2 1 
ATOM   263  N  N   . GLY A 1 33  ? -10.722 0.211   5.610   1.00 24.29 ? 34  GLY B N   1 
ATOM   264  C  CA  . GLY A 1 33  ? -10.559 -1.096  6.211   1.00 24.92 ? 34  GLY B CA  1 
ATOM   265  C  C   . GLY A 1 33  ? -9.593  -1.065  7.362   1.00 25.30 ? 34  GLY B C   1 
ATOM   266  O  O   . GLY A 1 33  ? -8.837  -0.108  7.512   1.00 24.08 ? 34  GLY B O   1 
ATOM   267  N  N   . THR A 1 34  ? -9.640  -2.126  8.158   1.00 26.84 ? 35  THR B N   1 
ATOM   268  C  CA  . THR A 1 34  ? -8.672  -2.356  9.205   1.00 26.83 ? 35  THR B CA  1 
ATOM   269  C  C   . THR A 1 34  ? -7.862  -3.646  8.992   1.00 27.82 ? 35  THR B C   1 
ATOM   270  O  O   . THR A 1 34  ? -7.129  -4.043  9.890   1.00 31.14 ? 35  THR B O   1 
ATOM   271  C  CB  . THR A 1 34  ? -9.380  -2.404  10.569  1.00 27.69 ? 35  THR B CB  1 
ATOM   272  O  OG1 . THR A 1 34  ? -10.344 -3.459  10.555  1.00 28.50 ? 35  THR B OG1 1 
ATOM   273  C  CG2 . THR A 1 34  ? -10.080 -1.075  10.850  1.00 27.74 ? 35  THR B CG2 1 
ATOM   274  N  N   . GLU A 1 35  ? -8.001  -4.314  7.843   1.00 27.74 ? 36  GLU B N   1 
ATOM   275  C  CA  . GLU A 1 35  ? -7.200  -5.510  7.539   1.00 29.53 ? 36  GLU B CA  1 
ATOM   276  C  C   . GLU A 1 35  ? -5.790  -5.037  7.204   1.00 26.39 ? 36  GLU B C   1 
ATOM   277  O  O   . GLU A 1 35  ? -5.638  -4.106  6.406   1.00 25.69 ? 36  GLU B O   1 
ATOM   278  C  CB  . GLU A 1 35  ? -7.771  -6.258  6.321   1.00 32.29 ? 36  GLU B CB  1 
ATOM   279  C  CG  . GLU A 1 35  ? -6.999  -7.536  5.960   1.00 34.65 ? 36  GLU B CG  1 
ATOM   280  C  CD  . GLU A 1 35  ? -7.469  -8.226  4.682   1.00 36.33 ? 36  GLU B CD  1 
ATOM   281  O  OE1 . GLU A 1 35  ? -8.641  -8.030  4.269   1.00 39.10 ? 36  GLU B OE1 1 
ATOM   282  O  OE2 . GLU A 1 35  ? -6.655  -8.982  4.088   1.00 32.03 ? 36  GLU B OE2 1 
ATOM   283  N  N   . ASP A 1 36  ? -4.767  -5.658  7.790   1.00 23.46 ? 37  ASP B N   1 
ATOM   284  C  CA  . ASP A 1 36  ? -3.396  -5.305  7.432   1.00 22.26 ? 37  ASP B CA  1 
ATOM   285  C  C   . ASP A 1 36  ? -3.029  -5.947  6.078   1.00 21.04 ? 37  ASP B C   1 
ATOM   286  O  O   . ASP A 1 36  ? -2.553  -7.069  5.993   1.00 19.35 ? 37  ASP B O   1 
ATOM   287  C  CB  . ASP A 1 36  ? -2.377  -5.676  8.526   1.00 22.72 ? 37  ASP B CB  1 
ATOM   288  C  CG  . ASP A 1 36  ? -0.967  -5.171  8.207   1.00 25.25 ? 37  ASP B CG  1 
ATOM   289  O  OD1 . ASP A 1 36  ? -0.721  -4.817  7.044   1.00 25.18 ? 37  ASP B OD1 1 
ATOM   290  O  OD2 . ASP A 1 36  ? -0.076  -5.122  9.106   1.00 27.65 ? 37  ASP B OD2 1 
ATOM   291  N  N   . LEU A 1 37  ? -3.242  -5.180  5.016   1.00 21.03 ? 38  LEU B N   1 
ATOM   292  C  CA  . LEU A 1 37  ? -2.976  -5.625  3.651   1.00 21.41 ? 38  LEU B CA  1 
ATOM   293  C  C   . LEU A 1 37  ? -1.488  -5.727  3.339   1.00 22.56 ? 38  LEU B C   1 
ATOM   294  O  O   . LEU A 1 37  ? -1.136  -6.217  2.256   1.00 23.62 ? 38  LEU B O   1 
ATOM   295  C  CB  . LEU A 1 37  ? -3.629  -4.668  2.649   1.00 22.64 ? 38  LEU B CB  1 
ATOM   296  C  CG  . LEU A 1 37  ? -5.149  -4.561  2.727   1.00 23.13 ? 38  LEU B CG  1 
ATOM   297  C  CD1 . LEU A 1 37  ? -5.663  -3.575  1.688   1.00 25.04 ? 38  LEU B CD1 1 
ATOM   298  C  CD2 . LEU A 1 37  ? -5.852  -5.893  2.549   1.00 24.17 ? 38  LEU B CD2 1 
ATOM   299  N  N   . SER A 1 38  ? -0.638  -5.254  4.251   1.00 22.40 ? 39  SER B N   1 
ATOM   300  C  CA  . SER A 1 38  ? 0.823   -5.397  4.133   1.00 22.55 ? 39  SER B CA  1 
ATOM   301  C  C   . SER A 1 38  ? 1.363   -6.757  4.550   1.00 20.01 ? 39  SER B C   1 
ATOM   302  O  O   . SER A 1 38  ? 2.524   -7.023  4.312   1.00 20.64 ? 39  SER B O   1 
ATOM   303  C  CB  . SER A 1 38  ? 1.585   -4.309  4.908   1.00 24.17 ? 39  SER B CB  1 
ATOM   304  O  OG  . SER A 1 38  ? 1.601   -4.508  6.286   1.00 26.33 ? 39  SER B OG  1 
ATOM   305  N  N   . VAL A 1 39  ? 0.551   -7.616  5.177   1.00 18.31 ? 40  VAL B N   1 
ATOM   306  C  CA  . VAL A 1 39  ? 1.076   -8.899  5.662   1.00 17.58 ? 40  VAL B CA  1 
ATOM   307  C  C   . VAL A 1 39  ? 1.534   -9.750  4.490   1.00 18.08 ? 40  VAL B C   1 
ATOM   308  O  O   . VAL A 1 39  ? 0.754   -9.955  3.565   1.00 17.43 ? 40  VAL B O   1 
ATOM   309  C  CB  . VAL A 1 39  ? 0.030   -9.663  6.494   1.00 18.01 ? 40  VAL B CB  1 
ATOM   310  C  CG1 . VAL A 1 39  ? 0.549   -11.053 6.854   1.00 18.60 ? 40  VAL B CG1 1 
ATOM   311  C  CG2 . VAL A 1 39  ? -0.289  -8.905  7.772   1.00 18.65 ? 40  VAL B CG2 1 
ATOM   312  N  N   . PRO A 1 40  ? 2.784   -10.218 4.491   1.00 17.64 ? 41  PRO B N   1 
ATOM   313  C  CA  . PRO A 1 40  ? 3.273   -11.017 3.355   1.00 18.16 ? 41  PRO B CA  1 
ATOM   314  C  C   . PRO A 1 40  ? 2.806   -12.465 3.348   1.00 19.62 ? 41  PRO B C   1 
ATOM   315  O  O   . PRO A 1 40  ? 2.405   -13.027 4.390   1.00 19.95 ? 41  PRO B O   1 
ATOM   316  C  CB  . PRO A 1 40  ? 4.808   -10.974 3.484   1.00 20.33 ? 41  PRO B CB  1 
ATOM   317  C  CG  . PRO A 1 40  ? 5.085   -10.372 4.783   1.00 20.55 ? 41  PRO B CG  1 
ATOM   318  C  CD  . PRO A 1 40  ? 3.861   -9.840  5.424   1.00 18.43 ? 41  PRO B CD  1 
ATOM   319  N  N   . GLY A 1 41  ? 2.881   -13.063 2.164   1.00 20.46 ? 42  GLY B N   1 
ATOM   320  C  CA  . GLY A 1 41  ? 2.770   -14.501 2.002   1.00 21.81 ? 42  GLY B CA  1 
ATOM   321  C  C   . GLY A 1 41  ? 1.360   -15.013 1.801   1.00 23.67 ? 42  GLY B C   1 
ATOM   322  O  O   . GLY A 1 41  ? 1.166   -16.210 1.613   1.00 25.76 ? 42  GLY B O   1 
ATOM   323  N  N   . VAL A 1 42  ? 0.379   -14.108 1.842   1.00 22.72 ? 43  VAL B N   1 
ATOM   324  C  CA  . VAL A 1 42  ? -1.018  -14.443 1.580   1.00 23.77 ? 43  VAL B CA  1 
ATOM   325  C  C   . VAL A 1 42  ? -1.533  -13.457 0.529   1.00 22.06 ? 43  VAL B C   1 
ATOM   326  O  O   . VAL A 1 42  ? -1.170  -12.292 0.538   1.00 24.37 ? 43  VAL B O   1 
ATOM   327  C  CB  . VAL A 1 42  ? -1.874  -14.376 2.864   1.00 26.70 ? 43  VAL B CB  1 
ATOM   328  C  CG1 . VAL A 1 42  ? -1.992  -12.951 3.402   1.00 27.17 ? 43  VAL B CG1 1 
ATOM   329  C  CG2 . VAL A 1 42  ? -3.253  -14.957 2.628   1.00 30.78 ? 43  VAL B CG2 1 
ATOM   330  N  N   . GLU A 1 43  ? -2.351  -13.929 -0.397  1.00 22.09 ? 44  GLU B N   1 
ATOM   331  C  CA  . GLU A 1 43  ? -3.004  -13.010 -1.328  1.00 21.84 ? 44  GLU B CA  1 
ATOM   332  C  C   . GLU A 1 43  ? -4.215  -12.357 -0.695  1.00 21.32 ? 44  GLU B C   1 
ATOM   333  O  O   . GLU A 1 43  ? -5.248  -13.006 -0.493  1.00 25.13 ? 44  GLU B O   1 
ATOM   334  C  CB  . GLU A 1 43  ? -3.413  -13.702 -2.626  1.00 23.21 ? 44  GLU B CB  1 
ATOM   335  C  CG  . GLU A 1 43  ? -3.963  -12.727 -3.671  1.00 24.56 ? 44  GLU B CG  1 
ATOM   336  C  CD  . GLU A 1 43  ? -4.349  -13.434 -4.951  1.00 25.54 ? 44  GLU B CD  1 
ATOM   337  O  OE1 . GLU A 1 43  ? -3.452  -13.758 -5.754  1.00 29.09 ? 44  GLU B OE1 1 
ATOM   338  O  OE2 . GLU A 1 43  ? -5.558  -13.687 -5.127  1.00 29.08 ? 44  GLU B OE2 1 
ATOM   339  N  N   . HIS A 1 44  ? -4.110  -11.065 -0.399  1.00 18.27 ? 45  HIS B N   1 
ATOM   340  C  CA  . HIS A 1 44  ? -5.204  -10.316 0.150   1.00 16.53 ? 45  HIS B CA  1 
ATOM   341  C  C   . HIS A 1 44  ? -6.174  -10.008 -0.977  1.00 17.17 ? 45  HIS B C   1 
ATOM   342  O  O   . HIS A 1 44  ? -5.798  -10.075 -2.148  1.00 17.46 ? 45  HIS B O   1 
ATOM   343  C  CB  . HIS A 1 44  ? -4.733  -9.009  0.796   1.00 16.37 ? 45  HIS B CB  1 
ATOM   344  C  CG  . HIS A 1 44  ? -3.695  -9.199  1.863   1.00 16.41 ? 45  HIS B CG  1 
ATOM   345  N  ND1 . HIS A 1 44  ? -4.032  -9.432  3.178   1.00 17.64 ? 45  HIS B ND1 1 
ATOM   346  C  CD2 . HIS A 1 44  ? -2.341  -9.183  1.815   1.00 17.08 ? 45  HIS B CD2 1 
ATOM   347  C  CE1 . HIS A 1 44  ? -2.924  -9.567  3.895   1.00 17.63 ? 45  HIS B CE1 1 
ATOM   348  N  NE2 . HIS A 1 44  ? -1.887  -9.448  3.088   1.00 16.66 ? 45  HIS B NE2 1 
ATOM   349  N  N   . GLU A 1 45  ? -7.401  -9.709  -0.593  1.00 18.42 ? 46  GLU B N   1 
ATOM   350  C  CA  . GLU A 1 45  ? -8.440  -9.284  -1.521  1.00 19.47 ? 46  GLU B CA  1 
ATOM   351  C  C   . GLU A 1 45  ? -9.073  -7.983  -1.064  1.00 19.07 ? 46  GLU B C   1 
ATOM   352  O  O   . GLU A 1 45  ? -9.272  -7.761  0.139   1.00 20.92 ? 46  GLU B O   1 
ATOM   353  C  CB  . GLU A 1 45  ? -9.538  -10.341 -1.615  1.00 21.44 ? 46  GLU B CB  1 
ATOM   354  C  CG  . GLU A 1 45  ? -9.098  -11.646 -2.224  1.00 25.32 ? 46  GLU B CG  1 
ATOM   355  C  CD  . GLU A 1 45  ? -10.223 -12.664 -2.293  1.00 31.09 ? 46  GLU B CD  1 
ATOM   356  O  OE1 . GLU A 1 45  ? -11.205 -12.545 -1.518  1.00 34.47 ? 46  GLU B OE1 1 
ATOM   357  O  OE2 . GLU A 1 45  ? -10.112 -13.589 -3.116  1.00 35.85 ? 46  GLU B OE2 1 
ATOM   358  N  N   . ALA A 1 46  ? -9.422  -7.111  -2.007  1.00 17.21 ? 47  ALA B N   1 
ATOM   359  C  CA  . ALA A 1 46  ? -10.171 -5.921  -1.655  1.00 17.44 ? 47  ALA B CA  1 
ATOM   360  C  C   . ALA A 1 46  ? -11.165 -5.582  -2.731  1.00 18.24 ? 47  ALA B C   1 
ATOM   361  O  O   . ALA A 1 46  ? -10.874 -5.768  -3.903  1.00 17.77 ? 47  ALA B O   1 
ATOM   362  C  CB  . ALA A 1 46  ? -9.265  -4.721  -1.424  1.00 17.29 ? 47  ALA B CB  1 
ATOM   363  N  N   . ARG A 1 47  ? -12.301 -5.038  -2.314  1.00 18.28 ? 48  ARG B N   1 
ATOM   364  C  CA  . ARG A 1 47  ? -13.333 -4.584  -3.237  1.00 19.81 ? 48  ARG B CA  1 
ATOM   365  C  C   . ARG A 1 47  ? -13.391 -3.071  -3.200  1.00 20.23 ? 48  ARG B C   1 
ATOM   366  O  O   . ARG A 1 47  ? -13.593 -2.491  -2.109  1.00 22.96 ? 48  ARG B O   1 
ATOM   367  C  CB  . ARG A 1 47  ? -14.693 -5.117  -2.805  1.00 22.22 ? 48  ARG B CB  1 
ATOM   368  C  CG  . ARG A 1 47  ? -14.837 -6.603  -2.674  1.00 26.56 ? 48  ARG B CG  1 
ATOM   369  C  CD  . ARG A 1 47  ? -16.298 -6.833  -2.335  1.00 29.60 ? 48  ARG B CD  1 
ATOM   370  N  NE  . ARG A 1 47  ? -16.489 -7.874  -1.355  1.00 36.27 ? 48  ARG B NE  1 
ATOM   371  C  CZ  . ARG A 1 47  ? -17.627 -8.063  -0.692  1.00 35.73 ? 48  ARG B CZ  1 
ATOM   372  N  NH1 . ARG A 1 47  ? -18.658 -7.236  -0.867  1.00 35.60 ? 48  ARG B NH1 1 
ATOM   373  N  NH2 . ARG A 1 47  ? -17.721 -9.063  0.173   1.00 41.63 ? 48  ARG B NH2 1 
ATOM   374  N  N   . VAL A 1 48  ? -13.248 -2.437  -4.360  1.00 19.66 ? 49  VAL B N   1 
ATOM   375  C  CA  . VAL A 1 48  ? -13.287 -0.977  -4.473  1.00 20.80 ? 49  VAL B CA  1 
ATOM   376  C  C   . VAL A 1 48  ? -14.386 -0.573  -5.451  1.00 21.22 ? 49  VAL B C   1 
ATOM   377  O  O   . VAL A 1 48  ? -14.653 -1.293  -6.412  1.00 19.55 ? 49  VAL B O   1 
ATOM   378  C  CB  . VAL A 1 48  ? -11.940 -0.343  -4.893  1.00 21.68 ? 49  VAL B CB  1 
ATOM   379  C  CG1 . VAL A 1 48  ? -10.903 -0.549  -3.791  1.00 22.93 ? 49  VAL B CG1 1 
ATOM   380  C  CG2 . VAL A 1 48  ? -11.443 -0.875  -6.230  1.00 22.64 ? 49  VAL B CG2 1 
ATOM   381  N  N   . PRO A 1 49  ? -15.053 0.567   -5.198  1.00 20.83 ? 50  PRO B N   1 
ATOM   382  C  CA  . PRO A 1 49  ? -16.079 0.998   -6.149  1.00 21.21 ? 50  PRO B CA  1 
ATOM   383  C  C   . PRO A 1 49  ? -15.470 1.383   -7.495  1.00 20.45 ? 50  PRO B C   1 
ATOM   384  O  O   . PRO A 1 49  ? -14.435 2.047   -7.547  1.00 21.66 ? 50  PRO B O   1 
ATOM   385  C  CB  . PRO A 1 49  ? -16.692 2.221   -5.473  1.00 21.50 ? 50  PRO B CB  1 
ATOM   386  C  CG  . PRO A 1 49  ? -15.634 2.716   -4.552  1.00 22.21 ? 50  PRO B CG  1 
ATOM   387  C  CD  . PRO A 1 49  ? -14.906 1.507   -4.073  1.00 22.24 ? 50  PRO B CD  1 
ATOM   388  N  N   . LYS A 1 50  ? -16.113 0.983   -8.580  1.00 21.51 ? 51  LYS B N   1 
ATOM   389  C  CA  . LYS A 1 50  ? -15.521 1.166   -9.915  1.00 21.96 ? 51  LYS B CA  1 
ATOM   390  C  C   . LYS A 1 50  ? -15.256 2.630   -10.263 1.00 22.72 ? 51  LYS B C   1 
ATOM   391  O  O   . LYS A 1 50  ? -14.393 2.925   -11.098 1.00 21.89 ? 51  LYS B O   1 
ATOM   392  C  CB  . LYS A 1 50  ? -16.340 0.493   -11.016 1.00 24.83 ? 51  LYS B CB  1 
ATOM   393  C  CG  . LYS A 1 50  ? -17.733 1.063   -11.231 1.00 27.09 ? 51  LYS B CG  1 
ATOM   394  C  CD  . LYS A 1 50  ? -18.456 0.327   -12.354 1.00 29.98 ? 51  LYS B CD  1 
ATOM   395  C  CE  . LYS A 1 50  ? -19.840 0.907   -12.640 1.00 32.39 ? 51  LYS B CE  1 
ATOM   396  N  NZ  . LYS A 1 50  ? -19.785 2.319   -13.102 1.00 35.64 ? 51  LYS B NZ  1 
ATOM   397  N  N   . LYS A 1 51  ? -15.968 3.553   -9.627  1.00 23.06 ? 52  LYS B N   1 
ATOM   398  C  CA  . LYS A 1 51  ? -15.732 4.972   -9.866  1.00 23.41 ? 52  LYS B CA  1 
ATOM   399  C  C   . LYS A 1 51  ? -14.297 5.394   -9.590  1.00 22.93 ? 52  LYS B C   1 
ATOM   400  O  O   . LYS A 1 51  ? -13.828 6.384   -10.149 1.00 23.88 ? 52  LYS B O   1 
ATOM   401  C  CB  . LYS A 1 51  ? -16.687 5.849   -9.048  1.00 23.92 ? 52  LYS B CB  1 
ATOM   402  C  CG  . LYS A 1 51  ? -16.647 5.552   -7.562  1.00 25.61 ? 52  LYS B CG  1 
ATOM   403  C  CD  . LYS A 1 51  ? -17.382 6.590   -6.731  1.00 27.37 ? 52  LYS B CD  1 
ATOM   404  C  CE  . LYS A 1 51  ? -18.881 6.451   -6.939  1.00 28.22 ? 52  LYS B CE  1 
ATOM   405  N  NZ  . LYS A 1 51  ? -19.349 5.125   -6.438  1.00 29.10 ? 52  LYS B NZ  1 
ATOM   406  N  N   . ILE A 1 52  ? -13.600 4.635   -8.741  1.00 22.53 ? 53  ILE B N   1 
ATOM   407  C  CA  . ILE A 1 52  ? -12.215 4.933   -8.453  1.00 22.87 ? 53  ILE B CA  1 
ATOM   408  C  C   . ILE A 1 52  ? -11.382 5.031   -9.740  1.00 22.99 ? 53  ILE B C   1 
ATOM   409  O  O   . ILE A 1 52  ? -10.468 5.828   -9.818  1.00 23.24 ? 53  ILE B O   1 
ATOM   410  C  CB  . ILE A 1 52  ? -11.616 3.922   -7.459  1.00 22.77 ? 53  ILE B CB  1 
ATOM   411  C  CG1 . ILE A 1 52  ? -10.366 4.535   -6.819  1.00 23.77 ? 53  ILE B CG1 1 
ATOM   412  C  CG2 . ILE A 1 52  ? -11.331 2.568   -8.128  1.00 23.73 ? 53  ILE B CG2 1 
ATOM   413  C  CD1 . ILE A 1 52  ? -9.817  3.741   -5.667  1.00 24.05 ? 53  ILE B CD1 1 
ATOM   414  N  N   . LEU A 1 53  ? -11.735 4.251   -10.755 1.00 22.78 ? 54  LEU B N   1 
ATOM   415  C  CA  . LEU A 1 53  ? -10.993 4.233   -12.025 1.00 24.28 ? 54  LEU B CA  1 
ATOM   416  C  C   . LEU A 1 53  ? -11.148 5.509   -12.845 1.00 25.88 ? 54  LEU B C   1 
ATOM   417  O  O   . LEU A 1 53  ? -10.343 5.771   -13.756 1.00 26.76 ? 54  LEU B O   1 
ATOM   418  C  CB  . LEU A 1 53  ? -11.435 3.031   -12.862 1.00 23.63 ? 54  LEU B CB  1 
ATOM   419  C  CG  . LEU A 1 53  ? -11.110 1.682   -12.217 1.00 23.00 ? 54  LEU B CG  1 
ATOM   420  C  CD1 . LEU A 1 53  ? -11.845 0.565   -12.945 1.00 24.26 ? 54  LEU B CD1 1 
ATOM   421  C  CD2 . LEU A 1 53  ? -9.607  1.425   -12.141 1.00 23.05 ? 54  LEU B CD2 1 
ATOM   422  N  N   . LYS A 1 54  ? -12.183 6.288   -12.536 1.00 25.41 ? 55  LYS B N   1 
ATOM   423  C  CA  . LYS A 1 54  ? -12.445 7.559   -13.203 1.00 28.44 ? 55  LYS B CA  1 
ATOM   424  C  C   . LYS A 1 54  ? -11.885 8.757   -12.435 1.00 29.43 ? 55  LYS B C   1 
ATOM   425  O  O   . LYS A 1 54  ? -11.952 9.879   -12.931 1.00 29.87 ? 55  LYS B O   1 
ATOM   426  C  CB  . LYS A 1 54  ? -13.955 7.785   -13.343 1.00 30.86 ? 55  LYS B CB  1 
ATOM   427  C  CG  . LYS A 1 54  ? -14.761 6.659   -13.961 1.00 35.01 ? 55  LYS B CG  1 
ATOM   428  C  CD  . LYS A 1 54  ? -14.374 6.419   -15.405 1.00 38.79 ? 55  LYS B CD  1 
ATOM   429  C  CE  . LYS A 1 54  ? -15.457 5.653   -16.154 1.00 40.32 ? 55  LYS B CE  1 
ATOM   430  N  NZ  . LYS A 1 54  ? -15.306 5.833   -17.623 1.00 42.85 ? 55  LYS B NZ  1 
ATOM   431  N  N   . CYS A 1 55  ? -11.383 8.531   -11.216 1.00 28.52 ? 56  CYS B N   1 
ATOM   432  C  CA  . CYS A 1 55  ? -10.800 9.606   -10.411 1.00 28.89 ? 56  CYS B CA  1 
ATOM   433  C  C   . CYS A 1 55  ? -9.496  10.085  -11.003 1.00 30.04 ? 56  CYS B C   1 
ATOM   434  O  O   . CYS A 1 55  ? -8.629  9.278   -11.342 1.00 30.47 ? 56  CYS B O   1 
ATOM   435  C  CB  . CYS A 1 55  ? -10.545 9.149   -8.969  1.00 29.10 ? 56  CYS B CB  1 
ATOM   436  S  SG  . CYS A 1 55  ? -12.051 8.893   -8.027  1.00 30.31 ? 56  CYS B SG  1 
ATOM   437  N  N   . LYS A 1 56  ? -9.344  11.408  -11.104 1.00 30.36 ? 57  LYS B N   1 
ATOM   438  C  CA  . LYS A 1 56  ? -8.097  12.002  -11.556 1.00 33.18 ? 57  LYS B CA  1 
ATOM   439  C  C   . LYS A 1 56  ? -7.018  11.828  -10.484 1.00 30.32 ? 57  LYS B C   1 
ATOM   440  O  O   . LYS A 1 56  ? -5.845  11.676  -10.807 1.00 32.03 ? 57  LYS B O   1 
ATOM   441  C  CB  . LYS A 1 56  ? -8.296  13.492  -11.843 1.00 38.82 ? 57  LYS B CB  1 
ATOM   442  C  CG  . LYS A 1 56  ? -7.115  14.147  -12.535 1.00 43.80 ? 57  LYS B CG  1 
ATOM   443  C  CD  . LYS A 1 56  ? -7.164  15.656  -12.363 1.00 47.41 ? 57  LYS B CD  1 
ATOM   444  C  CE  . LYS A 1 56  ? -6.053  16.337  -13.143 1.00 49.69 ? 57  LYS B CE  1 
ATOM   445  N  NZ  . LYS A 1 56  ? -6.202  17.818  -13.104 1.00 52.52 ? 57  LYS B NZ  1 
ATOM   446  N  N   . ALA A 1 57  ? -7.439  11.858  -9.225  1.00 28.91 ? 58  ALA B N   1 
ATOM   447  C  CA  . ALA A 1 57  ? -6.536  11.642  -8.091  1.00 29.64 ? 58  ALA B CA  1 
ATOM   448  C  C   . ALA A 1 57  ? -7.278  11.045  -6.894  1.00 28.08 ? 58  ALA B C   1 
ATOM   449  O  O   . ALA A 1 57  ? -8.434  11.386  -6.600  1.00 29.00 ? 58  ALA B O   1 
ATOM   450  C  CB  . ALA A 1 57  ? -5.865  12.953  -7.687  1.00 29.61 ? 58  ALA B CB  1 
ATOM   451  N  N   . VAL A 1 58  ? -6.574  10.161  -6.189  1.00 26.86 ? 59  VAL B N   1 
ATOM   452  C  CA  . VAL A 1 58  ? -7.078  9.516   -4.997  1.00 26.04 ? 59  VAL B CA  1 
ATOM   453  C  C   . VAL A 1 58  ? -6.132  9.901   -3.859  1.00 25.64 ? 59  VAL B C   1 
ATOM   454  O  O   . VAL A 1 58  ? -4.910  9.906   -4.053  1.00 27.41 ? 59  VAL B O   1 
ATOM   455  C  CB  . VAL A 1 58  ? -7.099  7.982   -5.181  1.00 26.78 ? 59  VAL B CB  1 
ATOM   456  C  CG1 . VAL A 1 58  ? -7.307  7.250   -3.868  1.00 28.39 ? 59  VAL B CG1 1 
ATOM   457  C  CG2 . VAL A 1 58  ? -8.200  7.602   -6.168  1.00 27.48 ? 59  VAL B CG2 1 
ATOM   458  N  N   . SER A 1 59  ? -6.709  10.252  -2.719  1.00 23.68 ? 60  SER B N   1 
ATOM   459  C  CA  . SER A 1 59  ? -5.946  10.488  -1.489  1.00 26.06 ? 60  SER B CA  1 
ATOM   460  C  C   . SER A 1 59  ? -6.028  9.284   -0.565  1.00 24.48 ? 60  SER B C   1 
ATOM   461  O  O   . SER A 1 59  ? -7.114  8.834   -0.192  1.00 23.92 ? 60  SER B O   1 
ATOM   462  C  CB  . SER A 1 59  ? -6.490  11.719  -0.774  1.00 27.17 ? 60  SER B CB  1 
ATOM   463  O  OG  . SER A 1 59  ? -5.755  12.012  0.407   1.00 31.61 ? 60  SER B OG  1 
ATOM   464  N  N   . ARG A 1 60  ? -4.866  8.780   -0.151  1.00 22.44 ? 61  ARG B N   1 
ATOM   465  C  CA  . ARG A 1 60  ? -4.810  7.622   0.724   1.00 21.88 ? 61  ARG B CA  1 
ATOM   466  C  C   . ARG A 1 60  ? -4.276  8.032   2.089   1.00 20.63 ? 61  ARG B C   1 
ATOM   467  O  O   . ARG A 1 60  ? -3.316  8.804   2.144   1.00 22.55 ? 61  ARG B O   1 
ATOM   468  C  CB  . ARG A 1 60  ? -3.881  6.593   0.131   1.00 21.24 ? 61  ARG B CB  1 
ATOM   469  C  CG  . ARG A 1 60  ? -3.706  5.363   1.003   1.00 20.90 ? 61  ARG B CG  1 
ATOM   470  C  CD  . ARG A 1 60  ? -2.905  4.338   0.268   1.00 20.83 ? 61  ARG B CD  1 
ATOM   471  N  NE  . ARG A 1 60  ? -1.485  4.688   0.161   1.00 19.75 ? 61  ARG B NE  1 
ATOM   472  C  CZ  . ARG A 1 60  ? -0.651  4.215   -0.765  1.00 21.19 ? 61  ARG B CZ  1 
ATOM   473  N  NH1 . ARG A 1 60  ? -1.085  3.422   -1.743  1.00 20.21 ? 61  ARG B NH1 1 
ATOM   474  N  NH2 . ARG A 1 60  ? 0.636   4.558   -0.739  1.00 21.42 ? 61  ARG B NH2 1 
ATOM   475  N  N   . GLU A 1 61  ? -4.907  7.526   3.146   1.00 20.16 ? 62  GLU B N   1 
ATOM   476  C  CA  . GLU A 1 61  ? -4.380  7.647   4.513   1.00 23.98 ? 62  GLU B CA  1 
ATOM   477  C  C   . GLU A 1 61  ? -4.104  6.260   5.061   1.00 23.88 ? 62  GLU B C   1 
ATOM   478  O  O   . GLU A 1 61  ? -4.991  5.416   5.064   1.00 22.88 ? 62  GLU B O   1 
ATOM   479  C  CB  . GLU A 1 61  ? -5.384  8.301   5.440   1.00 28.98 ? 62  GLU B CB  1 
ATOM   480  C  CG  . GLU A 1 61  ? -5.559  9.786   5.284   1.00 32.96 ? 62  GLU B CG  1 
ATOM   481  C  CD  . GLU A 1 61  ? -6.299  10.374  6.476   1.00 38.20 ? 62  GLU B CD  1 
ATOM   482  O  OE1 . GLU A 1 61  ? -7.342  9.803   6.882   1.00 42.36 ? 62  GLU B OE1 1 
ATOM   483  O  OE2 . GLU A 1 61  ? -5.826  11.391  7.024   1.00 44.37 ? 62  GLU B OE2 1 
ATOM   484  N  N   . LEU A 1 62  ? -2.899  6.064   5.584   1.00 22.28 ? 63  LEU B N   1 
ATOM   485  C  CA  . LEU A 1 62  ? -2.409  4.758   6.018   1.00 23.31 ? 63  LEU B CA  1 
ATOM   486  C  C   . LEU A 1 62  ? -1.839  4.971   7.423   1.00 22.01 ? 63  LEU B C   1 
ATOM   487  O  O   . LEU A 1 62  ? -0.879  5.727   7.583   1.00 24.62 ? 63  LEU B O   1 
ATOM   488  C  CB  . LEU A 1 62  ? -1.333  4.313   5.028   1.00 25.76 ? 63  LEU B CB  1 
ATOM   489  C  CG  . LEU A 1 62  ? -0.688  2.937   5.073   1.00 28.67 ? 63  LEU B CG  1 
ATOM   490  C  CD1 . LEU A 1 62  ? 0.102   2.732   3.794   1.00 29.97 ? 63  LEU B CD1 1 
ATOM   491  C  CD2 . LEU A 1 62  ? 0.202   2.780   6.298   1.00 28.99 ? 63  LEU B CD2 1 
ATOM   492  N  N   . ASN A 1 63  ? -2.419  4.310   8.410   1.00 19.27 ? 64  ASN B N   1 
ATOM   493  C  CA  . ASN A 1 63  ? -1.996  4.466   9.809   1.00 19.70 ? 64  ASN B CA  1 
ATOM   494  C  C   . ASN A 1 63  ? -1.254  3.208   10.235  1.00 18.89 ? 64  ASN B C   1 
ATOM   495  O  O   . ASN A 1 63  ? -1.792  2.113   10.120  1.00 18.00 ? 64  ASN B O   1 
ATOM   496  C  CB  . ASN A 1 63  ? -3.192  4.705   10.724  1.00 20.96 ? 64  ASN B CB  1 
ATOM   497  C  CG  . ASN A 1 63  ? -2.806  4.868   12.188  1.00 21.36 ? 64  ASN B CG  1 
ATOM   498  O  OD1 . ASN A 1 63  ? -2.688  3.878   12.928  1.00 23.35 ? 64  ASN B OD1 1 
ATOM   499  N  ND2 . ASN A 1 63  ? -2.651  6.117   12.622  1.00 24.59 ? 64  ASN B ND2 1 
ATOM   500  N  N   . PHE A 1 64  ? -0.026  3.385   10.715  1.00 18.47 ? 65  PHE B N   1 
ATOM   501  C  CA  . PHE A 1 64  ? 0.845   2.259   11.007  1.00 17.45 ? 65  PHE B CA  1 
ATOM   502  C  C   . PHE A 1 64  ? 1.586   2.458   12.324  1.00 18.01 ? 65  PHE B C   1 
ATOM   503  O  O   . PHE A 1 64  ? 1.832   3.585   12.752  1.00 18.01 ? 65  PHE B O   1 
ATOM   504  C  CB  . PHE A 1 64  ? 1.821   2.026   9.851   1.00 18.21 ? 65  PHE B CB  1 
ATOM   505  C  CG  . PHE A 1 64  ? 2.890   3.085   9.701   1.00 18.22 ? 65  PHE B CG  1 
ATOM   506  C  CD1 . PHE A 1 64  ? 2.680   4.217   8.927   1.00 18.48 ? 65  PHE B CD1 1 
ATOM   507  C  CD2 . PHE A 1 64  ? 4.101   2.949   10.353  1.00 18.67 ? 65  PHE B CD2 1 
ATOM   508  C  CE1 . PHE A 1 64  ? 3.670   5.184   8.782   1.00 19.39 ? 65  PHE B CE1 1 
ATOM   509  C  CE2 . PHE A 1 64  ? 5.089   3.908   10.205  1.00 19.35 ? 65  PHE B CE2 1 
ATOM   510  C  CZ  . PHE A 1 64  ? 4.874   5.026   9.438   1.00 19.99 ? 65  PHE B CZ  1 
ATOM   511  N  N   . SER A 1 65  ? 1.979   1.336   12.913  1.00 17.69 ? 66  SER B N   1 
ATOM   512  C  CA  . SER A 1 65  ? 2.823   1.364   14.096  1.00 17.90 ? 66  SER B CA  1 
ATOM   513  C  C   . SER A 1 65  ? 4.134   0.639   13.781  1.00 17.40 ? 66  SER B C   1 
ATOM   514  O  O   . SER A 1 65  ? 4.168   -0.296  12.982  1.00 17.10 ? 66  SER B O   1 
ATOM   515  C  CB  . SER A 1 65  ? 2.098   0.680   15.223  1.00 18.67 ? 66  SER B CB  1 
ATOM   516  O  OG  . SER A 1 65  ? 0.863   1.349   15.531  1.00 20.31 ? 66  SER B OG  1 
ATOM   517  N  N   . SER A 1 66  ? 5.222   1.052   14.431  1.00 16.55 ? 67  SER B N   1 
ATOM   518  C  CA  . SER A 1 66  ? 6.509   0.411   14.218  1.00 16.23 ? 67  SER B CA  1 
ATOM   519  C  C   . SER A 1 66  ? 7.288   0.396   15.518  1.00 17.28 ? 67  SER B C   1 
ATOM   520  O  O   . SER A 1 66  ? 7.557   1.447   16.042  1.00 17.43 ? 67  SER B O   1 
ATOM   521  C  CB  . SER A 1 66  ? 7.313   1.190   13.181  1.00 17.20 ? 67  SER B CB  1 
ATOM   522  O  OG  . SER A 1 66  ? 8.535   0.551   12.901  1.00 16.21 ? 67  SER B OG  1 
ATOM   523  N  N   . THR A 1 67  ? 7.656   -0.772  16.026  1.00 16.49 ? 68  THR B N   1 
ATOM   524  C  CA  . THR A 1 67  ? 8.530   -0.813  17.214  1.00 16.50 ? 68  THR B CA  1 
ATOM   525  C  C   . THR A 1 67  ? 9.919   -0.332  16.833  1.00 16.42 ? 68  THR B C   1 
ATOM   526  O  O   . THR A 1 67  ? 10.609  0.280   17.653  1.00 18.28 ? 68  THR B O   1 
ATOM   527  C  CB  . THR A 1 67  ? 8.656   -2.204  17.857  1.00 17.57 ? 68  THR B CB  1 
ATOM   528  O  OG1 . THR A 1 67  ? 9.302   -3.116  16.972  1.00 19.43 ? 68  THR B OG1 1 
ATOM   529  C  CG2 . THR A 1 67  ? 7.309   -2.729  18.268  1.00 17.72 ? 68  THR B CG2 1 
ATOM   530  N  N   . GLU A 1 68  ? 10.354  -0.639  15.619  1.00 16.24 ? 69  GLU B N   1 
ATOM   531  C  CA  . GLU A 1 68  ? 11.705  -0.298  15.177  1.00 16.64 ? 69  GLU B CA  1 
ATOM   532  C  C   . GLU A 1 68  ? 11.810  1.094   14.594  1.00 17.01 ? 69  GLU B C   1 
ATOM   533  O  O   . GLU A 1 68  ? 10.925  1.574   13.891  1.00 17.03 ? 69  GLU B O   1 
ATOM   534  C  CB  . GLU A 1 68  ? 12.224  -1.326  14.158  1.00 16.89 ? 69  GLU B CB  1 
ATOM   535  C  CG  . GLU A 1 68  ? 12.236  -2.744  14.677  1.00 17.18 ? 69  GLU B CG  1 
ATOM   536  C  CD  . GLU A 1 68  ? 12.844  -2.858  16.052  1.00 18.57 ? 69  GLU B CD  1 
ATOM   537  O  OE1 . GLU A 1 68  ? 14.074  -2.722  16.134  1.00 20.50 ? 69  GLU B OE1 1 
ATOM   538  O  OE2 . GLU A 1 68  ? 12.095  -3.029  17.035  1.00 20.91 ? 69  GLU B OE2 1 
ATOM   539  N  N   . GLN A 1 69  ? 12.935  1.730   14.870  1.00 16.32 ? 70  GLN B N   1 
ATOM   540  C  CA  . GLN A 1 69  ? 13.305  2.941   14.159  1.00 16.85 ? 70  GLN B CA  1 
ATOM   541  C  C   . GLN A 1 69  ? 13.573  2.642   12.694  1.00 16.52 ? 70  GLN B C   1 
ATOM   542  O  O   . GLN A 1 69  ? 14.212  1.627   12.372  1.00 17.47 ? 70  GLN B O   1 
ATOM   543  C  CB  . GLN A 1 69  ? 14.557  3.536   14.775  1.00 17.17 ? 70  GLN B CB  1 
ATOM   544  C  CG  . GLN A 1 69  ? 15.012  4.835   14.154  1.00 16.93 ? 70  GLN B CG  1 
ATOM   545  C  CD  . GLN A 1 69  ? 16.108  5.478   15.004  1.00 16.89 ? 70  GLN B CD  1 
ATOM   546  O  OE1 . GLN A 1 69  ? 15.870  5.854   16.149  1.00 18.20 ? 70  GLN B OE1 1 
ATOM   547  N  NE2 . GLN A 1 69  ? 17.290  5.599   14.443  1.00 18.50 ? 70  GLN B NE2 1 
ATOM   548  N  N   . MET A 1 70  ? 13.092  3.519   11.809  1.00 18.26 ? 71  MET B N   1 
ATOM   549  C  CA  . MET A 1 70  ? 13.492  3.449   10.403  1.00 17.97 ? 71  MET B CA  1 
ATOM   550  C  C   . MET A 1 70  ? 14.065  4.778   9.963   1.00 18.68 ? 71  MET B C   1 
ATOM   551  O  O   . MET A 1 70  ? 13.550  5.829   10.354  1.00 20.10 ? 71  MET B O   1 
ATOM   552  C  CB  . MET A 1 70  ? 12.301  3.068   9.513   1.00 19.50 ? 71  MET B CB  1 
ATOM   553  C  CG  . MET A 1 70  ? 11.840  1.637   9.726   1.00 19.04 ? 71  MET B CG  1 
ATOM   554  S  SD  . MET A 1 70  ? 10.621  1.144   8.484   1.00 21.27 ? 71  MET B SD  1 
ATOM   555  C  CE  . MET A 1 70  ? 9.121   1.390   9.372   1.00 22.70 ? 71  MET B CE  1 
ATOM   556  N  N   . GLU A 1 71  ? 15.109  4.721   9.156   1.00 21.55 ? 72  GLU B N   1 
ATOM   557  C  CA  . GLU A 1 71  ? 15.780  5.925   8.681   1.00 24.38 ? 72  GLU B CA  1 
ATOM   558  C  C   . GLU A 1 71  ? 15.028  6.553   7.506   1.00 23.66 ? 72  GLU B C   1 
ATOM   559  O  O   . GLU A 1 71  ? 14.877  7.786   7.421   1.00 24.81 ? 72  GLU B O   1 
ATOM   560  C  CB  . GLU A 1 71  ? 17.216  5.591   8.279   1.00 28.05 ? 72  GLU B CB  1 
ATOM   561  C  CG  . GLU A 1 71  ? 18.048  4.881   9.353   1.00 33.75 ? 72  GLU B CG  1 
ATOM   562  C  CD  . GLU A 1 71  ? 18.146  5.656   10.656  1.00 40.41 ? 72  GLU B CD  1 
ATOM   563  O  OE1 . GLU A 1 71  ? 18.164  6.907   10.616  1.00 47.55 ? 72  GLU B OE1 1 
ATOM   564  O  OE2 . GLU A 1 71  ? 18.214  5.005   11.725  1.00 43.58 ? 72  GLU B OE2 1 
ATOM   565  N  N   . LYS A 1 72  ? 14.507  5.710   6.613   1.00 21.72 ? 73  LYS B N   1 
ATOM   566  C  CA  . LYS A 1 72  ? 13.835  6.199   5.404   1.00 21.29 ? 73  LYS B CA  1 
ATOM   567  C  C   . LYS A 1 72  ? 12.777  5.199   4.923   1.00 18.63 ? 73  LYS B C   1 
ATOM   568  O  O   . LYS A 1 72  ? 12.971  4.469   3.956   1.00 20.25 ? 73  LYS B O   1 
ATOM   569  C  CB  . LYS A 1 72  ? 14.832  6.450   4.286   1.00 23.24 ? 73  LYS B CB  1 
ATOM   570  C  CG  . LYS A 1 72  ? 14.240  7.234   3.124   1.00 28.02 ? 73  LYS B CG  1 
ATOM   571  C  CD  . LYS A 1 72  ? 15.308  7.577   2.098   1.00 30.99 ? 73  LYS B CD  1 
ATOM   572  C  CE  . LYS A 1 72  ? 14.776  8.526   1.037   1.00 34.73 ? 73  LYS B CE  1 
ATOM   573  N  NZ  . LYS A 1 72  ? 15.817  8.892   0.029   1.00 38.00 ? 73  LYS B NZ  1 
ATOM   574  N  N   . PHE A 1 73  ? 11.674  5.177   5.639   1.00 19.40 ? 74  PHE B N   1 
ATOM   575  C  CA  . PHE A 1 73  ? 10.573  4.268   5.350   1.00 18.38 ? 74  PHE B CA  1 
ATOM   576  C  C   . PHE A 1 73  ? 9.945   4.746   4.042   1.00 18.91 ? 74  PHE B C   1 
ATOM   577  O  O   . PHE A 1 73  ? 9.678   5.937   3.869   1.00 19.08 ? 74  PHE B O   1 
ATOM   578  C  CB  . PHE A 1 73  ? 9.569   4.278   6.502   1.00 18.07 ? 74  PHE B CB  1 
ATOM   579  C  CG  . PHE A 1 73  ? 8.331   3.436   6.281   1.00 18.36 ? 74  PHE B CG  1 
ATOM   580  C  CD1 . PHE A 1 73  ? 8.413   2.187   5.696   1.00 19.89 ? 74  PHE B CD1 1 
ATOM   581  C  CD2 . PHE A 1 73  ? 7.113   3.880   6.737   1.00 19.83 ? 74  PHE B CD2 1 
ATOM   582  C  CE1 . PHE A 1 73  ? 7.268   1.413   5.541   1.00 20.38 ? 74  PHE B CE1 1 
ATOM   583  C  CE2 . PHE A 1 73  ? 5.965   3.121   6.586   1.00 20.96 ? 74  PHE B CE2 1 
ATOM   584  C  CZ  . PHE A 1 73  ? 6.055   1.882   5.965   1.00 20.54 ? 74  PHE B CZ  1 
ATOM   585  N  N   . ARG A 1 74  ? 9.771   3.817   3.111   1.00 18.48 ? 75  ARG B N   1 
ATOM   586  C  CA  . ARG A 1 74  ? 9.206   4.130   1.805   1.00 19.38 ? 75  ARG B CA  1 
ATOM   587  C  C   . ARG A 1 74  ? 8.550   2.901   1.201   1.00 18.18 ? 75  ARG B C   1 
ATOM   588  O  O   . ARG A 1 74  ? 8.796   1.777   1.618   1.00 18.21 ? 75  ARG B O   1 
ATOM   589  C  CB  . ARG A 1 74  ? 10.297  4.664   0.871   1.00 19.16 ? 75  ARG B CB  1 
ATOM   590  C  CG  . ARG A 1 74  ? 11.333  3.662   0.462   1.00 19.34 ? 75  ARG B CG  1 
ATOM   591  C  CD  . ARG A 1 74  ? 12.444  4.282   -0.392  1.00 20.24 ? 75  ARG B CD  1 
ATOM   592  N  NE  . ARG A 1 74  ? 13.343  3.252   -0.865  1.00 21.06 ? 75  ARG B NE  1 
ATOM   593  C  CZ  . ARG A 1 74  ? 13.210  2.550   -1.990  1.00 21.80 ? 75  ARG B CZ  1 
ATOM   594  N  NH1 . ARG A 1 74  ? 12.192  2.761   -2.818  1.00 21.89 ? 75  ARG B NH1 1 
ATOM   595  N  NH2 . ARG A 1 74  ? 14.088  1.619   -2.296  1.00 23.32 ? 75  ARG B NH2 1 
ATOM   596  N  N   . LEU A 1 75  ? 7.732   3.143   0.186   1.00 18.54 ? 76  LEU B N   1 
ATOM   597  C  CA  . LEU A 1 75  ? 7.000   2.087   -0.500  1.00 18.72 ? 76  LEU B CA  1 
ATOM   598  C  C   . LEU A 1 75  ? 7.235   2.150   -2.005  1.00 17.60 ? 76  LEU B C   1 
ATOM   599  O  O   . LEU A 1 75  ? 7.341   3.234   -2.567  1.00 19.67 ? 76  LEU B O   1 
ATOM   600  C  CB  . LEU A 1 75  ? 5.483   2.255   -0.303  1.00 20.34 ? 76  LEU B CB  1 
ATOM   601  C  CG  . LEU A 1 75  ? 4.879   2.223   1.094   1.00 22.12 ? 76  LEU B CG  1 
ATOM   602  C  CD1 . LEU A 1 75  ? 3.373   2.367   1.036   1.00 23.01 ? 76  LEU B CD1 1 
ATOM   603  C  CD2 . LEU A 1 75  ? 5.242   0.943   1.805   1.00 22.76 ? 76  LEU B CD2 1 
ATOM   604  N  N   . GLU A 1 76  ? 7.249   0.998   -2.644  1.00 17.30 ? 77  GLU B N   1 
ATOM   605  C  CA  . GLU A 1 76  ? 7.151   0.903   -4.103  1.00 17.97 ? 77  GLU B CA  1 
ATOM   606  C  C   . GLU A 1 76  ? 5.935   0.031   -4.379  1.00 18.11 ? 77  GLU B C   1 
ATOM   607  O  O   . GLU A 1 76  ? 5.812   -1.044  -3.813  1.00 18.20 ? 77  GLU B O   1 
ATOM   608  C  CB  . GLU A 1 76  ? 8.387   0.251   -4.698  1.00 19.08 ? 77  GLU B CB  1 
ATOM   609  C  CG  . GLU A 1 76  ? 9.668   1.036   -4.494  1.00 21.65 ? 77  GLU B CG  1 
ATOM   610  C  CD  . GLU A 1 76  ? 10.882  0.399   -5.147  1.00 24.47 ? 77  GLU B CD  1 
ATOM   611  O  OE1 . GLU A 1 76  ? 10.794  -0.710  -5.741  1.00 24.33 ? 77  GLU B OE1 1 
ATOM   612  O  OE2 . GLU A 1 76  ? 11.973  1.015   -5.019  1.00 27.39 ? 77  GLU B OE2 1 
ATOM   613  N  N   . GLN A 1 77  ? 5.036   0.498   -5.231  1.00 17.28 ? 78  GLN B N   1 
ATOM   614  C  CA  . GLN A 1 77  ? 3.840   -0.276  -5.559  1.00 18.07 ? 78  GLN B CA  1 
ATOM   615  C  C   . GLN A 1 77  ? 3.726   -0.478  -7.066  1.00 18.75 ? 78  GLN B C   1 
ATOM   616  O  O   . GLN A 1 77  ? 3.854   0.468   -7.836  1.00 22.11 ? 78  GLN B O   1 
ATOM   617  C  CB  . GLN A 1 77  ? 2.607   0.419   -5.046  1.00 18.27 ? 78  GLN B CB  1 
ATOM   618  C  CG  . GLN A 1 77  ? 2.557   0.505   -3.531  1.00 19.87 ? 78  GLN B CG  1 
ATOM   619  C  CD  . GLN A 1 77  ? 1.247   1.055   -3.036  1.00 20.81 ? 78  GLN B CD  1 
ATOM   620  O  OE1 . GLN A 1 77  ? 0.953   2.242   -3.189  1.00 21.43 ? 78  GLN B OE1 1 
ATOM   621  N  NE2 . GLN A 1 77  ? 0.440   0.199   -2.424  1.00 22.24 ? 78  GLN B NE2 1 
ATOM   622  N  N   . LYS A 1 78  ? 3.562   -1.723  -7.480  1.00 17.72 ? 79  LYS B N   1 
ATOM   623  C  CA  . LYS A 1 78  ? 3.367   -2.037  -8.896  1.00 18.20 ? 79  LYS B CA  1 
ATOM   624  C  C   . LYS A 1 78  ? 1.938   -2.503  -9.130  1.00 18.35 ? 79  LYS B C   1 
ATOM   625  O  O   . LYS A 1 78  ? 1.412   -3.320  -8.362  1.00 17.56 ? 79  LYS B O   1 
ATOM   626  C  CB  . LYS A 1 78  ? 4.346   -3.086  -9.364  1.00 19.52 ? 79  LYS B CB  1 
ATOM   627  C  CG  . LYS A 1 78  ? 5.740   -2.539  -9.635  1.00 22.19 ? 79  LYS B CG  1 
ATOM   628  C  CD  . LYS A 1 78  ? 6.700   -3.664  -9.944  1.00 24.44 ? 79  LYS B CD  1 
ATOM   629  C  CE  . LYS A 1 78  ? 7.970   -3.182  -10.629 1.00 28.08 ? 79  LYS B CE  1 
ATOM   630  N  NZ  . LYS A 1 78  ? 8.818   -4.369  -10.899 1.00 28.39 ? 79  LYS B NZ  1 
ATOM   631  N  N   . VAL A 1 79  ? 1.312   -1.990  -10.192 1.00 17.68 ? 80  VAL B N   1 
ATOM   632  C  CA  . VAL A 1 79  ? -0.027  -2.423  -10.610 1.00 18.61 ? 80  VAL B CA  1 
ATOM   633  C  C   . VAL A 1 79  ? 0.156   -3.454  -11.710 1.00 18.00 ? 80  VAL B C   1 
ATOM   634  O  O   . VAL A 1 79  ? 0.712   -3.139  -12.781 1.00 17.14 ? 80  VAL B O   1 
ATOM   635  C  CB  . VAL A 1 79  ? -0.866  -1.246  -11.139 1.00 19.24 ? 80  VAL B CB  1 
ATOM   636  C  CG1 . VAL A 1 79  ? -2.239  -1.711  -11.618 1.00 19.80 ? 80  VAL B CG1 1 
ATOM   637  C  CG2 . VAL A 1 79  ? -1.018  -0.147  -10.110 1.00 21.35 ? 80  VAL B CG2 1 
ATOM   638  N  N   . TYR A 1 80  ? -0.284  -4.678  -11.453 1.00 16.39 ? 81  TYR B N   1 
ATOM   639  C  CA  . TYR A 1 80  ? -0.142  -5.787  -12.390 1.00 17.49 ? 81  TYR B CA  1 
ATOM   640  C  C   . TYR A 1 80  ? -1.519  -6.169  -12.939 1.00 18.18 ? 81  TYR B C   1 
ATOM   641  O  O   . TYR A 1 80  ? -2.471  -6.296  -12.177 1.00 17.63 ? 81  TYR B O   1 
ATOM   642  C  CB  . TYR A 1 80  ? 0.472   -7.004  -11.731 1.00 18.23 ? 81  TYR B CB  1 
ATOM   643  C  CG  . TYR A 1 80  ? 1.973   -6.943  -11.575 1.00 18.87 ? 81  TYR B CG  1 
ATOM   644  C  CD1 . TYR A 1 80  ? 2.809   -7.374  -12.597 1.00 19.14 ? 81  TYR B CD1 1 
ATOM   645  C  CD2 . TYR A 1 80  ? 2.546   -6.513  -10.384 1.00 19.73 ? 81  TYR B CD2 1 
ATOM   646  C  CE1 . TYR A 1 80  ? 4.181   -7.353  -12.438 1.00 20.75 ? 81  TYR B CE1 1 
ATOM   647  C  CE2 . TYR A 1 80  ? 3.924   -6.500  -10.229 1.00 20.81 ? 81  TYR B CE2 1 
ATOM   648  C  CZ  . TYR A 1 80  ? 4.722   -6.905  -11.269 1.00 21.09 ? 81  TYR B CZ  1 
ATOM   649  O  OH  . TYR A 1 80  ? 6.108   -6.893  -11.126 1.00 25.68 ? 81  TYR B OH  1 
ATOM   650  N  N   . PHE A 1 81  ? -1.623  -6.273  -14.262 1.00 17.32 ? 82  PHE B N   1 
ATOM   651  C  CA  . PHE A 1 81  ? -2.836  -6.774  -14.917 1.00 17.39 ? 82  PHE B CA  1 
ATOM   652  C  C   . PHE A 1 81  ? -2.463  -8.020  -15.660 1.00 16.48 ? 82  PHE B C   1 
ATOM   653  O  O   . PHE A 1 81  ? -1.623  -7.987  -16.587 1.00 15.11 ? 82  PHE B O   1 
ATOM   654  C  CB  . PHE A 1 81  ? -3.412  -5.747  -15.869 1.00 17.66 ? 82  PHE B CB  1 
ATOM   655  C  CG  . PHE A 1 81  ? -4.534  -6.277  -16.728 1.00 16.76 ? 82  PHE B CG  1 
ATOM   656  C  CD1 . PHE A 1 81  ? -5.821  -6.386  -16.219 1.00 16.47 ? 82  PHE B CD1 1 
ATOM   657  C  CD2 . PHE A 1 81  ? -4.309  -6.629  -18.039 1.00 17.11 ? 82  PHE B CD2 1 
ATOM   658  C  CE1 . PHE A 1 81  ? -6.848  -6.888  -17.000 1.00 17.33 ? 82  PHE B CE1 1 
ATOM   659  C  CE2 . PHE A 1 81  ? -5.340  -7.119  -18.830 1.00 17.91 ? 82  PHE B CE2 1 
ATOM   660  C  CZ  . PHE A 1 81  ? -6.615  -7.227  -18.308 1.00 17.51 ? 82  PHE B CZ  1 
ATOM   661  N  N   . LYS A 1 82  ? -3.062  -9.140  -15.259 1.00 16.84 ? 83  LYS B N   1 
ATOM   662  C  CA  . LYS A 1 82  ? -2.717  -10.436 -15.821 1.00 17.21 ? 83  LYS B CA  1 
ATOM   663  C  C   . LYS A 1 82  ? -1.215  -10.681 -15.903 1.00 18.71 ? 83  LYS B C   1 
ATOM   664  O  O   . LYS A 1 82  ? -0.691  -11.177 -16.902 1.00 20.46 ? 83  LYS B O   1 
ATOM   665  C  CB  . LYS A 1 82  ? -3.397  -10.631 -17.176 1.00 17.35 ? 83  LYS B CB  1 
ATOM   666  C  CG  . LYS A 1 82  ? -4.903  -10.629 -17.086 1.00 17.03 ? 83  LYS B CG  1 
ATOM   667  C  CD  . LYS A 1 82  ? -5.535  -11.127 -18.372 1.00 17.62 ? 83  LYS B CD  1 
ATOM   668  C  CE  . LYS A 1 82  ? -7.047  -11.069 -18.294 1.00 18.67 ? 83  LYS B CE  1 
ATOM   669  N  NZ  . LYS A 1 82  ? -7.626  -11.595 -19.549 1.00 20.07 ? 83  LYS B NZ  1 
ATOM   670  N  N   . GLY A 1 83  ? -0.515  -10.281 -14.847 1.00 19.39 ? 84  GLY B N   1 
ATOM   671  C  CA  . GLY A 1 83  ? 0.904   -10.554 -14.755 1.00 20.84 ? 84  GLY B CA  1 
ATOM   672  C  C   . GLY A 1 83  ? 1.812   -9.517  -15.364 1.00 21.32 ? 84  GLY B C   1 
ATOM   673  O  O   . GLY A 1 83  ? 3.042   -9.645  -15.264 1.00 23.09 ? 84  GLY B O   1 
ATOM   674  N  N   . GLN A 1 84  ? 1.230   -8.484  -15.963 1.00 20.23 ? 85  GLN B N   1 
ATOM   675  C  CA  . GLN A 1 84  ? 1.988   -7.445  -16.630 1.00 21.66 ? 85  GLN B CA  1 
ATOM   676  C  C   . GLN A 1 84  ? 1.957   -6.161  -15.824 1.00 20.45 ? 85  GLN B C   1 
ATOM   677  O  O   . GLN A 1 84  ? 0.880   -5.654  -15.480 1.00 18.90 ? 85  GLN B O   1 
ATOM   678  C  CB  . GLN A 1 84  ? 1.386   -7.182  -17.998 1.00 23.26 ? 85  GLN B CB  1 
ATOM   679  C  CG  . GLN A 1 84  ? 2.119   -6.129  -18.777 1.00 24.62 ? 85  GLN B CG  1 
ATOM   680  C  CD  . GLN A 1 84  ? 1.591   -5.974  -20.184 1.00 25.84 ? 85  GLN B CD  1 
ATOM   681  O  OE1 . GLN A 1 84  ? 0.722   -6.729  -20.653 1.00 27.86 ? 85  GLN B OE1 1 
ATOM   682  N  NE2 . GLN A 1 84  ? 2.112   -5.009  -20.858 1.00 26.07 ? 85  GLN B NE2 1 
ATOM   683  N  N   . CYS A 1 85  ? 3.132   -5.568  -15.578 1.00 21.39 ? 86  CYS B N   1 
ATOM   684  C  CA  . CYS A 1 85  ? 3.176   -4.305  -14.866 1.00 21.58 ? 86  CYS B CA  1 
ATOM   685  C  C   . CYS A 1 85  ? 2.739   -3.151  -15.771 1.00 22.07 ? 86  CYS B C   1 
ATOM   686  O  O   . CYS A 1 85  ? 3.348   -2.915  -16.817 1.00 23.91 ? 86  CYS B O   1 
ATOM   687  C  CB  . CYS A 1 85  ? 4.576   -4.046  -14.266 1.00 22.62 ? 86  CYS B CB  1 
ATOM   688  S  SG  . CYS A 1 85  ? 4.618   -2.541  -13.260 1.00 23.85 ? 86  CYS B SG  1 
ATOM   689  N  N   . LEU A 1 86  ? 1.666   -2.468  -15.380 1.00 20.16 ? 87  LEU B N   1 
ATOM   690  C  CA  . LEU A 1 86  ? 1.131   -1.306  -16.094 1.00 22.02 ? 87  LEU B CA  1 
ATOM   691  C  C   . LEU A 1 86  ? 1.618   0.026   -15.533 1.00 23.49 ? 87  LEU B C   1 
ATOM   692  O  O   . LEU A 1 86  ? 1.657   1.030   -16.258 1.00 26.40 ? 87  LEU B O   1 
ATOM   693  C  CB  . LEU A 1 86  ? -0.393  -1.285  -16.027 1.00 23.58 ? 87  LEU B CB  1 
ATOM   694  C  CG  . LEU A 1 86  ? -1.168  -2.496  -16.535 1.00 26.10 ? 87  LEU B CG  1 
ATOM   695  C  CD1 . LEU A 1 86  ? -2.649  -2.213  -16.390 1.00 27.59 ? 87  LEU B CD1 1 
ATOM   696  C  CD2 . LEU A 1 86  ? -0.828  -2.832  -17.966 1.00 27.04 ? 87  LEU B CD2 1 
ATOM   697  N  N   . GLU A 1 87  ? 1.935   0.058   -14.242 1.00 22.30 ? 88  GLU B N   1 
ATOM   698  C  CA  . GLU A 1 87  ? 2.206   1.313   -13.560 1.00 24.53 ? 88  GLU B CA  1 
ATOM   699  C  C   . GLU A 1 87  ? 3.040   0.998   -12.342 1.00 23.18 ? 88  GLU B C   1 
ATOM   700  O  O   . GLU A 1 87  ? 2.849   -0.050  -11.735 1.00 20.82 ? 88  GLU B O   1 
ATOM   701  C  CB  . GLU A 1 87  ? 0.885   1.920   -13.129 1.00 28.85 ? 88  GLU B CB  1 
ATOM   702  C  CG  . GLU A 1 87  ? 0.911   3.399   -12.836 1.00 33.37 ? 88  GLU B CG  1 
ATOM   703  C  CD  . GLU A 1 87  ? -0.452  4.032   -13.051 1.00 36.37 ? 88  GLU B CD  1 
ATOM   704  O  OE1 . GLU A 1 87  ? -1.088  3.760   -14.093 1.00 42.29 ? 88  GLU B OE1 1 
ATOM   705  O  OE2 . GLU A 1 87  ? -0.891  4.807   -12.185 1.00 40.84 ? 88  GLU B OE2 1 
ATOM   706  N  N   . GLU A 1 88  ? 3.964   1.903   -12.005 1.00 21.34 ? 89  GLU B N   1 
ATOM   707  C  CA  . GLU A 1 88  ? 4.725   1.801   -10.748 1.00 22.65 ? 89  GLU B CA  1 
ATOM   708  C  C   . GLU A 1 88  ? 4.645   3.139   -9.997  1.00 23.07 ? 89  GLU B C   1 
ATOM   709  O  O   . GLU A 1 88  ? 4.817   4.213   -10.598 1.00 25.24 ? 89  GLU B O   1 
ATOM   710  C  CB  . GLU A 1 88  ? 6.164   1.395   -10.992 1.00 24.58 ? 89  GLU B CB  1 
ATOM   711  C  CG  . GLU A 1 88  ? 6.913   1.168   -9.673  1.00 27.49 ? 89  GLU B CG  1 
ATOM   712  C  CD  . GLU A 1 88  ? 8.251   0.479   -9.819  1.00 30.15 ? 89  GLU B CD  1 
ATOM   713  O  OE1 . GLU A 1 88  ? 8.807   0.425   -10.928 1.00 32.20 ? 89  GLU B OE1 1 
ATOM   714  O  OE2 . GLU A 1 88  ? 8.761   -0.006  -8.780  1.00 33.14 ? 89  GLU B OE2 1 
ATOM   715  N  N   . TRP A 1 89  ? 4.378   3.071   -8.691  1.00 20.93 ? 90  TRP B N   1 
ATOM   716  C  CA  . TRP A 1 89  ? 4.258   4.240   -7.831  1.00 19.50 ? 90  TRP B CA  1 
ATOM   717  C  C   . TRP A 1 89  ? 5.320   4.182   -6.739  1.00 20.02 ? 90  TRP B C   1 
ATOM   718  O  O   . TRP A 1 89  ? 5.695   3.107   -6.300  1.00 19.05 ? 90  TRP B O   1 
ATOM   719  C  CB  . TRP A 1 89  ? 2.915   4.303   -7.122  1.00 21.24 ? 90  TRP B CB  1 
ATOM   720  C  CG  . TRP A 1 89  ? 1.719   4.261   -8.010  1.00 21.20 ? 90  TRP B CG  1 
ATOM   721  C  CD1 . TRP A 1 89  ? 1.612   4.754   -9.277  1.00 24.53 ? 90  TRP B CD1 1 
ATOM   722  C  CD2 . TRP A 1 89  ? 0.435   3.732   -7.669  1.00 21.12 ? 90  TRP B CD2 1 
ATOM   723  N  NE1 . TRP A 1 89  ? 0.341   4.545   -9.754  1.00 23.33 ? 90  TRP B NE1 1 
ATOM   724  C  CE2 . TRP A 1 89  ? -0.400  3.914   -8.790  1.00 23.55 ? 90  TRP B CE2 1 
ATOM   725  C  CE3 . TRP A 1 89  ? -0.078  3.093   -6.547  1.00 22.12 ? 90  TRP B CE3 1 
ATOM   726  C  CZ2 . TRP A 1 89  ? -1.729  3.491   -8.807  1.00 22.56 ? 90  TRP B CZ2 1 
ATOM   727  C  CZ3 . TRP A 1 89  ? -1.397  2.669   -6.568  1.00 22.46 ? 90  TRP B CZ3 1 
ATOM   728  C  CH2 . TRP A 1 89  ? -2.204  2.870   -7.692  1.00 22.87 ? 90  TRP B CH2 1 
ATOM   729  N  N   . PHE A 1 90  ? 5.797   5.363   -6.338  1.00 19.94 ? 91  PHE B N   1 
ATOM   730  C  CA  . PHE A 1 90  ? 6.800   5.498   -5.254  1.00 19.83 ? 91  PHE B CA  1 
ATOM   731  C  C   . PHE A 1 90  ? 6.290   6.495   -4.209  1.00 20.09 ? 91  PHE B C   1 
ATOM   732  O  O   . PHE A 1 90  ? 5.776   7.593   -4.536  1.00 21.75 ? 91  PHE B O   1 
ATOM   733  C  CB  . PHE A 1 90  ? 8.133   5.998   -5.847  1.00 20.22 ? 91  PHE B CB  1 
ATOM   734  C  CG  . PHE A 1 90  ? 8.706   5.109   -6.896  1.00 21.07 ? 91  PHE B CG  1 
ATOM   735  C  CD1 . PHE A 1 90  ? 8.327   5.245   -8.224  1.00 24.17 ? 91  PHE B CD1 1 
ATOM   736  C  CD2 . PHE A 1 90  ? 9.605   4.120   -6.567  1.00 23.04 ? 91  PHE B CD2 1 
ATOM   737  C  CE1 . PHE A 1 90  ? 8.854   4.417   -9.193  1.00 24.71 ? 91  PHE B CE1 1 
ATOM   738  C  CE2 . PHE A 1 90  ? 10.147  3.289   -7.527  1.00 24.37 ? 91  PHE B CE2 1 
ATOM   739  C  CZ  . PHE A 1 90  ? 9.758   3.435   -8.851  1.00 25.36 ? 91  PHE B CZ  1 
ATOM   740  N  N   . PHE A 1 91  ? 6.412   6.129   -2.925  1.00 20.02 ? 92  PHE B N   1 
ATOM   741  C  CA  . PHE A 1 91  ? 5.986   6.971   -1.828  1.00 19.91 ? 92  PHE B CA  1 
ATOM   742  C  C   . PHE A 1 91  ? 7.056   6.943   -0.739  1.00 21.09 ? 92  PHE B C   1 
ATOM   743  O  O   . PHE A 1 91  ? 7.642   5.896   -0.493  1.00 22.32 ? 92  PHE B O   1 
ATOM   744  C  CB  . PHE A 1 91  ? 4.664   6.510   -1.223  1.00 20.23 ? 92  PHE B CB  1 
ATOM   745  C  CG  . PHE A 1 91  ? 3.558   6.373   -2.230  1.00 21.84 ? 92  PHE B CG  1 
ATOM   746  C  CD1 . PHE A 1 91  ? 2.782   7.464   -2.590  1.00 22.92 ? 92  PHE B CD1 1 
ATOM   747  C  CD2 . PHE A 1 91  ? 3.316   5.145   -2.818  1.00 21.31 ? 92  PHE B CD2 1 
ATOM   748  C  CE1 . PHE A 1 91  ? 1.777   7.313   -3.545  1.00 24.36 ? 92  PHE B CE1 1 
ATOM   749  C  CE2 . PHE A 1 91  ? 2.314   4.994   -3.763  1.00 22.59 ? 92  PHE B CE2 1 
ATOM   750  C  CZ  . PHE A 1 91  ? 1.547   6.073   -4.111  1.00 22.96 ? 92  PHE B CZ  1 
ATOM   751  N  N   . GLU A 1 92  ? 7.339   8.091   -0.146  1.00 21.50 ? 93  GLU B N   1 
ATOM   752  C  CA  . GLU A 1 92  ? 8.341   8.160   0.925   1.00 21.65 ? 93  GLU B CA  1 
ATOM   753  C  C   . GLU A 1 92  ? 7.726   8.781   2.164   1.00 21.16 ? 93  GLU B C   1 
ATOM   754  O  O   . GLU A 1 92  ? 7.063   9.818   2.125   1.00 21.69 ? 93  GLU B O   1 
ATOM   755  C  CB  . GLU A 1 92  ? 9.573   8.938   0.458   1.00 23.86 ? 93  GLU B CB  1 
ATOM   756  C  CG  . GLU A 1 92  ? 10.740  8.927   1.457   1.00 27.98 ? 93  GLU B CG  1 
ATOM   757  C  CD  . GLU A 1 92  ? 10.852  10.192  2.292   1.00 33.76 ? 93  GLU B CD  1 
ATOM   758  O  OE1 . GLU A 1 92  ? 9.890   10.998  2.336   1.00 39.87 ? 93  GLU B OE1 1 
ATOM   759  O  OE2 . GLU A 1 92  ? 11.921  10.378  2.927   1.00 36.16 ? 93  GLU B OE2 1 
ATOM   760  N  N   . PHE A 1 93  ? 7.949   8.123   3.301   1.00 19.17 ? 94  PHE B N   1 
ATOM   761  C  CA  . PHE A 1 93  ? 7.520   8.609   4.587   1.00 19.18 ? 94  PHE B CA  1 
ATOM   762  C  C   . PHE A 1 93  ? 8.690   9.279   5.308   1.00 19.63 ? 94  PHE B C   1 
ATOM   763  O  O   . PHE A 1 93  ? 8.507   10.345  5.885   1.00 22.62 ? 94  PHE B O   1 
ATOM   764  C  CB  . PHE A 1 93  ? 6.970   7.485   5.476   1.00 19.55 ? 94  PHE B CB  1 
ATOM   765  C  CG  . PHE A 1 93  ? 6.484   7.974   6.801   1.00 19.56 ? 94  PHE B CG  1 
ATOM   766  C  CD1 . PHE A 1 93  ? 5.204   8.470   6.953   1.00 20.13 ? 94  PHE B CD1 1 
ATOM   767  C  CD2 . PHE A 1 93  ? 7.322   7.973   7.901   1.00 21.22 ? 94  PHE B CD2 1 
ATOM   768  C  CE1 . PHE A 1 93  ? 4.752   8.960   8.158   1.00 21.03 ? 94  PHE B CE1 1 
ATOM   769  C  CE2 . PHE A 1 93  ? 6.887   8.470   9.119   1.00 20.51 ? 94  PHE B CE2 1 
ATOM   770  C  CZ  . PHE A 1 93  ? 5.599   8.961   9.257   1.00 20.47 ? 94  PHE B CZ  1 
ATOM   771  N  N   . GLY A 1 94  ? 9.849   8.636   5.259   1.00 19.51 ? 95  GLY B N   1 
ATOM   772  C  CA  . GLY A 1 94  ? 11.076  9.149   5.904   1.00 19.53 ? 95  GLY B CA  1 
ATOM   773  C  C   . GLY A 1 94  ? 11.330  8.532   7.266   1.00 20.33 ? 95  GLY B C   1 
ATOM   774  O  O   . GLY A 1 94  ? 11.121  7.344   7.493   1.00 19.67 ? 95  GLY B O   1 
ATOM   775  N  N   . PHE A 1 95  ? 11.779  9.354   8.201   1.00 19.84 ? 96  PHE B N   1 
ATOM   776  C  CA  . PHE A 1 95  ? 12.178  8.845   9.497   1.00 19.69 ? 96  PHE B CA  1 
ATOM   777  C  C   . PHE A 1 95  ? 10.972  8.382   10.312  1.00 18.40 ? 96  PHE B C   1 
ATOM   778  O  O   . PHE A 1 95  ? 9.931   9.028   10.328  1.00 19.22 ? 96  PHE B O   1 
ATOM   779  C  CB  . PHE A 1 95  ? 12.949  9.952   10.238  1.00 19.95 ? 96  PHE B CB  1 
ATOM   780  C  CG  . PHE A 1 95  ? 13.485  9.515   11.568  1.00 20.32 ? 96  PHE B CG  1 
ATOM   781  C  CD1 . PHE A 1 95  ? 14.627  8.757   11.623  1.00 21.84 ? 96  PHE B CD1 1 
ATOM   782  C  CD2 . PHE A 1 95  ? 12.806  9.809   12.740  1.00 22.17 ? 96  PHE B CD2 1 
ATOM   783  C  CE1 . PHE A 1 95  ? 15.126  8.327   12.831  1.00 22.27 ? 96  PHE B CE1 1 
ATOM   784  C  CE2 . PHE A 1 95  ? 13.312  9.386   13.974  1.00 23.10 ? 96  PHE B CE2 1 
ATOM   785  C  CZ  . PHE A 1 95  ? 14.455  8.629   13.995  1.00 21.65 ? 96  PHE B CZ  1 
ATOM   786  N  N   . VAL A 1 96  ? 11.128  7.250   11.015  1.00 18.90 ? 97  VAL B N   1 
ATOM   787  C  CA  . VAL A 1 96  ? 10.105  6.704   11.873  1.00 18.59 ? 97  VAL B CA  1 
ATOM   788  C  C   . VAL A 1 96  ? 10.689  6.524   13.276  1.00 17.29 ? 97  VAL B C   1 
ATOM   789  O  O   . VAL A 1 96  ? 11.646  5.780   13.455  1.00 17.40 ? 97  VAL B O   1 
ATOM   790  C  CB  . VAL A 1 96  ? 9.603   5.318   11.365  1.00 19.07 ? 97  VAL B CB  1 
ATOM   791  C  CG1 . VAL A 1 96  ? 8.578   4.703   12.305  1.00 19.39 ? 97  VAL B CG1 1 
ATOM   792  C  CG2 . VAL A 1 96  ? 9.018   5.457   9.960   1.00 20.44 ? 97  VAL B CG2 1 
ATOM   793  N  N   . ILE A 1 97  ? 10.075  7.180   14.234  1.00 17.95 ? 98  ILE B N   1 
ATOM   794  C  CA  . ILE A 1 97  ? 10.472  7.072   15.649  1.00 18.34 ? 98  ILE B CA  1 
ATOM   795  C  C   . ILE A 1 97  ? 10.139  5.658   16.162  1.00 17.94 ? 98  ILE B C   1 
ATOM   796  O  O   . ILE A 1 97  ? 9.043   5.150   15.920  1.00 16.85 ? 98  ILE B O   1 
ATOM   797  C  CB  . ILE A 1 97  ? 9.710   8.129   16.467  1.00 20.01 ? 98  ILE B CB  1 
ATOM   798  C  CG1 . ILE A 1 97  ? 10.262  9.512   16.154  1.00 22.89 ? 98  ILE B CG1 1 
ATOM   799  C  CG2 . ILE A 1 97  ? 9.778   7.846   17.962  1.00 20.04 ? 98  ILE B CG2 1 
ATOM   800  C  CD1 . ILE A 1 97  ? 9.366   10.612  16.658  1.00 25.27 ? 98  ILE B CD1 1 
ATOM   801  N  N   . PRO A 1 98  ? 11.066  5.013   16.889  1.00 17.49 ? 99  PRO B N   1 
ATOM   802  C  CA  . PRO A 1 98  ? 10.777  3.701   17.436  1.00 17.61 ? 99  PRO B CA  1 
ATOM   803  C  C   . PRO A 1 98  ? 9.592   3.743   18.387  1.00 16.90 ? 99  PRO B C   1 
ATOM   804  O  O   . PRO A 1 98  ? 9.512   4.660   19.229  1.00 18.55 ? 99  PRO B O   1 
ATOM   805  C  CB  . PRO A 1 98  ? 12.071  3.334   18.197  1.00 17.20 ? 99  PRO B CB  1 
ATOM   806  C  CG  . PRO A 1 98  ? 12.769  4.632   18.437  1.00 17.27 ? 99  PRO B CG  1 
ATOM   807  C  CD  . PRO A 1 98  ? 12.399  5.507   17.274  1.00 17.95 ? 99  PRO B CD  1 
ATOM   808  N  N   . ASN A 1 99  ? 8.679   2.773   18.270  1.00 18.19 ? 100 ASN B N   1 
ATOM   809  C  CA  . ASN A 1 99  ? 7.482   2.640   19.095  1.00 18.14 ? 100 ASN B CA  1 
ATOM   810  C  C   . ASN A 1 99  ? 6.455   3.752   18.846  1.00 19.79 ? 100 ASN B C   1 
ATOM   811  O  O   . ASN A 1 99  ? 5.705   4.146   19.746  1.00 24.47 ? 100 ASN B O   1 
ATOM   812  C  CB  . ASN A 1 99  ? 7.800   2.518   20.591  1.00 19.27 ? 100 ASN B CB  1 
ATOM   813  C  CG  . ASN A 1 99  ? 8.680   1.336   20.891  1.00 20.18 ? 100 ASN B CG  1 
ATOM   814  O  OD1 . ASN A 1 99  ? 9.826   1.493   21.321  1.00 24.48 ? 100 ASN B OD1 1 
ATOM   815  N  ND2 . ASN A 1 99  ? 8.173   0.147   20.625  1.00 19.75 ? 100 ASN B ND2 1 
ATOM   816  N  N   . SER A 1 100 ? 6.419   4.235   17.612  1.00 18.53 ? 101 SER B N   1 
ATOM   817  C  CA  . SER A 1 100 ? 5.463   5.249   17.211  1.00 19.62 ? 101 SER B CA  1 
ATOM   818  C  C   . SER A 1 100 ? 4.310   4.689   16.389  1.00 19.71 ? 101 SER B C   1 
ATOM   819  O  O   . SER A 1 100 ? 4.400   3.625   15.764  1.00 20.75 ? 101 SER B O   1 
ATOM   820  C  CB  . SER A 1 100 ? 6.150   6.346   16.418  1.00 20.12 ? 101 SER B CB  1 
ATOM   821  O  OG  . SER A 1 100 ? 6.709   5.906   15.204  1.00 19.99 ? 101 SER B OG  1 
ATOM   822  N  N   . THR A 1 101 ? 3.233   5.460   16.396  1.00 20.05 ? 102 THR B N   1 
ATOM   823  C  CA  . THR A 1 101 ? 2.089   5.241   15.537  1.00 20.04 ? 102 THR B CA  1 
ATOM   824  C  C   . THR A 1 101 ? 1.909   6.520   14.724  1.00 20.70 ? 102 THR B C   1 
ATOM   825  O  O   . THR A 1 101 ? 2.011   7.632   15.260  1.00 22.61 ? 102 THR B O   1 
ATOM   826  C  CB  . THR A 1 101 ? 0.825   4.902   16.362  1.00 20.64 ? 102 THR B CB  1 
ATOM   827  O  OG1 . THR A 1 101 ? 1.009   3.656   17.049  1.00 21.25 ? 102 THR B OG1 1 
ATOM   828  C  CG2 . THR A 1 101 ? -0.410  4.792   15.467  1.00 21.06 ? 102 THR B CG2 1 
ATOM   829  N  N   . ASN A 1 102 ? 1.712   6.361   13.414  1.00 20.16 ? 103 ASN B N   1 
ATOM   830  C  CA  . ASN A 1 102 ? 1.840   7.457   12.454  1.00 19.86 ? 103 ASN B CA  1 
ATOM   831  C  C   . ASN A 1 102 ? 0.762   7.346   11.397  1.00 21.35 ? 103 ASN B C   1 
ATOM   832  O  O   . ASN A 1 102 ? 0.442   6.239   10.969  1.00 20.66 ? 103 ASN B O   1 
ATOM   833  C  CB  . ASN A 1 102 ? 3.187   7.428   11.735  1.00 21.67 ? 103 ASN B CB  1 
ATOM   834  C  CG  . ASN A 1 102 ? 4.375   7.279   12.688  1.00 23.54 ? 103 ASN B CG  1 
ATOM   835  O  OD1 . ASN A 1 102 ? 4.979   8.264   13.078  1.00 26.77 ? 103 ASN B OD1 1 
ATOM   836  N  ND2 . ASN A 1 102 ? 4.688   6.051   13.066  1.00 25.56 ? 103 ASN B ND2 1 
ATOM   837  N  N   . THR A 1 103 ? 0.231   8.489   10.965  1.00 21.21 ? 104 THR B N   1 
ATOM   838  C  CA  . THR A 1 103 ? -0.686  8.531   9.826   1.00 22.46 ? 104 THR B CA  1 
ATOM   839  C  C   . THR A 1 103 ? 0.066   9.121   8.641   1.00 22.27 ? 104 THR B C   1 
ATOM   840  O  O   . THR A 1 103 ? 0.766   10.135  8.740   1.00 24.63 ? 104 THR B O   1 
ATOM   841  C  CB  . THR A 1 103 ? -1.960  9.336   10.169  1.00 22.03 ? 104 THR B CB  1 
ATOM   842  O  OG1 . THR A 1 103 ? -2.665  8.685   11.229  1.00 22.73 ? 104 THR B OG1 1 
ATOM   843  C  CG2 . THR A 1 103 ? -2.881  9.435   8.962   1.00 25.08 ? 104 THR B CG2 1 
ATOM   844  N  N   . TRP A 1 104 ? -0.024  8.444   7.511   1.00 22.37 ? 105 TRP B N   1 
ATOM   845  C  CA  . TRP A 1 104 ? 0.725   8.790   6.334   1.00 21.42 ? 105 TRP B CA  1 
ATOM   846  C  C   . TRP A 1 104 ? -0.289  9.056   5.231   1.00 24.15 ? 105 TRP B C   1 
ATOM   847  O  O   . TRP A 1 104 ? -1.041  8.152   4.864   1.00 22.45 ? 105 TRP B O   1 
ATOM   848  C  CB  . TRP A 1 104 ? 1.639   7.635   5.942   1.00 21.69 ? 105 TRP B CB  1 
ATOM   849  C  CG  . TRP A 1 104 ? 2.546   7.833   4.741   1.00 22.15 ? 105 TRP B CG  1 
ATOM   850  C  CD1 . TRP A 1 104 ? 2.723   8.974   4.004   1.00 22.87 ? 105 TRP B CD1 1 
ATOM   851  C  CD2 . TRP A 1 104 ? 3.434   6.868   4.184   1.00 22.36 ? 105 TRP B CD2 1 
ATOM   852  N  NE1 . TRP A 1 104 ? 3.641   8.767   3.024   1.00 23.56 ? 105 TRP B NE1 1 
ATOM   853  C  CE2 . TRP A 1 104 ? 4.088   7.482   3.093   1.00 21.73 ? 105 TRP B CE2 1 
ATOM   854  C  CE3 . TRP A 1 104 ? 3.742   5.536   4.488   1.00 21.06 ? 105 TRP B CE3 1 
ATOM   855  C  CZ2 . TRP A 1 104 ? 5.032   6.824   2.325   1.00 21.43 ? 105 TRP B CZ2 1 
ATOM   856  C  CZ3 . TRP A 1 104 ? 4.664   4.879   3.707   1.00 22.38 ? 105 TRP B CZ3 1 
ATOM   857  C  CH2 . TRP A 1 104 ? 5.311   5.535   2.628   1.00 21.59 ? 105 TRP B CH2 1 
ATOM   858  N  N   . GLN A 1 105 ? -0.324  10.300  4.757   1.00 25.40 ? 106 GLN B N   1 
ATOM   859  C  CA  . GLN A 1 105 ? -1.244  10.723  3.692   1.00 27.44 ? 106 GLN B CA  1 
ATOM   860  C  C   . GLN A 1 105 ? -0.462  10.870  2.393   1.00 25.87 ? 106 GLN B C   1 
ATOM   861  O  O   . GLN A 1 105 ? 0.635   11.437  2.361   1.00 26.73 ? 106 GLN B O   1 
ATOM   862  C  CB  . GLN A 1 105 ? -1.972  12.026  4.087   1.00 30.22 ? 106 GLN B CB  1 
ATOM   863  C  CG  . GLN A 1 105 ? -3.049  12.475  3.097   1.00 34.90 ? 106 GLN B CG  1 
ATOM   864  C  CD  . GLN A 1 105 ? -4.024  13.500  3.678   1.00 39.54 ? 106 GLN B CD  1 
ATOM   865  O  OE1 . GLN A 1 105 ? -4.409  13.428  4.849   1.00 42.67 ? 106 GLN B OE1 1 
ATOM   866  N  NE2 . GLN A 1 105 ? -4.444  14.454  2.847   1.00 42.21 ? 106 GLN B NE2 1 
ATOM   867  N  N   . SER A 1 106 ? -0.996  10.303  1.312   1.00 25.20 ? 107 SER B N   1 
ATOM   868  C  CA  . SER A 1 106 ? -0.337  10.333  0.010   1.00 24.68 ? 107 SER B CA  1 
ATOM   869  C  C   . SER A 1 106 ? -1.381  10.562  -1.063  1.00 26.44 ? 107 SER B C   1 
ATOM   870  O  O   . SER A 1 106 ? -2.538  10.161  -0.892  1.00 26.87 ? 107 SER B O   1 
ATOM   871  C  CB  . SER A 1 106 ? 0.353   9.013   -0.293  1.00 26.82 ? 107 SER B CB  1 
ATOM   872  O  OG  . SER A 1 106 ? 1.439   8.801   0.593   1.00 24.37 ? 107 SER B OG  1 
ATOM   873  N  N   . LEU A 1 107 ? -0.944  11.167  -2.162  1.00 26.07 ? 108 LEU B N   1 
ATOM   874  C  CA  . LEU A 1 107 ? -1.805  11.398  -3.322  1.00 26.49 ? 108 LEU B CA  1 
ATOM   875  C  C   . LEU A 1 107 ? -1.373  10.478  -4.461  1.00 27.44 ? 108 LEU B C   1 
ATOM   876  O  O   . LEU A 1 107 ? -0.178  10.358  -4.778  1.00 27.14 ? 108 LEU B O   1 
ATOM   877  C  CB  . LEU A 1 107 ? -1.737  12.875  -3.739  1.00 29.08 ? 108 LEU B CB  1 
ATOM   878  C  CG  . LEU A 1 107 ? -2.731  13.325  -4.823  1.00 30.00 ? 108 LEU B CG  1 
ATOM   879  C  CD1 . LEU A 1 107 ? -4.122  13.462  -4.234  1.00 31.05 ? 108 LEU B CD1 1 
ATOM   880  C  CD2 . LEU A 1 107 ? -2.285  14.637  -5.456  1.00 31.38 ? 108 LEU B CD2 1 
ATOM   881  N  N   . ILE A 1 108 ? -2.350  9.800   -5.059  1.00 26.82 ? 109 ILE B N   1 
ATOM   882  C  CA  . ILE A 1 108 ? -2.104  8.917   -6.173  1.00 27.93 ? 109 ILE B CA  1 
ATOM   883  C  C   . ILE A 1 108 ? -2.791  9.549   -7.378  1.00 28.05 ? 109 ILE B C   1 
ATOM   884  O  O   . ILE A 1 108 ? -4.004  9.676   -7.385  1.00 26.92 ? 109 ILE B O   1 
ATOM   885  C  CB  . ILE A 1 108 ? -2.678  7.524   -5.898  1.00 28.86 ? 109 ILE B CB  1 
ATOM   886  C  CG1 . ILE A 1 108 ? -2.152  7.011   -4.538  1.00 29.99 ? 109 ILE B CG1 1 
ATOM   887  C  CG2 . ILE A 1 108 ? -2.313  6.558   -7.027  1.00 30.74 ? 109 ILE B CG2 1 
ATOM   888  C  CD1 . ILE A 1 108 ? -2.898  5.818   -3.995  1.00 31.41 ? 109 ILE B CD1 1 
ATOM   889  N  N   . GLU A 1 109 ? -1.999  9.966   -8.357  1.00 29.11 ? 110 GLU B N   1 
ATOM   890  C  CA  . GLU A 1 109 ? -2.520  10.607  -9.566  1.00 32.17 ? 110 GLU B CA  1 
ATOM   891  C  C   . GLU A 1 109 ? -2.579  9.646   -10.746 1.00 31.96 ? 110 GLU B C   1 
ATOM   892  O  O   . GLU A 1 109 ? -1.636  8.883   -10.998 1.00 32.99 ? 110 GLU B O   1 
ATOM   893  C  CB  . GLU A 1 109 ? -1.645  11.804  -9.941  1.00 34.67 ? 110 GLU B CB  1 
ATOM   894  C  CG  . GLU A 1 109 ? -1.644  12.917  -8.908  1.00 38.37 ? 110 GLU B CG  1 
ATOM   895  C  CD  . GLU A 1 109 ? -0.853  14.128  -9.375  1.00 43.68 ? 110 GLU B CD  1 
ATOM   896  O  OE1 . GLU A 1 109 ? 0.381   14.161  -9.168  1.00 49.45 ? 110 GLU B OE1 1 
ATOM   897  O  OE2 . GLU A 1 109 ? -1.473  15.045  -9.958  1.00 49.21 ? 110 GLU B OE2 1 
ATOM   898  N  N   . ALA A 1 110 ? -3.674  9.709   -11.504 1.00 32.82 ? 111 ALA B N   1 
ATOM   899  C  CA  . ALA A 1 110 ? -3.798  8.896   -12.722 1.00 35.12 ? 111 ALA B CA  1 
ATOM   900  C  C   . ALA A 1 110 ? -2.686  9.182   -13.733 1.00 34.34 ? 111 ALA B C   1 
ATOM   901  O  O   . ALA A 1 110 ? -2.250  10.329  -13.869 1.00 34.37 ? 111 ALA B O   1 
ATOM   902  C  CB  . ALA A 1 110 ? -5.158  9.121   -13.359 1.00 37.15 ? 111 ALA B CB  1 
ATOM   903  N  N   . MET A 1 116 ? -7.747  4.005   -19.160 1.00 25.08 ? 117 MET B N   1 
ATOM   904  C  CA  . MET A 1 116 ? -8.100  2.881   -18.317 1.00 25.55 ? 117 MET B CA  1 
ATOM   905  C  C   . MET A 1 116 ? -9.022  1.885   -19.049 1.00 25.01 ? 117 MET B C   1 
ATOM   906  O  O   . MET A 1 116 ? -9.951  2.274   -19.762 1.00 26.48 ? 117 MET B O   1 
ATOM   907  C  CB  . MET A 1 116 ? -8.810  3.429   -17.068 1.00 28.74 ? 117 MET B CB  1 
ATOM   908  C  CG  . MET A 1 116 ? -8.832  2.539   -15.851 1.00 32.87 ? 117 MET B CG  1 
ATOM   909  S  SD  . MET A 1 116 ? -7.208  2.339   -15.111 1.00 33.71 ? 117 MET B SD  1 
ATOM   910  C  CE  . MET A 1 116 ? -7.028  3.769   -14.050 1.00 35.17 ? 117 MET B CE  1 
ATOM   911  N  N   . MET A 1 117 ? -8.763  0.593   -18.879 1.00 21.23 ? 118 MET B N   1 
ATOM   912  C  CA  . MET A 1 117 ? -9.717  -0.437  -19.338 1.00 20.69 ? 118 MET B CA  1 
ATOM   913  C  C   . MET A 1 117 ? -10.988 -0.359  -18.513 1.00 18.77 ? 118 MET B C   1 
ATOM   914  O  O   . MET A 1 117 ? -10.983 0.198   -17.424 1.00 19.54 ? 118 MET B O   1 
ATOM   915  C  CB  . MET A 1 117 ? -9.123  -1.852  -19.193 1.00 19.88 ? 118 MET B CB  1 
ATOM   916  C  CG  . MET A 1 117 ? -8.168  -2.239  -20.321 1.00 20.45 ? 118 MET B CG  1 
ATOM   917  S  SD  . MET A 1 117 ? -7.266  -3.778  -20.075 1.00 20.83 ? 118 MET B SD  1 
ATOM   918  C  CE  . MET A 1 117 ? -5.928  -3.184  -19.057 1.00 20.62 ? 118 MET B CE  1 
ATOM   919  N  N   . PRO A 1 118 ? -12.096 -0.943  -19.017 1.00 19.38 ? 119 PRO B N   1 
ATOM   920  C  CA  . PRO A 1 118 ? -13.311 -0.960  -18.203 1.00 18.76 ? 119 PRO B CA  1 
ATOM   921  C  C   . PRO A 1 118 ? -13.153 -1.756  -16.921 1.00 17.13 ? 119 PRO B C   1 
ATOM   922  O  O   . PRO A 1 118 ? -12.420 -2.761  -16.886 1.00 16.06 ? 119 PRO B O   1 
ATOM   923  C  CB  . PRO A 1 118 ? -14.344 -1.642  -19.107 1.00 20.06 ? 119 PRO B CB  1 
ATOM   924  C  CG  . PRO A 1 118 ? -13.788 -1.535  -20.477 1.00 21.43 ? 119 PRO B CG  1 
ATOM   925  C  CD  . PRO A 1 118 ? -12.302 -1.562  -20.334 1.00 20.74 ? 119 PRO B CD  1 
ATOM   926  N  N   . ALA A 1 119 ? -13.861 -1.325  -15.881 1.00 16.85 ? 120 ALA B N   1 
ATOM   927  C  CA  . ALA A 1 119 ? -13.882 -2.035  -14.598 1.00 16.32 ? 120 ALA B CA  1 
ATOM   928  C  C   . ALA A 1 119 ? -14.196 -3.513  -14.779 1.00 15.68 ? 120 ALA B C   1 
ATOM   929  O  O   . ALA A 1 119 ? -13.623 -4.360  -14.091 1.00 15.92 ? 120 ALA B O   1 
ATOM   930  C  CB  . ALA A 1 119 ? -14.876 -1.411  -13.642 1.00 16.70 ? 120 ALA B CB  1 
ATOM   931  N  N   . SER A 1 120 ? -15.110 -3.837  -15.699 1.00 16.06 ? 121 SER B N   1 
ATOM   932  C  CA  . SER A 1 120 ? -15.482 -5.246  -15.890 1.00 16.29 ? 121 SER B CA  1 
ATOM   933  C  C   . SER A 1 120 ? -14.353 -6.129  -16.416 1.00 15.64 ? 121 SER B C   1 
ATOM   934  O  O   . SER A 1 120 ? -14.331 -7.320  -16.139 1.00 15.58 ? 121 SER B O   1 
ATOM   935  C  CB  . SER A 1 120 ? -16.697 -5.390  -16.802 1.00 16.97 ? 121 SER B CB  1 
ATOM   936  O  OG  . SER A 1 120 ? -16.404 -4.968  -18.112 1.00 17.62 ? 121 SER B OG  1 
ATOM   937  N  N   . VAL A 1 121 ? -13.408 -5.539  -17.160 1.00 14.70 ? 122 VAL B N   1 
ATOM   938  C  CA  . VAL A 1 121 ? -12.243 -6.241  -17.658 1.00 14.96 ? 122 VAL B CA  1 
ATOM   939  C  C   . VAL A 1 121 ? -11.187 -6.365  -16.546 1.00 14.21 ? 122 VAL B C   1 
ATOM   940  O  O   . VAL A 1 121 ? -10.545 -7.409  -16.377 1.00 15.02 ? 122 VAL B O   1 
ATOM   941  C  CB  . VAL A 1 121 ? -11.677 -5.543  -18.921 1.00 14.89 ? 122 VAL B CB  1 
ATOM   942  C  CG1 . VAL A 1 121 ? -10.332 -6.114  -19.311 1.00 15.66 ? 122 VAL B CG1 1 
ATOM   943  C  CG2 . VAL A 1 121 ? -12.704 -5.617  -20.069 1.00 16.35 ? 122 VAL B CG2 1 
ATOM   944  N  N   . LEU A 1 122 ? -11.032 -5.282  -15.790 1.00 14.63 ? 123 LEU B N   1 
ATOM   945  C  CA  . LEU A 1 122 ? -10.026 -5.230  -14.735 1.00 14.65 ? 123 LEU B CA  1 
ATOM   946  C  C   . LEU A 1 122 ? -10.330 -6.107  -13.536 1.00 14.56 ? 123 LEU B C   1 
ATOM   947  O  O   . LEU A 1 122 ? -9.402  -6.640  -12.887 1.00 14.00 ? 123 LEU B O   1 
ATOM   948  C  CB  . LEU A 1 122 ? -9.818  -3.793  -14.266 1.00 15.51 ? 123 LEU B CB  1 
ATOM   949  C  CG  . LEU A 1 122 ? -9.206  -2.863  -15.282 1.00 16.31 ? 123 LEU B CG  1 
ATOM   950  C  CD1 . LEU A 1 122 ? -9.273  -1.439  -14.753 1.00 16.87 ? 123 LEU B CD1 1 
ATOM   951  C  CD2 . LEU A 1 122 ? -7.803  -3.263  -15.657 1.00 16.01 ? 123 LEU B CD2 1 
ATOM   952  N  N   . THR A 1 123 ? -11.611 -6.301  -13.237 1.00 14.36 ? 124 THR B N   1 
ATOM   953  C  CA  . THR A 1 123 ? -11.967 -6.833  -11.934 1.00 15.06 ? 124 THR B CA  1 
ATOM   954  C  C   . THR A 1 123 ? -11.447 -8.261  -11.734 1.00 14.52 ? 124 THR B C   1 
ATOM   955  O  O   . THR A 1 123 ? -11.626 -9.148  -12.594 1.00 14.67 ? 124 THR B O   1 
ATOM   956  C  CB  . THR A 1 123 ? -13.470 -6.714  -11.643 1.00 14.91 ? 124 THR B CB  1 
ATOM   957  O  OG1 . THR A 1 123 ? -13.705 -6.994  -10.261 1.00 14.25 ? 124 THR B OG1 1 
ATOM   958  C  CG2 . THR A 1 123 ? -14.331 -7.653  -12.514 1.00 15.50 ? 124 THR B CG2 1 
ATOM   959  N  N   . GLY A 1 124 ? -10.770 -8.495  -10.599 1.00 13.84 ? 125 GLY B N   1 
ATOM   960  C  CA  . GLY A 1 124 ? -10.148 -9.768  -10.326 1.00 14.21 ? 125 GLY B CA  1 
ATOM   961  C  C   . GLY A 1 124 ? -8.856  -10.069 -11.066 1.00 14.59 ? 125 GLY B C   1 
ATOM   962  O  O   . GLY A 1 124 ? -8.224  -11.117 -10.842 1.00 16.14 ? 125 GLY B O   1 
ATOM   963  N  N   . ASN A 1 125 ? -8.466  -9.165  -11.963 1.00 14.46 ? 126 ASN B N   1 
ATOM   964  C  CA  . ASN A 1 125 ? -7.267  -9.344  -12.766 1.00 14.52 ? 126 ASN B CA  1 
ATOM   965  C  C   . ASN A 1 125 ? -6.163  -8.361  -12.416 1.00 15.33 ? 126 ASN B C   1 
ATOM   966  O  O   . ASN A 1 125 ? -5.120  -8.387  -13.068 1.00 16.80 ? 126 ASN B O   1 
ATOM   967  C  CB  . ASN A 1 125 ? -7.611  -9.182  -14.244 1.00 14.35 ? 126 ASN B CB  1 
ATOM   968  C  CG  . ASN A 1 125 ? -8.447  -10.326 -14.764 1.00 14.60 ? 126 ASN B CG  1 
ATOM   969  O  OD1 . ASN A 1 125 ? -8.139  -11.482 -14.488 1.00 17.53 ? 126 ASN B OD1 1 
ATOM   970  N  ND2 . ASN A 1 125 ? -9.502  -10.015 -15.543 1.00 14.95 ? 126 ASN B ND2 1 
ATOM   971  N  N   . VAL A 1 126 ? -6.417  -7.484  -11.442 1.00 15.25 ? 127 VAL B N   1 
ATOM   972  C  CA  . VAL A 1 126 ? -5.442  -6.511  -10.992 1.00 15.84 ? 127 VAL B CA  1 
ATOM   973  C  C   . VAL A 1 126 ? -4.860  -6.976  -9.664  1.00 15.44 ? 127 VAL B C   1 
ATOM   974  O  O   . VAL A 1 126 ? -5.612  -7.273  -8.737  1.00 16.54 ? 127 VAL B O   1 
ATOM   975  C  CB  . VAL A 1 126 ? -6.055  -5.108  -10.878 1.00 15.43 ? 127 VAL B CB  1 
ATOM   976  C  CG1 . VAL A 1 126 ? -5.103  -4.131  -10.207 1.00 17.01 ? 127 VAL B CG1 1 
ATOM   977  C  CG2 . VAL A 1 126 ? -6.452  -4.584  -12.246 1.00 15.85 ? 127 VAL B CG2 1 
ATOM   978  N  N   . ILE A 1 127 ? -3.523  -7.019  -9.599  1.00 15.82 ? 128 ILE B N   1 
ATOM   979  C  CA  . ILE A 1 127 ? -2.774  -7.277  -8.357  1.00 16.57 ? 128 ILE B CA  1 
ATOM   980  C  C   . ILE A 1 127 ? -1.933  -6.033  -8.072  1.00 16.00 ? 128 ILE B C   1 
ATOM   981  O  O   . ILE A 1 127 ? -1.213  -5.549  -8.956  1.00 16.61 ? 128 ILE B O   1 
ATOM   982  C  CB  . ILE A 1 127 ? -1.861  -8.510  -8.501  1.00 17.90 ? 128 ILE B CB  1 
ATOM   983  C  CG1 . ILE A 1 127 ? -2.735  -9.772  -8.523  1.00 20.97 ? 128 ILE B CG1 1 
ATOM   984  C  CG2 . ILE A 1 127 ? -0.799  -8.551  -7.380  1.00 18.85 ? 128 ILE B CG2 1 
ATOM   985  C  CD1 . ILE A 1 127 ? -3.083  -10.289 -7.148  1.00 22.14 ? 128 ILE B CD1 1 
ATOM   986  N  N   . ILE A 1 128 ? -2.029  -5.521  -6.850  1.00 16.50 ? 129 ILE B N   1 
ATOM   987  C  CA  . ILE A 1 128 ? -1.109  -4.498  -6.371  1.00 16.23 ? 129 ILE B CA  1 
ATOM   988  C  C   . ILE A 1 128 ? -0.019  -5.210  -5.583  1.00 16.19 ? 129 ILE B C   1 
ATOM   989  O  O   . ILE A 1 128 ? -0.307  -5.928  -4.619  1.00 15.62 ? 129 ILE B O   1 
ATOM   990  C  CB  . ILE A 1 128 ? -1.780  -3.427  -5.491  1.00 17.59 ? 129 ILE B CB  1 
ATOM   991  C  CG1 . ILE A 1 128 ? -3.085  -2.920  -6.115  1.00 17.52 ? 129 ILE B CG1 1 
ATOM   992  C  CG2 . ILE A 1 128 ? -0.823  -2.276  -5.211  1.00 18.22 ? 129 ILE B CG2 1 
ATOM   993  C  CD1 . ILE A 1 128 ? -2.902  -2.317  -7.507  1.00 17.69 ? 129 ILE B CD1 1 
ATOM   994  N  N   . GLU A 1 129 ? 1.227   -5.047  -6.039  1.00 15.50 ? 130 GLU B N   1 
ATOM   995  C  CA  . GLU A 1 129 ? 2.387   -5.587  -5.365  1.00 16.89 ? 130 GLU B CA  1 
ATOM   996  C  C   . GLU A 1 129 ? 3.058   -4.430  -4.646  1.00 17.31 ? 130 GLU B C   1 
ATOM   997  O  O   . GLU A 1 129 ? 3.493   -3.458  -5.270  1.00 18.59 ? 130 GLU B O   1 
ATOM   998  C  CB  . GLU A 1 129 ? 3.365   -6.230  -6.365  1.00 18.22 ? 130 GLU B CB  1 
ATOM   999  C  CG  . GLU A 1 129 ? 4.625   -6.790  -5.713  1.00 20.67 ? 130 GLU B CG  1 
ATOM   1000 C  CD  . GLU A 1 129 ? 5.707   -7.075  -6.751  1.00 24.04 ? 130 GLU B CD  1 
ATOM   1001 O  OE1 . GLU A 1 129 ? 6.430   -6.139  -7.156  1.00 27.77 ? 130 GLU B OE1 1 
ATOM   1002 O  OE2 . GLU A 1 129 ? 5.796   -8.224  -7.208  1.00 29.03 ? 130 GLU B OE2 1 
ATOM   1003 N  N   . THR A 1 130 ? 3.159   -4.539  -3.324  1.00 16.39 ? 131 THR B N   1 
ATOM   1004 C  CA  . THR A 1 130 ? 3.719   -3.464  -2.493  1.00 16.63 ? 131 THR B CA  1 
ATOM   1005 C  C   . THR A 1 130 ? 4.997   -3.949  -1.843  1.00 15.97 ? 131 THR B C   1 
ATOM   1006 O  O   . THR A 1 130 ? 5.013   -4.974  -1.172  1.00 16.89 ? 131 THR B O   1 
ATOM   1007 C  CB  . THR A 1 130 ? 2.720   -3.010  -1.415  1.00 16.54 ? 131 THR B CB  1 
ATOM   1008 O  OG1 . THR A 1 130 ? 1.544   -2.478  -2.046  1.00 17.26 ? 131 THR B OG1 1 
ATOM   1009 C  CG2 . THR A 1 130 ? 3.310   -1.954  -0.501  1.00 17.54 ? 131 THR B CG2 1 
ATOM   1010 N  N   . LYS A 1 131 ? 6.077   -3.202  -2.051  1.00 16.41 ? 132 LYS B N   1 
ATOM   1011 C  CA  . LYS A 1 131 ? 7.335   -3.485  -1.379  1.00 17.53 ? 132 LYS B CA  1 
ATOM   1012 C  C   . LYS A 1 131 ? 7.586   -2.378  -0.357  1.00 17.39 ? 132 LYS B C   1 
ATOM   1013 O  O   . LYS A 1 131 ? 7.521   -1.186  -0.669  1.00 16.94 ? 132 LYS B O   1 
ATOM   1014 C  CB  . LYS A 1 131 ? 8.475   -3.562  -2.392  1.00 19.34 ? 132 LYS B CB  1 
ATOM   1015 C  CG  . LYS A 1 131 ? 8.474   -4.836  -3.214  1.00 22.80 ? 132 LYS B CG  1 
ATOM   1016 C  CD  . LYS A 1 131 ? 9.588   -4.819  -4.236  1.00 26.32 ? 132 LYS B CD  1 
ATOM   1017 C  CE  . LYS A 1 131 ? 9.508   -6.000  -5.169  1.00 29.63 ? 132 LYS B CE  1 
ATOM   1018 N  NZ  . LYS A 1 131 ? 9.545   -7.295  -4.440  1.00 32.63 ? 132 LYS B NZ  1 
ATOM   1019 N  N   . PHE A 1 132 ? 7.914   -2.791  0.861   1.00 18.06 ? 133 PHE B N   1 
ATOM   1020 C  CA  . PHE A 1 132 ? 8.167   -1.880  1.989   1.00 19.15 ? 133 PHE B CA  1 
ATOM   1021 C  C   . PHE A 1 132 ? 9.683   -1.905  2.189   1.00 16.88 ? 133 PHE B C   1 
ATOM   1022 O  O   . PHE A 1 132 ? 10.285  -2.975  2.265   1.00 17.48 ? 133 PHE B O   1 
ATOM   1023 C  CB  . PHE A 1 132 ? 7.464   -2.429  3.243   1.00 22.14 ? 133 PHE B CB  1 
ATOM   1024 C  CG  . PHE A 1 132 ? 5.967   -2.492  3.125   1.00 26.55 ? 133 PHE B CG  1 
ATOM   1025 C  CD1 . PHE A 1 132 ? 5.173   -1.544  3.732   1.00 28.69 ? 133 PHE B CD1 1 
ATOM   1026 C  CD2 . PHE A 1 132 ? 5.356   -3.508  2.408   1.00 30.24 ? 133 PHE B CD2 1 
ATOM   1027 C  CE1 . PHE A 1 132 ? 3.785   -1.593  3.618   1.00 28.83 ? 133 PHE B CE1 1 
ATOM   1028 C  CE2 . PHE A 1 132 ? 3.969   -3.570  2.291   1.00 30.25 ? 133 PHE B CE2 1 
ATOM   1029 C  CZ  . PHE A 1 132 ? 3.191   -2.600  2.885   1.00 31.64 ? 133 PHE B CZ  1 
ATOM   1030 N  N   . PHE A 1 133 ? 10.283  -0.712  2.218   1.00 16.50 ? 134 PHE B N   1 
ATOM   1031 C  CA  . PHE A 1 133 ? 11.708  -0.524  2.396   1.00 17.51 ? 134 PHE B CA  1 
ATOM   1032 C  C   . PHE A 1 133 ? 12.000  0.395   3.586   1.00 17.37 ? 134 PHE B C   1 
ATOM   1033 O  O   . PHE A 1 133 ? 11.262  1.344   3.867   1.00 16.57 ? 134 PHE B O   1 
ATOM   1034 C  CB  . PHE A 1 133 ? 12.300  0.180   1.177   1.00 18.02 ? 134 PHE B CB  1 
ATOM   1035 C  CG  . PHE A 1 133 ? 12.308  -0.638  -0.095  1.00 18.04 ? 134 PHE B CG  1 
ATOM   1036 C  CD1 . PHE A 1 133 ? 13.380  -1.439  -0.418  1.00 18.75 ? 134 PHE B CD1 1 
ATOM   1037 C  CD2 . PHE A 1 133 ? 11.222  -0.587  -0.975  1.00 18.85 ? 134 PHE B CD2 1 
ATOM   1038 C  CE1 . PHE A 1 133 ? 13.398  -2.189  -1.578  1.00 20.64 ? 134 PHE B CE1 1 
ATOM   1039 C  CE2 . PHE A 1 133 ? 11.259  -1.309  -2.146  1.00 19.88 ? 134 PHE B CE2 1 
ATOM   1040 C  CZ  . PHE A 1 133 ? 12.327  -2.118  -2.443  1.00 20.11 ? 134 PHE B CZ  1 
ATOM   1041 N  N   . ASP A 1 134 ? 13.142  0.148   4.215   1.00 19.23 ? 135 ASP B N   1 
ATOM   1042 C  CA  . ASP A 1 134 ? 13.836  1.193   4.960   1.00 19.66 ? 135 ASP B CA  1 
ATOM   1043 C  C   . ASP A 1 134 ? 15.069  1.536   4.142   1.00 19.77 ? 135 ASP B C   1 
ATOM   1044 O  O   . ASP A 1 134 ? 16.026  0.777   4.099   1.00 19.75 ? 135 ASP B O   1 
ATOM   1045 C  CB  . ASP A 1 134 ? 14.230  0.749   6.370   1.00 20.98 ? 135 ASP B CB  1 
ATOM   1046 C  CG  . ASP A 1 134 ? 14.915  1.866   7.146   1.00 24.36 ? 135 ASP B CG  1 
ATOM   1047 O  OD1 . ASP A 1 134 ? 15.026  2.973   6.591   1.00 23.90 ? 135 ASP B OD1 1 
ATOM   1048 O  OD2 . ASP A 1 134 ? 15.340  1.643   8.296   1.00 26.03 ? 135 ASP B OD2 1 
ATOM   1049 N  N   . ASP A 1 135 ? 15.015  2.676   3.468   1.00 21.53 ? 136 ASP B N   1 
ATOM   1050 C  CA  . ASP A 1 135 ? 16.045  3.067   2.492   1.00 24.37 ? 136 ASP B CA  1 
ATOM   1051 C  C   . ASP A 1 135 ? 16.167  2.017   1.377   1.00 23.72 ? 136 ASP B C   1 
ATOM   1052 O  O   . ASP A 1 135 ? 15.206  1.839   0.637   1.00 23.56 ? 136 ASP B O   1 
ATOM   1053 C  CB  . ASP A 1 135 ? 17.387  3.364   3.186   1.00 26.96 ? 136 ASP B CB  1 
ATOM   1054 C  CG  . ASP A 1 135 ? 18.369  4.062   2.254   1.00 31.65 ? 136 ASP B CG  1 
ATOM   1055 O  OD1 . ASP A 1 135 ? 17.916  4.925   1.471   1.00 31.74 ? 136 ASP B OD1 1 
ATOM   1056 O  OD2 . ASP A 1 135 ? 19.576  3.727   2.278   1.00 37.46 ? 136 ASP B OD2 1 
ATOM   1057 N  N   . ASP A 1 136 ? 17.273  1.289   1.248   1.00 24.77 ? 137 ASP B N   1 
ATOM   1058 C  CA  . ASP A 1 136 ? 17.356  0.255   0.228   1.00 26.24 ? 137 ASP B CA  1 
ATOM   1059 C  C   . ASP A 1 136 ? 17.221  -1.173  0.780   1.00 23.21 ? 137 ASP B C   1 
ATOM   1060 O  O   . ASP A 1 136 ? 17.385  -2.149  0.050   1.00 24.01 ? 137 ASP B O   1 
ATOM   1061 C  CB  . ASP A 1 136 ? 18.626  0.446   -0.622  1.00 30.57 ? 137 ASP B CB  1 
ATOM   1062 C  CG  . ASP A 1 136 ? 18.500  1.622   -1.614  1.00 35.70 ? 137 ASP B CG  1 
ATOM   1063 O  OD1 . ASP A 1 136 ? 17.366  2.003   -1.997  1.00 36.51 ? 137 ASP B OD1 1 
ATOM   1064 O  OD2 . ASP A 1 136 ? 19.550  2.164   -2.020  1.00 39.42 ? 137 ASP B OD2 1 
ATOM   1065 N  N   . LEU A 1 137 ? 16.836  -1.292  2.055   1.00 21.76 ? 138 LEU B N   1 
ATOM   1066 C  CA  . LEU A 1 137 ? 16.624  -2.574  2.672   1.00 21.74 ? 138 LEU B CA  1 
ATOM   1067 C  C   . LEU A 1 137 ? 15.173  -2.994  2.469   1.00 19.84 ? 138 LEU B C   1 
ATOM   1068 O  O   . LEU A 1 137 ? 14.271  -2.343  2.977   1.00 19.10 ? 138 LEU B O   1 
ATOM   1069 C  CB  . LEU A 1 137 ? 16.923  -2.499  4.168   1.00 22.19 ? 138 LEU B CB  1 
ATOM   1070 C  CG  . LEU A 1 137 ? 16.779  -3.777  4.993   1.00 23.17 ? 138 LEU B CG  1 
ATOM   1071 C  CD1 . LEU A 1 137 ? 17.752  -4.838  4.507   1.00 24.00 ? 138 LEU B CD1 1 
ATOM   1072 C  CD2 . LEU A 1 137 ? 17.003  -3.462  6.468   1.00 24.75 ? 138 LEU B CD2 1 
ATOM   1073 N  N   . LEU A 1 138 ? 14.965  -4.084  1.743   1.00 20.57 ? 139 LEU B N   1 
ATOM   1074 C  CA  . LEU A 1 138 ? 13.623  -4.617  1.544   1.00 20.55 ? 139 LEU B CA  1 
ATOM   1075 C  C   . LEU A 1 138 ? 13.162  -5.328  2.799   1.00 20.41 ? 139 LEU B C   1 
ATOM   1076 O  O   . LEU A 1 138 ? 13.815  -6.292  3.248   1.00 21.68 ? 139 LEU B O   1 
ATOM   1077 C  CB  . LEU A 1 138 ? 13.603  -5.589  0.364   1.00 20.84 ? 139 LEU B CB  1 
ATOM   1078 C  CG  . LEU A 1 138 ? 12.242  -6.211  -0.014  1.00 21.10 ? 139 LEU B CG  1 
ATOM   1079 C  CD1 . LEU A 1 138 ? 11.251  -5.138  -0.429  1.00 20.22 ? 139 LEU B CD1 1 
ATOM   1080 C  CD2 . LEU A 1 138 ? 12.426  -7.232  -1.126  1.00 22.29 ? 139 LEU B CD2 1 
ATOM   1081 N  N   . VAL A 1 139 ? 12.059  -4.862  3.357   1.00 18.70 ? 140 VAL B N   1 
ATOM   1082 C  CA  . VAL A 1 139 ? 11.504  -5.400  4.591   1.00 19.56 ? 140 VAL B CA  1 
ATOM   1083 C  C   . VAL A 1 139 ? 10.479  -6.464  4.255   1.00 21.11 ? 140 VAL B C   1 
ATOM   1084 O  O   . VAL A 1 139 ? 10.508  -7.558  4.828   1.00 22.44 ? 140 VAL B O   1 
ATOM   1085 C  CB  . VAL A 1 139 ? 10.920  -4.281  5.456   1.00 20.03 ? 140 VAL B CB  1 
ATOM   1086 C  CG1 . VAL A 1 139 ? 10.172  -4.837  6.661   1.00 19.67 ? 140 VAL B CG1 1 
ATOM   1087 C  CG2 . VAL A 1 139 ? 12.035  -3.323  5.875   1.00 21.01 ? 140 VAL B CG2 1 
ATOM   1088 N  N   . SER A 1 140 ? 9.591   -6.169  3.310   1.00 19.59 ? 141 SER B N   1 
ATOM   1089 C  CA  . SER A 1 140 ? 8.575   -7.155  2.923   1.00 20.27 ? 141 SER B CA  1 
ATOM   1090 C  C   . SER A 1 140 ? 7.948   -6.821  1.593   1.00 19.53 ? 141 SER B C   1 
ATOM   1091 O  O   . SER A 1 140 ? 8.016   -5.684  1.132   1.00 18.77 ? 141 SER B O   1 
ATOM   1092 C  CB  . SER A 1 140 ? 7.468   -7.205  3.949   1.00 22.84 ? 141 SER B CB  1 
ATOM   1093 O  OG  . SER A 1 140 ? 6.751   -5.996  3.984   1.00 24.64 ? 141 SER B OG  1 
ATOM   1094 N  N   . THR A 1 141 ? 7.285   -7.829  1.042   1.00 19.16 ? 142 THR B N   1 
ATOM   1095 C  CA  . THR A 1 141 ? 6.544   -7.712  -0.216  1.00 19.03 ? 142 THR B CA  1 
ATOM   1096 C  C   . THR A 1 141 ? 5.172   -8.291  0.051   1.00 19.49 ? 142 THR B C   1 
ATOM   1097 O  O   . THR A 1 141 ? 5.065   -9.351  0.655   1.00 19.82 ? 142 THR B O   1 
ATOM   1098 C  CB  . THR A 1 141 ? 7.217   -8.519  -1.332  1.00 21.36 ? 142 THR B CB  1 
ATOM   1099 O  OG1 . THR A 1 141 ? 8.570   -8.079  -1.501  1.00 22.94 ? 142 THR B OG1 1 
ATOM   1100 C  CG2 . THR A 1 141 ? 6.485   -8.325  -2.650  1.00 22.87 ? 142 THR B CG2 1 
ATOM   1101 N  N   . SER A 1 142 ? 4.130   -7.587  -0.361  1.00 18.91 ? 143 SER B N   1 
ATOM   1102 C  CA  . SER A 1 142 ? 2.771   -8.101  -0.191  1.00 18.29 ? 143 SER B CA  1 
ATOM   1103 C  C   . SER A 1 142 ? 1.957   -7.881  -1.440  1.00 17.12 ? 143 SER B C   1 
ATOM   1104 O  O   . SER A 1 142 ? 2.307   -7.087  -2.309  1.00 16.87 ? 143 SER B O   1 
ATOM   1105 C  CB  . SER A 1 142 ? 2.099   -7.471  1.016   1.00 20.28 ? 143 SER B CB  1 
ATOM   1106 O  OG  . SER A 1 142 ? 1.979   -6.068  0.878   1.00 22.99 ? 143 SER B OG  1 
ATOM   1107 N  N   . ARG A 1 143 ? 0.861   -8.630  -1.531  1.00 16.38 ? 144 ARG B N   1 
ATOM   1108 C  CA  . ARG A 1 143 ? 0.008   -8.573  -2.724  1.00 16.78 ? 144 ARG B CA  1 
ATOM   1109 C  C   . ARG A 1 143 ? -1.454  -8.488  -2.360  1.00 15.98 ? 144 ARG B C   1 
ATOM   1110 O  O   . ARG A 1 143 ? -1.912  -9.183  -1.451  1.00 16.98 ? 144 ARG B O   1 
ATOM   1111 C  CB  . ARG A 1 143 ? 0.251   -9.797  -3.593  1.00 17.77 ? 144 ARG B CB  1 
ATOM   1112 C  CG  . ARG A 1 143 ? 1.610   -9.753  -4.262  1.00 20.38 ? 144 ARG B CG  1 
ATOM   1113 C  CD  . ARG A 1 143 ? 1.925   -11.006 -5.030  1.00 23.23 ? 144 ARG B CD  1 
ATOM   1114 N  NE  . ARG A 1 143 ? 3.252   -10.903 -5.626  1.00 27.41 ? 144 ARG B NE  1 
ATOM   1115 C  CZ  . ARG A 1 143 ? 4.397   -11.172 -4.997  1.00 30.33 ? 144 ARG B CZ  1 
ATOM   1116 N  NH1 . ARG A 1 143 ? 4.416   -11.583 -3.733  1.00 31.66 ? 144 ARG B NH1 1 
ATOM   1117 N  NH2 . ARG A 1 143 ? 5.537   -11.036 -5.646  1.00 32.38 ? 144 ARG B NH2 1 
ATOM   1118 N  N   . VAL A 1 144 ? -2.193  -7.636  -3.090  1.00 15.59 ? 145 VAL B N   1 
ATOM   1119 C  CA  . VAL A 1 144 ? -3.647  -7.538  -2.940  1.00 16.69 ? 145 VAL B CA  1 
ATOM   1120 C  C   . VAL A 1 144 ? -4.303  -7.635  -4.324  1.00 15.93 ? 145 VAL B C   1 
ATOM   1121 O  O   . VAL A 1 144 ? -3.915  -6.922  -5.277  1.00 16.03 ? 145 VAL B O   1 
ATOM   1122 C  CB  . VAL A 1 144 ? -4.094  -6.202  -2.281  1.00 18.04 ? 145 VAL B CB  1 
ATOM   1123 C  CG1 . VAL A 1 144 ? -5.610  -6.170  -2.034  1.00 19.57 ? 145 VAL B CG1 1 
ATOM   1124 C  CG2 . VAL A 1 144 ? -3.313  -5.888  -1.001  1.00 20.25 ? 145 VAL B CG2 1 
ATOM   1125 N  N   . ARG A 1 145 ? -5.308  -8.499  -4.434  1.00 14.87 ? 146 ARG B N   1 
ATOM   1126 C  CA  . ARG A 1 145 ? -6.076  -8.638  -5.675  1.00 14.99 ? 146 ARG B CA  1 
ATOM   1127 C  C   . ARG A 1 145 ? -7.293  -7.733  -5.543  1.00 14.31 ? 146 ARG B C   1 
ATOM   1128 O  O   . ARG A 1 145 ? -7.967  -7.733  -4.508  1.00 15.13 ? 146 ARG B O   1 
ATOM   1129 C  CB  . ARG A 1 145 ? -6.522  -10.092 -5.896  1.00 16.60 ? 146 ARG B CB  1 
ATOM   1130 C  CG  . ARG A 1 145 ? -7.260  -10.292 -7.218  1.00 17.19 ? 146 ARG B CG  1 
ATOM   1131 C  CD  . ARG A 1 145 ? -7.558  -11.764 -7.537  1.00 18.97 ? 146 ARG B CD  1 
ATOM   1132 N  NE  . ARG A 1 145 ? -6.353  -12.587 -7.582  1.00 20.86 ? 146 ARG B NE  1 
ATOM   1133 C  CZ  . ARG A 1 145 ? -5.543  -12.733 -8.630  1.00 23.09 ? 146 ARG B CZ  1 
ATOM   1134 N  NH1 . ARG A 1 145 ? -5.787  -12.142 -9.800  1.00 24.08 ? 146 ARG B NH1 1 
ATOM   1135 N  NH2 . ARG A 1 145 ? -4.456  -13.495 -8.504  1.00 25.15 ? 146 ARG B NH2 1 
ATOM   1136 N  N   . LEU A 1 146 ? -7.554  -6.952  -6.590  1.00 14.07 ? 147 LEU B N   1 
ATOM   1137 C  CA  . LEU A 1 146 ? -8.650  -5.977  -6.569  1.00 14.29 ? 147 LEU B CA  1 
ATOM   1138 C  C   . LEU A 1 146 ? -9.848  -6.406  -7.403  1.00 14.47 ? 147 LEU B C   1 
ATOM   1139 O  O   . LEU A 1 146 ? -9.703  -6.896  -8.530  1.00 15.91 ? 147 LEU B O   1 
ATOM   1140 C  CB  . LEU A 1 146 ? -8.205  -4.585  -7.066  1.00 15.50 ? 147 LEU B CB  1 
ATOM   1141 C  CG  . LEU A 1 146 ? -7.088  -3.917  -6.260  1.00 16.24 ? 147 LEU B CG  1 
ATOM   1142 C  CD1 . LEU A 1 146 ? -6.825  -2.521  -6.806  1.00 17.02 ? 147 LEU B CD1 1 
ATOM   1143 C  CD2 . LEU A 1 146 ? -7.423  -3.895  -4.785  1.00 17.50 ? 147 LEU B CD2 1 
ATOM   1144 N  N   . PHE A 1 147 ? -11.021 -6.191  -6.823  1.00 15.63 ? 148 PHE B N   1 
ATOM   1145 C  CA  . PHE A 1 147 ? -12.307 -6.321  -7.499  1.00 15.31 ? 148 PHE B CA  1 
ATOM   1146 C  C   . PHE A 1 147 ? -12.938 -4.934  -7.536  1.00 16.80 ? 148 PHE B C   1 
ATOM   1147 O  O   . PHE A 1 147 ? -12.941 -4.219  -6.541  1.00 18.65 ? 148 PHE B O   1 
ATOM   1148 C  CB  . PHE A 1 147 ? -13.185 -7.338  -6.744  1.00 15.16 ? 148 PHE B CB  1 
ATOM   1149 C  CG  . PHE A 1 147 ? -12.514 -8.671  -6.564  1.00 16.47 ? 148 PHE B CG  1 
ATOM   1150 C  CD1 . PHE A 1 147 ? -12.504 -9.613  -7.575  1.00 16.11 ? 148 PHE B CD1 1 
ATOM   1151 C  CD2 . PHE A 1 147 ? -11.800 -8.944  -5.409  1.00 20.05 ? 148 PHE B CD2 1 
ATOM   1152 C  CE1 . PHE A 1 147 ? -11.858 -10.813 -7.431  1.00 17.33 ? 148 PHE B CE1 1 
ATOM   1153 C  CE2 . PHE A 1 147 ? -11.131 -10.160 -5.255  1.00 20.42 ? 148 PHE B CE2 1 
ATOM   1154 C  CZ  . PHE A 1 147 ? -11.158 -11.099 -6.274  1.00 19.38 ? 148 PHE B CZ  1 
ATOM   1155 N  N   . TYR A 1 148 ? -13.450 -4.564  -8.700  1.00 16.45 ? 149 TYR B N   1 
ATOM   1156 C  CA  . TYR A 1 148 ? -14.123 -3.293  -8.934  1.00 17.56 ? 149 TYR B CA  1 
ATOM   1157 C  C   . TYR A 1 148 ? -15.608 -3.581  -8.955  1.00 19.21 ? 149 TYR B C   1 
ATOM   1158 O  O   . TYR A 1 148 ? -16.083 -4.376  -9.775  1.00 18.74 ? 149 TYR B O   1 
ATOM   1159 C  CB  . TYR A 1 148 ? -13.646 -2.642  -10.244 1.00 18.14 ? 149 TYR B CB  1 
ATOM   1160 C  CG  . TYR A 1 148 ? -12.152 -2.380  -10.217 1.00 17.59 ? 149 TYR B CG  1 
ATOM   1161 C  CD1 . TYR A 1 148 ? -11.653 -1.219  -9.645  1.00 18.88 ? 149 TYR B CD1 1 
ATOM   1162 C  CD2 . TYR A 1 148 ? -11.247 -3.320  -10.674 1.00 18.07 ? 149 TYR B CD2 1 
ATOM   1163 C  CE1 . TYR A 1 148 ? -10.284 -0.989  -9.595  1.00 18.74 ? 149 TYR B CE1 1 
ATOM   1164 C  CE2 . TYR A 1 148 ? -9.888  -3.097  -10.618 1.00 18.57 ? 149 TYR B CE2 1 
ATOM   1165 C  CZ  . TYR A 1 148 ? -9.414  -1.944  -10.065 1.00 19.76 ? 149 TYR B CZ  1 
ATOM   1166 O  OH  . TYR A 1 148 ? -8.051  -1.720  -10.032 1.00 20.71 ? 149 TYR B OH  1 
ATOM   1167 N  N   . VAL A 1 149 ? -16.326 -2.923  -8.057  1.00 21.17 ? 150 VAL B N   1 
ATOM   1168 C  CA  . VAL A 1 149 ? -17.741 -3.246  -7.841  1.00 24.40 ? 150 VAL B CA  1 
ATOM   1169 C  C   . VAL A 1 149 ? -18.604 -2.065  -8.274  1.00 26.99 ? 150 VAL B C   1 
ATOM   1170 O  O   . VAL A 1 149 ? -18.223 -0.906  -8.092  1.00 24.89 ? 150 VAL B O   1 
ATOM   1171 C  CB  . VAL A 1 149 ? -18.004 -3.675  -6.391  1.00 27.18 ? 150 VAL B CB  1 
ATOM   1172 C  CG1 . VAL A 1 149 ? -17.081 -4.829  -6.022  1.00 28.78 ? 150 VAL B CG1 1 
ATOM   1173 C  CG2 . VAL A 1 149 ? -17.824 -2.526  -5.411  1.00 30.61 ? 150 VAL B CG2 1 
HETATM 1174 C  CBC . NH6 B 2 .   ? -2.440  0.074   -0.262  1.00 23.66 ? 201 NH6 B CBC 1 
HETATM 1175 C  CBD . NH6 B 2 .   ? -1.517  0.041   0.776   1.00 23.17 ? 201 NH6 B CBD 1 
HETATM 1176 C  CBE . NH6 B 2 .   ? -0.842  -1.140  1.006   1.00 25.07 ? 201 NH6 B CBE 1 
HETATM 1177 CL CL  . NH6 B 2 .   ? 0.273   -1.179  2.269   1.00 30.89 ? 201 NH6 B CL  1 
HETATM 1178 C  CBF . NH6 B 2 .   ? -1.027  -2.255  0.222   1.00 24.08 ? 201 NH6 B CBF 1 
HETATM 1179 C  CBG . NH6 B 2 .   ? -1.930  -2.206  -0.829  1.00 22.70 ? 201 NH6 B CBG 1 
HETATM 1180 C  CAW . NH6 B 2 .   ? -2.656  -1.049  -1.074  1.00 22.49 ? 201 NH6 B CAW 1 
HETATM 1181 C  CAV . NH6 B 2 .   ? -3.548  -1.079  -2.148  1.00 22.12 ? 201 NH6 B CAV 1 
HETATM 1182 N  NAU . NH6 B 2 .   ? -4.391  0.159   -2.160  1.00 23.56 ? 201 NH6 B NAU 1 
HETATM 1183 C  CAX . NH6 B 2 .   ? -5.751  -0.384  -2.005  1.00 28.45 ? 201 NH6 B CAX 1 
HETATM 1184 C  CAY . NH6 B 2 .   ? -6.869  -0.073  -2.894  1.00 28.12 ? 201 NH6 B CAY 1 
HETATM 1185 C  CAZ . NH6 B 2 .   ? -7.809  -1.072  -2.166  1.00 28.75 ? 201 NH6 B CAZ 1 
HETATM 1186 C  CBA . NH6 B 2 .   ? -7.417  -1.077  -0.701  1.00 28.91 ? 201 NH6 B CBA 1 
HETATM 1187 C  CBB . NH6 B 2 .   ? -6.293  -0.083  -0.638  1.00 27.57 ? 201 NH6 B CBB 1 
HETATM 1188 S  SAR . NH6 B 2 .   ? -3.759  1.471   -3.206  1.00 22.76 ? 201 NH6 B SAR 1 
HETATM 1189 O  OAS . NH6 B 2 .   ? -3.944  2.726   -2.440  1.00 23.27 ? 201 NH6 B OAS 1 
HETATM 1190 O  OAT . NH6 B 2 .   ? -2.364  1.094   -3.545  1.00 22.25 ? 201 NH6 B OAT 1 
HETATM 1191 C  CAO . NH6 B 2 .   ? -4.676  1.634   -4.692  1.00 21.61 ? 201 NH6 B CAO 1 
HETATM 1192 C  CAP . NH6 B 2 .   ? -4.591  0.615   -5.621  1.00 22.25 ? 201 NH6 B CAP 1 
HETATM 1193 C  CAQ . NH6 B 2 .   ? -5.318  0.688   -6.800  1.00 22.18 ? 201 NH6 B CAQ 1 
HETATM 1194 C  CAN . NH6 B 2 .   ? -5.476  2.743   -4.945  1.00 23.59 ? 201 NH6 B CAN 1 
HETATM 1195 C  CAM . NH6 B 2 .   ? -6.203  2.815   -6.128  1.00 25.56 ? 201 NH6 B CAM 1 
HETATM 1196 C  CAL . NH6 B 2 .   ? -6.112  1.790   -7.046  1.00 23.80 ? 201 NH6 B CAL 1 
HETATM 1197 S  SAI . NH6 B 2 .   ? -7.033  1.877   -8.564  1.00 27.71 ? 201 NH6 B SAI 1 
HETATM 1198 O  OAJ . NH6 B 2 .   ? -7.529  0.512   -8.848  1.00 30.79 ? 201 NH6 B OAJ 1 
HETATM 1199 O  OAK . NH6 B 2 .   ? -8.084  2.940   -8.409  1.00 33.71 ? 201 NH6 B OAK 1 
HETATM 1200 N  NAH . NH6 B 2 .   ? -5.975  2.335   -9.844  1.00 27.03 ? 201 NH6 B NAH 1 
HETATM 1201 C  CAA . NH6 B 2 .   ? -4.918  1.356   -10.105 1.00 28.66 ? 201 NH6 B CAA 1 
HETATM 1202 C  CAB . NH6 B 2 .   ? -4.786  1.059   -11.507 1.00 28.87 ? 201 NH6 B CAB 1 
HETATM 1203 C  CAC . NH6 B 2 .   ? -5.494  0.012   -12.097 1.00 27.21 ? 201 NH6 B CAC 1 
HETATM 1204 C  CAD . NH6 B 2 .   ? -5.340  -0.295  -13.453 1.00 27.74 ? 201 NH6 B CAD 1 
HETATM 1205 C  CAE . NH6 B 2 .   ? -4.461  0.445   -14.246 1.00 27.72 ? 201 NH6 B CAE 1 
HETATM 1206 C  CAF . NH6 B 2 .   ? -3.749  1.495   -13.668 1.00 26.88 ? 201 NH6 B CAF 1 
HETATM 1207 C  CAG . NH6 B 2 .   ? -3.907  1.786   -12.315 1.00 28.04 ? 201 NH6 B CAG 1 
HETATM 1208 O  O   . HOH C 3 .   ? -0.115  -5.540  0.090   1.00 28.62 ? 301 HOH B O   1 
HETATM 1209 O  O   . HOH C 3 .   ? 11.686  -9.029  6.441   1.00 27.87 ? 302 HOH B O   1 
HETATM 1210 O  O   . HOH C 3 .   ? -13.340 13.719  3.387   1.00 42.49 ? 303 HOH B O   1 
HETATM 1211 O  O   . HOH C 3 .   ? 17.265  2.790   12.453  1.00 36.80 ? 304 HOH B O   1 
HETATM 1212 O  O   . HOH C 3 .   ? 11.225  -0.540  -8.974  1.00 38.33 ? 305 HOH B O   1 
HETATM 1213 O  O   . HOH C 3 .   ? -0.174  -6.982  10.858  1.00 26.30 ? 306 HOH B O   1 
HETATM 1214 O  O   . HOH C 3 .   ? -19.568 -5.532  -2.583  1.00 44.55 ? 307 HOH B O   1 
HETATM 1215 O  O   . HOH C 3 .   ? 1.735   6.337   1.313   1.00 26.05 ? 308 HOH B O   1 
HETATM 1216 O  O   . HOH C 3 .   ? 0.685   -10.497 0.742   1.00 17.07 ? 309 HOH B O   1 
HETATM 1217 O  O   . HOH C 3 .   ? -15.027 13.239  -8.498  1.00 38.90 ? 310 HOH B O   1 
HETATM 1218 O  O   . HOH C 3 .   ? -4.625  10.189  12.110  1.00 37.12 ? 311 HOH B O   1 
HETATM 1219 O  O   . HOH C 3 .   ? 3.197   -2.923  -19.674 1.00 41.31 ? 312 HOH B O   1 
HETATM 1220 O  O   . HOH C 3 .   ? -0.952  -12.929 -5.502  1.00 36.45 ? 313 HOH B O   1 
HETATM 1221 O  O   . HOH C 3 .   ? 11.891  0.074   19.959  1.00 21.91 ? 314 HOH B O   1 
HETATM 1222 O  O   . HOH C 3 .   ? 4.658   -5.799  5.598   1.00 28.93 ? 315 HOH B O   1 
HETATM 1223 O  O   . HOH C 3 .   ? 13.335  -2.539  19.345  1.00 23.46 ? 316 HOH B O   1 
HETATM 1224 O  O   . HOH C 3 .   ? 16.610  0.448   10.319  1.00 34.18 ? 317 HOH B O   1 
HETATM 1225 O  O   . HOH C 3 .   ? -3.950  3.712   15.291  1.00 35.30 ? 318 HOH B O   1 
HETATM 1226 O  O   . HOH C 3 .   ? -4.799  -4.081  11.240  1.00 25.17 ? 319 HOH B O   1 
HETATM 1227 O  O   . HOH C 3 .   ? 8.609   -6.578  -8.691  1.00 41.20 ? 320 HOH B O   1 
HETATM 1228 O  O   . HOH C 3 .   ? 4.170   -11.803 -0.051  1.00 24.64 ? 321 HOH B O   1 
HETATM 1229 O  O   . HOH C 3 .   ? 11.212  -6.665  16.102  1.00 32.36 ? 322 HOH B O   1 
HETATM 1230 O  O   . HOH C 3 .   ? 4.542   -8.151  11.180  1.00 24.61 ? 323 HOH B O   1 
HETATM 1231 O  O   . HOH C 3 .   ? -7.789  9.426   2.409   1.00 33.93 ? 324 HOH B O   1 
HETATM 1232 O  O   . HOH C 3 .   ? 7.557   8.793   13.724  1.00 26.41 ? 325 HOH B O   1 
HETATM 1233 O  O   . HOH C 3 .   ? 4.267   -11.338 -13.524 1.00 41.16 ? 326 HOH B O   1 
HETATM 1234 O  O   . HOH C 3 .   ? 14.542  9.808   5.631   1.00 32.64 ? 327 HOH B O   1 
HETATM 1235 O  O   . HOH C 3 .   ? -0.116  -4.643  -2.132  1.00 19.72 ? 328 HOH B O   1 
HETATM 1236 O  O   . HOH C 3 .   ? 8.987   -2.119  13.279  1.00 15.50 ? 329 HOH B O   1 
HETATM 1237 O  O   . HOH C 3 .   ? 2.991   2.928   18.787  1.00 42.26 ? 330 HOH B O   1 
HETATM 1238 O  O   . HOH C 3 .   ? -5.791  -12.718 -13.812 1.00 26.18 ? 331 HOH B O   1 
HETATM 1239 O  O   . HOH C 3 .   ? -16.747 11.248  -4.863  1.00 29.34 ? 332 HOH B O   1 
HETATM 1240 O  O   . HOH C 3 .   ? -10.872 5.431   7.845   1.00 38.91 ? 333 HOH B O   1 
HETATM 1241 O  O   . HOH C 3 .   ? -3.622  13.585  -0.304  1.00 54.77 ? 334 HOH B O   1 
HETATM 1242 O  O   . HOH C 3 .   ? 4.546   10.044  -4.301  1.00 35.28 ? 335 HOH B O   1 
HETATM 1243 O  O   . HOH C 3 .   ? 9.069   -2.560  -6.841  1.00 27.76 ? 336 HOH B O   1 
HETATM 1244 O  O   . HOH C 3 .   ? -6.972  -14.258 -19.262 1.00 31.64 ? 337 HOH B O   1 
HETATM 1245 O  O   . HOH C 3 .   ? -0.610  -1.460  16.394  1.00 29.51 ? 338 HOH B O   1 
HETATM 1246 O  O   . HOH C 3 .   ? 16.180  -7.647  2.805   1.00 42.55 ? 339 HOH B O   1 
HETATM 1247 O  O   . HOH C 3 .   ? 2.379   -6.864  10.330  1.00 31.39 ? 340 HOH B O   1 
HETATM 1248 O  O   . HOH C 3 .   ? -6.480  -2.582  13.363  1.00 35.04 ? 341 HOH B O   1 
HETATM 1249 O  O   . HOH C 3 .   ? -4.111  -2.528  14.982  1.00 33.30 ? 342 HOH B O   1 
HETATM 1250 O  O   . HOH C 3 .   ? 3.145   12.592  1.987   1.00 42.05 ? 343 HOH B O   1 
HETATM 1251 O  O   . HOH C 3 .   ? 16.046  4.881   -0.598  1.00 39.25 ? 344 HOH B O   1 
HETATM 1252 O  O   . HOH C 3 .   ? 2.242   -15.681 5.240   1.00 28.54 ? 345 HOH B O   1 
HETATM 1253 O  O   . HOH C 3 .   ? -8.136  -10.317 2.121   1.00 27.50 ? 346 HOH B O   1 
HETATM 1254 O  O   . HOH C 3 .   ? -15.630 -7.404  -19.265 1.00 21.28 ? 347 HOH B O   1 
HETATM 1255 O  O   . HOH C 3 .   ? 5.690   -8.474  17.087  1.00 20.61 ? 348 HOH B O   1 
HETATM 1256 O  O   . HOH C 3 .   ? -15.036 8.928   -10.243 1.00 31.81 ? 349 HOH B O   1 
HETATM 1257 O  O   . HOH C 3 .   ? -9.884  -5.846  2.114   1.00 35.63 ? 350 HOH B O   1 
HETATM 1258 O  O   . HOH C 3 .   ? 3.899   -1.923  16.217  1.00 31.59 ? 351 HOH B O   1 
HETATM 1259 O  O   . HOH C 3 .   ? -16.621 -8.647  -15.141 1.00 18.62 ? 352 HOH B O   1 
HETATM 1260 O  O   . HOH C 3 .   ? 7.911   6.368   20.820  1.00 30.80 ? 353 HOH B O   1 
HETATM 1261 O  O   . HOH C 3 .   ? 5.578   -6.717  -16.426 1.00 31.14 ? 354 HOH B O   1 
HETATM 1262 O  O   . HOH C 3 .   ? 9.885   4.483   -2.770  1.00 22.09 ? 355 HOH B O   1 
HETATM 1263 O  O   . HOH C 3 .   ? -16.766 -4.547  -12.534 1.00 27.03 ? 356 HOH B O   1 
HETATM 1264 O  O   . HOH C 3 .   ? -8.065  7.477   -13.681 1.00 37.54 ? 357 HOH B O   1 
HETATM 1265 O  O   . HOH C 3 .   ? -2.935  -16.697 -0.734  1.00 35.71 ? 358 HOH B O   1 
HETATM 1266 O  O   . HOH C 3 .   ? -15.427 3.025   -13.756 1.00 33.66 ? 359 HOH B O   1 
HETATM 1267 O  O   . HOH C 3 .   ? 6.549   -3.504  -6.057  1.00 25.04 ? 360 HOH B O   1 
HETATM 1268 O  O   . HOH C 3 .   ? -12.572 2.395   -16.512 1.00 31.02 ? 361 HOH B O   1 
HETATM 1269 O  O   . HOH C 3 .   ? 1.178   10.905  12.203  1.00 40.88 ? 362 HOH B O   1 
HETATM 1270 O  O   . HOH C 3 .   ? 9.098   -2.306  21.807  1.00 28.12 ? 363 HOH B O   1 
HETATM 1271 O  O   . HOH C 3 .   ? -6.401  -0.143  -17.412 1.00 22.20 ? 364 HOH B O   1 
HETATM 1272 O  O   . HOH C 3 .   ? -5.713  5.948   14.919  1.00 42.63 ? 365 HOH B O   1 
HETATM 1273 O  O   . HOH C 3 .   ? 1.056   7.975   -11.464 1.00 50.82 ? 366 HOH B O   1 
HETATM 1274 O  O   . HOH C 3 .   ? 13.050  -2.463  -6.141  1.00 47.16 ? 367 HOH B O   1 
HETATM 1275 O  O   . HOH C 3 .   ? 8.987   11.239  8.728   1.00 29.83 ? 368 HOH B O   1 
HETATM 1276 O  O   . HOH C 3 .   ? 10.218  -9.439  0.451   1.00 35.78 ? 369 HOH B O   1 
HETATM 1277 O  O   . HOH C 3 .   ? 14.872  0.083   16.256  1.00 21.68 ? 370 HOH B O   1 
HETATM 1278 O  O   . HOH C 3 .   ? 19.765  0.405   2.431   1.00 42.21 ? 371 HOH B O   1 
HETATM 1279 O  O   . HOH C 3 .   ? -2.426  -7.194  17.016  1.00 41.74 ? 372 HOH B O   1 
HETATM 1280 O  O   . HOH C 3 .   ? -9.930  13.151  -8.350  1.00 43.01 ? 373 HOH B O   1 
HETATM 1281 O  O   . HOH C 3 .   ? 4.938   7.669   -7.895  1.00 25.94 ? 374 HOH B O   1 
HETATM 1282 O  O   . HOH C 3 .   ? -2.171  7.853   14.928  1.00 35.72 ? 375 HOH B O   1 
HETATM 1283 O  O   . HOH C 3 .   ? -11.871 -3.950  7.625   1.00 48.55 ? 376 HOH B O   1 
HETATM 1284 O  O   . HOH C 3 .   ? 1.492   12.386  5.774   1.00 32.56 ? 377 HOH B O   1 
HETATM 1285 O  O   . HOH C 3 .   ? 17.233  -5.573  0.592   1.00 29.53 ? 378 HOH B O   1 
HETATM 1286 O  O   . HOH C 3 .   ? -22.263 5.513   -6.219  1.00 28.11 ? 379 HOH B O   1 
HETATM 1287 O  O   . HOH C 3 .   ? 1.661   12.550  -2.113  1.00 30.27 ? 380 HOH B O   1 
HETATM 1288 O  O   . HOH C 3 .   ? -12.479 5.005   -17.800 1.00 41.21 ? 381 HOH B O   1 
HETATM 1289 O  O   . HOH C 3 .   ? 2.204   -12.069 -1.838  1.00 34.58 ? 382 HOH B O   1 
HETATM 1290 O  O   . HOH C 3 .   ? -6.474  8.217   -9.614  1.00 43.74 ? 383 HOH B O   1 
HETATM 1291 O  O   . HOH C 3 .   ? -0.737  6.708   2.288   1.00 23.74 ? 384 HOH B O   1 
HETATM 1292 O  O   . HOH C 3 .   ? -17.309 10.116  2.786   1.00 49.33 ? 385 HOH B O   1 
HETATM 1293 O  O   . HOH C 3 .   ? 18.390  0.533   5.884   1.00 42.45 ? 386 HOH B O   1 
HETATM 1294 O  O   . HOH C 3 .   ? 14.680  -0.159  -4.645  1.00 43.90 ? 387 HOH B O   1 
HETATM 1295 O  O   . HOH C 3 .   ? 3.067   -6.614  7.793   1.00 32.02 ? 388 HOH B O   1 
HETATM 1296 O  O   . HOH C 3 .   ? 17.184  9.109   8.774   1.00 43.19 ? 389 HOH B O   1 
HETATM 1297 O  O   . HOH C 3 .   ? -14.810 0.049   2.306   1.00 31.52 ? 390 HOH B O   1 
HETATM 1298 O  O   . HOH C 3 .   ? 8.125   -10.462 2.186   1.00 24.73 ? 391 HOH B O   1 
HETATM 1299 O  O   . HOH C 3 .   ? -12.449 -4.646  0.650   1.00 24.59 ? 392 HOH B O   1 
HETATM 1300 O  O   . HOH C 3 .   ? -12.514 13.344  -9.162  1.00 58.48 ? 393 HOH B O   1 
HETATM 1301 O  O   . HOH C 3 .   ? 8.707   10.907  12.322  1.00 38.91 ? 394 HOH B O   1 
HETATM 1302 O  O   . HOH C 3 .   ? -1.110  -8.975  -19.380 1.00 24.53 ? 395 HOH B O   1 
HETATM 1303 O  O   . HOH C 3 .   ? 3.448   7.700   18.398  1.00 29.51 ? 396 HOH B O   1 
HETATM 1304 O  O   . HOH C 3 .   ? 3.983   9.844   15.818  1.00 43.63 ? 397 HOH B O   1 
HETATM 1305 O  O   . HOH C 3 .   ? 5.060   -11.298 20.503  1.00 38.08 ? 398 HOH B O   1 
HETATM 1306 O  O   . HOH C 3 .   ? -10.048 2.803   8.141   1.00 34.46 ? 399 HOH B O   1 
HETATM 1307 O  O   . HOH C 3 .   ? 4.589   4.016   -14.114 1.00 36.17 ? 400 HOH B O   1 
HETATM 1308 O  O   . HOH C 3 .   ? -4.654  -6.864  10.617  1.00 27.27 ? 401 HOH B O   1 
HETATM 1309 O  O   . HOH C 3 .   ? -10.233 0.718   -22.431 1.00 46.15 ? 402 HOH B O   1 
HETATM 1310 O  O   . HOH C 3 .   ? -10.759 6.668   -16.726 1.00 32.75 ? 403 HOH B O   1 
HETATM 1311 O  O   . HOH C 3 .   ? -10.163 -13.370 -9.796  1.00 40.71 ? 404 HOH B O   1 
HETATM 1312 O  O   . HOH C 3 .   ? -2.069  -9.497  -12.183 1.00 24.77 ? 405 HOH B O   1 
HETATM 1313 O  O   . HOH C 3 .   ? -3.712  -11.654 -12.193 1.00 32.43 ? 406 HOH B O   1 
HETATM 1314 O  O   . HOH C 3 .   ? -9.552  -6.585  10.924  1.00 42.66 ? 407 HOH B O   1 
HETATM 1315 O  O   . HOH C 3 .   ? 8.047   -12.127 -3.702  1.00 46.35 ? 408 HOH B O   1 
HETATM 1316 O  O   . HOH C 3 .   ? -6.430  -12.888 2.673   1.00 47.64 ? 409 HOH B O   1 
HETATM 1317 O  O   . HOH C 3 .   ? -14.420 11.503  -11.278 1.00 48.97 ? 410 HOH B O   1 
HETATM 1318 O  O   . HOH C 3 .   ? -13.472 2.110   -19.751 1.00 51.74 ? 411 HOH B O   1 
HETATM 1319 O  O   . HOH C 3 .   ? 7.687   -6.740  -14.166 1.00 48.05 ? 412 HOH B O   1 
HETATM 1320 O  O   . HOH C 3 .   ? 8.658   9.277   -3.569  1.00 38.99 ? 413 HOH B O   1 
HETATM 1321 O  O   . HOH C 3 .   ? 4.788   0.759   18.079  1.00 39.48 ? 414 HOH B O   1 
HETATM 1322 O  O   . HOH C 3 .   ? 5.947   -14.513 3.207   1.00 39.69 ? 415 HOH B O   1 
HETATM 1323 O  O   . HOH C 3 .   ? 18.036  -2.542  16.917  1.00 25.96 ? 416 HOH B O   1 
HETATM 1324 O  O   . HOH C 3 .   ? -13.164 -9.814  -0.055  1.00 57.01 ? 417 HOH B O   1 
HETATM 1325 O  O   . HOH C 3 .   ? 5.921   7.849   19.730  1.00 48.00 ? 418 HOH B O   1 
HETATM 1326 O  O   . HOH C 3 .   ? -9.595  -14.405 -7.231  1.00 33.97 ? 419 HOH B O   1 
HETATM 1327 O  O   . HOH C 3 .   ? 12.529  7.786   -1.459  1.00 38.01 ? 420 HOH B O   1 
HETATM 1328 O  O   . HOH C 3 .   ? 0.242   -10.955 -11.198 1.00 37.83 ? 421 HOH B O   1 
HETATM 1329 O  O   . HOH C 3 .   ? 10.371  7.104   -2.984  1.00 33.01 ? 422 HOH B O   1 
HETATM 1330 O  O   . HOH C 3 .   ? 18.428  1.872   14.713  1.00 26.01 ? 423 HOH B O   1 
HETATM 1331 O  O   . HOH C 3 .   ? -12.557 1.680   -22.710 1.00 52.14 ? 424 HOH B O   1 
HETATM 1332 O  O   . HOH C 3 .   ? 13.743  -9.907  5.013   1.00 50.33 ? 425 HOH B O   1 
HETATM 1333 O  O   . HOH C 3 .   ? 0.086   -12.782 -7.752  1.00 38.05 ? 426 HOH B O   1 
HETATM 1334 O  O   . HOH C 3 .   ? -17.373 8.190   -11.752 1.00 35.07 ? 427 HOH B O   1 
HETATM 1335 O  O   . HOH C 3 .   ? 12.793  6.129   -5.769  1.00 52.12 ? 428 HOH B O   1 
HETATM 1336 O  O   . HOH C 3 .   ? -5.144  -14.330 -16.456 1.00 43.82 ? 429 HOH B O   1 
HETATM 1337 O  O   . HOH C 3 .   ? 8.230   -11.750 4.660   1.00 42.00 ? 430 HOH B O   1 
HETATM 1338 O  O   . HOH C 3 .   ? -19.578 9.038   -10.023 0.50 38.06 ? 431 HOH B O   1 
# 
